data_2RAA
# 
_entry.id   2RAA 
# 
_audit_conform.dict_name       mmcif_pdbx.dic 
_audit_conform.dict_version    5.398 
_audit_conform.dict_location   http://mmcif.pdb.org/dictionaries/ascii/mmcif_pdbx.dic 
# 
loop_
_database_2.database_id 
_database_2.database_code 
_database_2.pdbx_database_accession 
_database_2.pdbx_DOI 
PDB   2RAA         pdb_00002raa 10.2210/pdb2raa/pdb 
RCSB  RCSB044621   ?            ?                   
WWPDB D_1000044621 ?            ?                   
# 
loop_
_pdbx_audit_revision_history.ordinal 
_pdbx_audit_revision_history.data_content_type 
_pdbx_audit_revision_history.major_revision 
_pdbx_audit_revision_history.minor_revision 
_pdbx_audit_revision_history.revision_date 
1 'Structure model' 1 0 2007-10-02 
2 'Structure model' 1 1 2011-07-13 
3 'Structure model' 1 2 2017-10-25 
4 'Structure model' 1 3 2019-07-24 
5 'Structure model' 1 4 2023-01-25 
6 'Structure model' 1 5 2024-10-30 
# 
_pdbx_audit_revision_details.ordinal             1 
_pdbx_audit_revision_details.revision_ordinal    1 
_pdbx_audit_revision_details.data_content_type   'Structure model' 
_pdbx_audit_revision_details.provider            repository 
_pdbx_audit_revision_details.type                'Initial release' 
_pdbx_audit_revision_details.description         ? 
_pdbx_audit_revision_details.details             ? 
# 
loop_
_pdbx_audit_revision_group.ordinal 
_pdbx_audit_revision_group.revision_ordinal 
_pdbx_audit_revision_group.data_content_type 
_pdbx_audit_revision_group.group 
1  2 'Structure model' Advisory                    
2  2 'Structure model' 'Version format compliance' 
3  3 'Structure model' 'Refinement description'    
4  4 'Structure model' 'Data collection'           
5  4 'Structure model' 'Derived calculations'      
6  4 'Structure model' 'Refinement description'    
7  5 'Structure model' 'Database references'       
8  5 'Structure model' 'Derived calculations'      
9  6 'Structure model' 'Data collection'           
10 6 'Structure model' 'Structure summary'         
# 
loop_
_pdbx_audit_revision_category.ordinal 
_pdbx_audit_revision_category.revision_ordinal 
_pdbx_audit_revision_category.data_content_type 
_pdbx_audit_revision_category.category 
1  3 'Structure model' software                  
2  4 'Structure model' software                  
3  4 'Structure model' struct_conn               
4  5 'Structure model' database_2                
5  5 'Structure model' struct_ref_seq_dif        
6  5 'Structure model' struct_site               
7  6 'Structure model' chem_comp_atom            
8  6 'Structure model' chem_comp_bond            
9  6 'Structure model' pdbx_entry_details        
10 6 'Structure model' pdbx_modification_feature 
# 
loop_
_pdbx_audit_revision_item.ordinal 
_pdbx_audit_revision_item.revision_ordinal 
_pdbx_audit_revision_item.data_content_type 
_pdbx_audit_revision_item.item 
1  3 'Structure model' '_software.classification'            
2  3 'Structure model' '_software.name'                      
3  4 'Structure model' '_software.classification'            
4  4 'Structure model' '_software.contact_author'            
5  4 'Structure model' '_software.contact_author_email'      
6  4 'Structure model' '_software.language'                  
7  4 'Structure model' '_software.location'                  
8  4 'Structure model' '_software.name'                      
9  4 'Structure model' '_software.type'                      
10 4 'Structure model' '_software.version'                   
11 4 'Structure model' '_struct_conn.pdbx_leaving_atom_flag' 
12 5 'Structure model' '_database_2.pdbx_DOI'                
13 5 'Structure model' '_database_2.pdbx_database_accession' 
14 5 'Structure model' '_struct_ref_seq_dif.details'         
15 5 'Structure model' '_struct_site.pdbx_auth_asym_id'      
16 5 'Structure model' '_struct_site.pdbx_auth_comp_id'      
17 5 'Structure model' '_struct_site.pdbx_auth_seq_id'       
# 
_pdbx_database_status.SG_entry                        Y 
_pdbx_database_status.entry_id                        2RAA 
_pdbx_database_status.deposit_site                    RCSB 
_pdbx_database_status.process_site                    RCSB 
_pdbx_database_status.recvd_initial_deposition_date   2007-09-14 
_pdbx_database_status.status_code                     REL 
_pdbx_database_status.status_code_sf                  REL 
_pdbx_database_status.status_code_mr                  ? 
_pdbx_database_status.pdb_format_compatible           Y 
_pdbx_database_status.status_code_cs                  ? 
_pdbx_database_status.methods_development_category    ? 
_pdbx_database_status.status_code_nmr_data            ? 
# 
_pdbx_database_related.db_name        TargetDB 
_pdbx_database_related.db_id          281896 
_pdbx_database_related.details        . 
_pdbx_database_related.content_type   unspecified 
# 
_audit_author.name           'Joint Center for Structural Genomics (JCSG)' 
_audit_author.pdbx_ordinal   1 
# 
_citation.id                        primary 
_citation.title                     
'Crystal structure of pyruvate oxidoreductase subunit PORC (EC 1.2.7.1) (TM0015) from Thermotoga maritima at 2.12 A resolution' 
_citation.journal_abbrev            'To be published' 
_citation.journal_volume            ? 
_citation.page_first                ? 
_citation.page_last                 ? 
_citation.year                      ? 
_citation.journal_id_ASTM           ? 
_citation.country                   ? 
_citation.journal_id_ISSN           ? 
_citation.journal_id_CSD            0353 
_citation.book_publisher            ? 
_citation.pdbx_database_id_PubMed   ? 
_citation.pdbx_database_id_DOI      ? 
# 
_citation_author.citation_id        primary 
_citation_author.name               'Joint Center for Structural Genomics (JCSG)' 
_citation_author.ordinal            1 
_citation_author.identifier_ORCID   ? 
# 
loop_
_entity.id 
_entity.type 
_entity.src_method 
_entity.pdbx_description 
_entity.formula_weight 
_entity.pdbx_number_of_molecules 
_entity.pdbx_ec 
_entity.pdbx_mutation 
_entity.pdbx_fragment 
_entity.details 
1 polymer     man 'Pyruvate synthase subunit porC' 23042.654 1  1.2.7.1 ? ? ? 
2 non-polymer syn 'SULFATE ION'                    96.063    2  ?       ? ? ? 
3 water       nat water                            18.015    27 ?       ? ? ? 
# 
_entity_name_com.entity_id   1 
_entity_name_com.name        'Pyruvate oxidoreductase gamma chain, POR, Pyruvic-ferredoxin oxidoreductase subunit gamma' 
# 
_entity_poly.entity_id                      1 
_entity_poly.type                           'polypeptide(L)' 
_entity_poly.nstd_linkage                   no 
_entity_poly.nstd_monomer                   yes 
_entity_poly.pdbx_seq_one_letter_code       
;(MSE)GSDKIHHHHHH(MSE)PVAKKYFEIRWHGRAGQGAKSASQ(MSE)LAEAALEAGKYVQAFPEYGAERTGAP
(MSE)RAFNRIGDEYIRVRSAVENPDVVVVIDETLLSPAIVEGLSEDGILLVNTVKDFEFVRKKTGFNGKICVVDATDIA
LQEIKRGIPNTP(MSE)LGALVRVTGIVPLEAIEKRIEK(MSE)FGKKFPQEVIDANKRALRRGYEEVKCSE
;
_entity_poly.pdbx_seq_one_letter_code_can   
;MGSDKIHHHHHHMPVAKKYFEIRWHGRAGQGAKSASQMLAEAALEAGKYVQAFPEYGAERTGAPMRAFNRIGDEYIRVRS
AVENPDVVVVIDETLLSPAIVEGLSEDGILLVNTVKDFEFVRKKTGFNGKICVVDATDIALQEIKRGIPNTPMLGALVRV
TGIVPLEAIEKRIEKMFGKKFPQEVIDANKRALRRGYEEVKCSE
;
_entity_poly.pdbx_strand_id                 A 
_entity_poly.pdbx_target_identifier         281896 
# 
loop_
_pdbx_entity_nonpoly.entity_id 
_pdbx_entity_nonpoly.name 
_pdbx_entity_nonpoly.comp_id 
2 'SULFATE ION' SO4 
3 water         HOH 
# 
loop_
_entity_poly_seq.entity_id 
_entity_poly_seq.num 
_entity_poly_seq.mon_id 
_entity_poly_seq.hetero 
1 1   MSE n 
1 2   GLY n 
1 3   SER n 
1 4   ASP n 
1 5   LYS n 
1 6   ILE n 
1 7   HIS n 
1 8   HIS n 
1 9   HIS n 
1 10  HIS n 
1 11  HIS n 
1 12  HIS n 
1 13  MSE n 
1 14  PRO n 
1 15  VAL n 
1 16  ALA n 
1 17  LYS n 
1 18  LYS n 
1 19  TYR n 
1 20  PHE n 
1 21  GLU n 
1 22  ILE n 
1 23  ARG n 
1 24  TRP n 
1 25  HIS n 
1 26  GLY n 
1 27  ARG n 
1 28  ALA n 
1 29  GLY n 
1 30  GLN n 
1 31  GLY n 
1 32  ALA n 
1 33  LYS n 
1 34  SER n 
1 35  ALA n 
1 36  SER n 
1 37  GLN n 
1 38  MSE n 
1 39  LEU n 
1 40  ALA n 
1 41  GLU n 
1 42  ALA n 
1 43  ALA n 
1 44  LEU n 
1 45  GLU n 
1 46  ALA n 
1 47  GLY n 
1 48  LYS n 
1 49  TYR n 
1 50  VAL n 
1 51  GLN n 
1 52  ALA n 
1 53  PHE n 
1 54  PRO n 
1 55  GLU n 
1 56  TYR n 
1 57  GLY n 
1 58  ALA n 
1 59  GLU n 
1 60  ARG n 
1 61  THR n 
1 62  GLY n 
1 63  ALA n 
1 64  PRO n 
1 65  MSE n 
1 66  ARG n 
1 67  ALA n 
1 68  PHE n 
1 69  ASN n 
1 70  ARG n 
1 71  ILE n 
1 72  GLY n 
1 73  ASP n 
1 74  GLU n 
1 75  TYR n 
1 76  ILE n 
1 77  ARG n 
1 78  VAL n 
1 79  ARG n 
1 80  SER n 
1 81  ALA n 
1 82  VAL n 
1 83  GLU n 
1 84  ASN n 
1 85  PRO n 
1 86  ASP n 
1 87  VAL n 
1 88  VAL n 
1 89  VAL n 
1 90  VAL n 
1 91  ILE n 
1 92  ASP n 
1 93  GLU n 
1 94  THR n 
1 95  LEU n 
1 96  LEU n 
1 97  SER n 
1 98  PRO n 
1 99  ALA n 
1 100 ILE n 
1 101 VAL n 
1 102 GLU n 
1 103 GLY n 
1 104 LEU n 
1 105 SER n 
1 106 GLU n 
1 107 ASP n 
1 108 GLY n 
1 109 ILE n 
1 110 LEU n 
1 111 LEU n 
1 112 VAL n 
1 113 ASN n 
1 114 THR n 
1 115 VAL n 
1 116 LYS n 
1 117 ASP n 
1 118 PHE n 
1 119 GLU n 
1 120 PHE n 
1 121 VAL n 
1 122 ARG n 
1 123 LYS n 
1 124 LYS n 
1 125 THR n 
1 126 GLY n 
1 127 PHE n 
1 128 ASN n 
1 129 GLY n 
1 130 LYS n 
1 131 ILE n 
1 132 CYS n 
1 133 VAL n 
1 134 VAL n 
1 135 ASP n 
1 136 ALA n 
1 137 THR n 
1 138 ASP n 
1 139 ILE n 
1 140 ALA n 
1 141 LEU n 
1 142 GLN n 
1 143 GLU n 
1 144 ILE n 
1 145 LYS n 
1 146 ARG n 
1 147 GLY n 
1 148 ILE n 
1 149 PRO n 
1 150 ASN n 
1 151 THR n 
1 152 PRO n 
1 153 MSE n 
1 154 LEU n 
1 155 GLY n 
1 156 ALA n 
1 157 LEU n 
1 158 VAL n 
1 159 ARG n 
1 160 VAL n 
1 161 THR n 
1 162 GLY n 
1 163 ILE n 
1 164 VAL n 
1 165 PRO n 
1 166 LEU n 
1 167 GLU n 
1 168 ALA n 
1 169 ILE n 
1 170 GLU n 
1 171 LYS n 
1 172 ARG n 
1 173 ILE n 
1 174 GLU n 
1 175 LYS n 
1 176 MSE n 
1 177 PHE n 
1 178 GLY n 
1 179 LYS n 
1 180 LYS n 
1 181 PHE n 
1 182 PRO n 
1 183 GLN n 
1 184 GLU n 
1 185 VAL n 
1 186 ILE n 
1 187 ASP n 
1 188 ALA n 
1 189 ASN n 
1 190 LYS n 
1 191 ARG n 
1 192 ALA n 
1 193 LEU n 
1 194 ARG n 
1 195 ARG n 
1 196 GLY n 
1 197 TYR n 
1 198 GLU n 
1 199 GLU n 
1 200 VAL n 
1 201 LYS n 
1 202 CYS n 
1 203 SER n 
1 204 GLU n 
# 
_entity_src_gen.entity_id                          1 
_entity_src_gen.pdbx_src_id                        1 
_entity_src_gen.pdbx_alt_source_flag               sample 
_entity_src_gen.pdbx_seq_type                      ? 
_entity_src_gen.pdbx_beg_seq_num                   ? 
_entity_src_gen.pdbx_end_seq_num                   ? 
_entity_src_gen.gene_src_common_name               ? 
_entity_src_gen.gene_src_genus                     Thermotoga 
_entity_src_gen.pdbx_gene_src_gene                 'TM0015, porC, porG' 
_entity_src_gen.gene_src_species                   'Thermotoga maritima' 
_entity_src_gen.gene_src_strain                    'MSB8, DSM 3109, JCM 10099' 
_entity_src_gen.gene_src_tissue                    ? 
_entity_src_gen.gene_src_tissue_fraction           ? 
_entity_src_gen.gene_src_details                   ? 
_entity_src_gen.pdbx_gene_src_fragment             ? 
_entity_src_gen.pdbx_gene_src_scientific_name      'Thermotoga maritima MSB8' 
_entity_src_gen.pdbx_gene_src_ncbi_taxonomy_id     243274 
_entity_src_gen.pdbx_gene_src_variant              ? 
_entity_src_gen.pdbx_gene_src_cell_line            ? 
_entity_src_gen.pdbx_gene_src_atcc                 43589 
_entity_src_gen.pdbx_gene_src_organ                ? 
_entity_src_gen.pdbx_gene_src_organelle            ? 
_entity_src_gen.pdbx_gene_src_cell                 ? 
_entity_src_gen.pdbx_gene_src_cellular_location    ? 
_entity_src_gen.host_org_common_name               ? 
_entity_src_gen.pdbx_host_org_scientific_name      'Escherichia coli' 
_entity_src_gen.pdbx_host_org_ncbi_taxonomy_id     562 
_entity_src_gen.host_org_genus                     Escherichia 
_entity_src_gen.pdbx_host_org_gene                 ? 
_entity_src_gen.pdbx_host_org_organ                ? 
_entity_src_gen.host_org_species                   ? 
_entity_src_gen.pdbx_host_org_tissue               ? 
_entity_src_gen.pdbx_host_org_tissue_fraction      ? 
_entity_src_gen.pdbx_host_org_strain               HK100 
_entity_src_gen.pdbx_host_org_variant              ? 
_entity_src_gen.pdbx_host_org_cell_line            ? 
_entity_src_gen.pdbx_host_org_atcc                 ? 
_entity_src_gen.pdbx_host_org_culture_collection   ? 
_entity_src_gen.pdbx_host_org_cell                 ? 
_entity_src_gen.pdbx_host_org_organelle            ? 
_entity_src_gen.pdbx_host_org_cellular_location    ? 
_entity_src_gen.pdbx_host_org_vector_type          Plasmid 
_entity_src_gen.pdbx_host_org_vector               ? 
_entity_src_gen.host_org_details                   ? 
_entity_src_gen.expression_system_id               ? 
_entity_src_gen.plasmid_name                       speedET 
_entity_src_gen.plasmid_details                    ? 
_entity_src_gen.pdbx_description                   ? 
# 
loop_
_chem_comp.id 
_chem_comp.type 
_chem_comp.mon_nstd_flag 
_chem_comp.name 
_chem_comp.pdbx_synonyms 
_chem_comp.formula 
_chem_comp.formula_weight 
ALA 'L-peptide linking' y ALANINE          ? 'C3 H7 N O2'     89.093  
ARG 'L-peptide linking' y ARGININE         ? 'C6 H15 N4 O2 1' 175.209 
ASN 'L-peptide linking' y ASPARAGINE       ? 'C4 H8 N2 O3'    132.118 
ASP 'L-peptide linking' y 'ASPARTIC ACID'  ? 'C4 H7 N O4'     133.103 
CYS 'L-peptide linking' y CYSTEINE         ? 'C3 H7 N O2 S'   121.158 
GLN 'L-peptide linking' y GLUTAMINE        ? 'C5 H10 N2 O3'   146.144 
GLU 'L-peptide linking' y 'GLUTAMIC ACID'  ? 'C5 H9 N O4'     147.129 
GLY 'peptide linking'   y GLYCINE          ? 'C2 H5 N O2'     75.067  
HIS 'L-peptide linking' y HISTIDINE        ? 'C6 H10 N3 O2 1' 156.162 
HOH non-polymer         . WATER            ? 'H2 O'           18.015  
ILE 'L-peptide linking' y ISOLEUCINE       ? 'C6 H13 N O2'    131.173 
LEU 'L-peptide linking' y LEUCINE          ? 'C6 H13 N O2'    131.173 
LYS 'L-peptide linking' y LYSINE           ? 'C6 H15 N2 O2 1' 147.195 
MSE 'L-peptide linking' n SELENOMETHIONINE ? 'C5 H11 N O2 Se' 196.106 
PHE 'L-peptide linking' y PHENYLALANINE    ? 'C9 H11 N O2'    165.189 
PRO 'L-peptide linking' y PROLINE          ? 'C5 H9 N O2'     115.130 
SER 'L-peptide linking' y SERINE           ? 'C3 H7 N O3'     105.093 
SO4 non-polymer         . 'SULFATE ION'    ? 'O4 S -2'        96.063  
THR 'L-peptide linking' y THREONINE        ? 'C4 H9 N O3'     119.119 
TRP 'L-peptide linking' y TRYPTOPHAN       ? 'C11 H12 N2 O2'  204.225 
TYR 'L-peptide linking' y TYROSINE         ? 'C9 H11 N O3'    181.189 
VAL 'L-peptide linking' y VALINE           ? 'C5 H11 N O2'    117.146 
# 
loop_
_pdbx_poly_seq_scheme.asym_id 
_pdbx_poly_seq_scheme.entity_id 
_pdbx_poly_seq_scheme.seq_id 
_pdbx_poly_seq_scheme.mon_id 
_pdbx_poly_seq_scheme.ndb_seq_num 
_pdbx_poly_seq_scheme.pdb_seq_num 
_pdbx_poly_seq_scheme.auth_seq_num 
_pdbx_poly_seq_scheme.pdb_mon_id 
_pdbx_poly_seq_scheme.auth_mon_id 
_pdbx_poly_seq_scheme.pdb_strand_id 
_pdbx_poly_seq_scheme.pdb_ins_code 
_pdbx_poly_seq_scheme.hetero 
A 1 1   MSE 1   -11 ?   ?   ?   A . n 
A 1 2   GLY 2   -10 ?   ?   ?   A . n 
A 1 3   SER 3   -9  ?   ?   ?   A . n 
A 1 4   ASP 4   -8  ?   ?   ?   A . n 
A 1 5   LYS 5   -7  ?   ?   ?   A . n 
A 1 6   ILE 6   -6  ?   ?   ?   A . n 
A 1 7   HIS 7   -5  ?   ?   ?   A . n 
A 1 8   HIS 8   -4  ?   ?   ?   A . n 
A 1 9   HIS 9   -3  ?   ?   ?   A . n 
A 1 10  HIS 10  -2  ?   ?   ?   A . n 
A 1 11  HIS 11  -1  ?   ?   ?   A . n 
A 1 12  HIS 12  0   ?   ?   ?   A . n 
A 1 13  MSE 13  1   ?   ?   ?   A . n 
A 1 14  PRO 14  2   ?   ?   ?   A . n 
A 1 15  VAL 15  3   ?   ?   ?   A . n 
A 1 16  ALA 16  4   ?   ?   ?   A . n 
A 1 17  LYS 17  5   5   LYS LYS A . n 
A 1 18  LYS 18  6   6   LYS LYS A . n 
A 1 19  TYR 19  7   7   TYR TYR A . n 
A 1 20  PHE 20  8   8   PHE PHE A . n 
A 1 21  GLU 21  9   9   GLU GLU A . n 
A 1 22  ILE 22  10  10  ILE ILE A . n 
A 1 23  ARG 23  11  11  ARG ARG A . n 
A 1 24  TRP 24  12  12  TRP TRP A . n 
A 1 25  HIS 25  13  13  HIS HIS A . n 
A 1 26  GLY 26  14  14  GLY GLY A . n 
A 1 27  ARG 27  15  15  ARG ARG A . n 
A 1 28  ALA 28  16  16  ALA ALA A . n 
A 1 29  GLY 29  17  17  GLY GLY A . n 
A 1 30  GLN 30  18  18  GLN GLN A . n 
A 1 31  GLY 31  19  19  GLY GLY A . n 
A 1 32  ALA 32  20  20  ALA ALA A . n 
A 1 33  LYS 33  21  21  LYS LYS A . n 
A 1 34  SER 34  22  22  SER SER A . n 
A 1 35  ALA 35  23  23  ALA ALA A . n 
A 1 36  SER 36  24  24  SER SER A . n 
A 1 37  GLN 37  25  25  GLN GLN A . n 
A 1 38  MSE 38  26  26  MSE MSE A . n 
A 1 39  LEU 39  27  27  LEU LEU A . n 
A 1 40  ALA 40  28  28  ALA ALA A . n 
A 1 41  GLU 41  29  29  GLU GLU A . n 
A 1 42  ALA 42  30  30  ALA ALA A . n 
A 1 43  ALA 43  31  31  ALA ALA A . n 
A 1 44  LEU 44  32  32  LEU LEU A . n 
A 1 45  GLU 45  33  33  GLU GLU A . n 
A 1 46  ALA 46  34  34  ALA ALA A . n 
A 1 47  GLY 47  35  35  GLY GLY A . n 
A 1 48  LYS 48  36  36  LYS LYS A . n 
A 1 49  TYR 49  37  37  TYR TYR A . n 
A 1 50  VAL 50  38  38  VAL VAL A . n 
A 1 51  GLN 51  39  39  GLN GLN A . n 
A 1 52  ALA 52  40  40  ALA ALA A . n 
A 1 53  PHE 53  41  41  PHE PHE A . n 
A 1 54  PRO 54  42  42  PRO PRO A . n 
A 1 55  GLU 55  43  43  GLU GLU A . n 
A 1 56  TYR 56  44  44  TYR TYR A . n 
A 1 57  GLY 57  45  45  GLY GLY A . n 
A 1 58  ALA 58  46  46  ALA ALA A . n 
A 1 59  GLU 59  47  ?   ?   ?   A . n 
A 1 60  ARG 60  48  48  ARG ARG A . n 
A 1 61  THR 61  49  49  THR THR A . n 
A 1 62  GLY 62  50  50  GLY GLY A . n 
A 1 63  ALA 63  51  51  ALA ALA A . n 
A 1 64  PRO 64  52  52  PRO PRO A . n 
A 1 65  MSE 65  53  53  MSE MSE A . n 
A 1 66  ARG 66  54  54  ARG ARG A . n 
A 1 67  ALA 67  55  55  ALA ALA A . n 
A 1 68  PHE 68  56  56  PHE PHE A . n 
A 1 69  ASN 69  57  57  ASN ASN A . n 
A 1 70  ARG 70  58  58  ARG ARG A . n 
A 1 71  ILE 71  59  59  ILE ILE A . n 
A 1 72  GLY 72  60  60  GLY GLY A . n 
A 1 73  ASP 73  61  61  ASP ASP A . n 
A 1 74  GLU 74  62  62  GLU GLU A . n 
A 1 75  TYR 75  63  ?   ?   ?   A . n 
A 1 76  ILE 76  64  ?   ?   ?   A . n 
A 1 77  ARG 77  65  ?   ?   ?   A . n 
A 1 78  VAL 78  66  ?   ?   ?   A . n 
A 1 79  ARG 79  67  ?   ?   ?   A . n 
A 1 80  SER 80  68  ?   ?   ?   A . n 
A 1 81  ALA 81  69  69  ALA ALA A . n 
A 1 82  VAL 82  70  70  VAL VAL A . n 
A 1 83  GLU 83  71  71  GLU GLU A . n 
A 1 84  ASN 84  72  72  ASN ASN A . n 
A 1 85  PRO 85  73  73  PRO PRO A . n 
A 1 86  ASP 86  74  74  ASP ASP A . n 
A 1 87  VAL 87  75  75  VAL VAL A . n 
A 1 88  VAL 88  76  76  VAL VAL A . n 
A 1 89  VAL 89  77  77  VAL VAL A . n 
A 1 90  VAL 90  78  78  VAL VAL A . n 
A 1 91  ILE 91  79  79  ILE ILE A . n 
A 1 92  ASP 92  80  80  ASP ASP A . n 
A 1 93  GLU 93  81  81  GLU GLU A . n 
A 1 94  THR 94  82  82  THR THR A . n 
A 1 95  LEU 95  83  83  LEU LEU A . n 
A 1 96  LEU 96  84  84  LEU LEU A . n 
A 1 97  SER 97  85  85  SER SER A . n 
A 1 98  PRO 98  86  86  PRO PRO A . n 
A 1 99  ALA 99  87  87  ALA ALA A . n 
A 1 100 ILE 100 88  88  ILE ILE A . n 
A 1 101 VAL 101 89  89  VAL VAL A . n 
A 1 102 GLU 102 90  90  GLU GLU A . n 
A 1 103 GLY 103 91  91  GLY GLY A . n 
A 1 104 LEU 104 92  92  LEU LEU A . n 
A 1 105 SER 105 93  93  SER SER A . n 
A 1 106 GLU 106 94  94  GLU GLU A . n 
A 1 107 ASP 107 95  95  ASP ASP A . n 
A 1 108 GLY 108 96  96  GLY GLY A . n 
A 1 109 ILE 109 97  97  ILE ILE A . n 
A 1 110 LEU 110 98  98  LEU LEU A . n 
A 1 111 LEU 111 99  99  LEU LEU A . n 
A 1 112 VAL 112 100 100 VAL VAL A . n 
A 1 113 ASN 113 101 101 ASN ASN A . n 
A 1 114 THR 114 102 102 THR THR A . n 
A 1 115 VAL 115 103 103 VAL VAL A . n 
A 1 116 LYS 116 104 104 LYS LYS A . n 
A 1 117 ASP 117 105 105 ASP ASP A . n 
A 1 118 PHE 118 106 106 PHE PHE A . n 
A 1 119 GLU 119 107 107 GLU GLU A . n 
A 1 120 PHE 120 108 108 PHE PHE A . n 
A 1 121 VAL 121 109 109 VAL VAL A . n 
A 1 122 ARG 122 110 110 ARG ARG A . n 
A 1 123 LYS 123 111 111 LYS LYS A . n 
A 1 124 LYS 124 112 112 LYS LYS A . n 
A 1 125 THR 125 113 113 THR THR A . n 
A 1 126 GLY 126 114 114 GLY GLY A . n 
A 1 127 PHE 127 115 115 PHE PHE A . n 
A 1 128 ASN 128 116 116 ASN ASN A . n 
A 1 129 GLY 129 117 117 GLY GLY A . n 
A 1 130 LYS 130 118 118 LYS LYS A . n 
A 1 131 ILE 131 119 119 ILE ILE A . n 
A 1 132 CYS 132 120 120 CYS CYS A . n 
A 1 133 VAL 133 121 121 VAL VAL A . n 
A 1 134 VAL 134 122 122 VAL VAL A . n 
A 1 135 ASP 135 123 123 ASP ASP A . n 
A 1 136 ALA 136 124 124 ALA ALA A . n 
A 1 137 THR 137 125 125 THR THR A . n 
A 1 138 ASP 138 126 126 ASP ASP A . n 
A 1 139 ILE 139 127 127 ILE ILE A . n 
A 1 140 ALA 140 128 128 ALA ALA A . n 
A 1 141 LEU 141 129 129 LEU LEU A . n 
A 1 142 GLN 142 130 130 GLN GLN A . n 
A 1 143 GLU 143 131 131 GLU GLU A . n 
A 1 144 ILE 144 132 132 ILE ILE A . n 
A 1 145 LYS 145 133 133 LYS LYS A . n 
A 1 146 ARG 146 134 134 ARG ARG A . n 
A 1 147 GLY 147 135 135 GLY GLY A . n 
A 1 148 ILE 148 136 136 ILE ILE A . n 
A 1 149 PRO 149 137 137 PRO PRO A . n 
A 1 150 ASN 150 138 138 ASN ASN A . n 
A 1 151 THR 151 139 139 THR THR A . n 
A 1 152 PRO 152 140 140 PRO PRO A . n 
A 1 153 MSE 153 141 141 MSE MSE A . n 
A 1 154 LEU 154 142 142 LEU LEU A . n 
A 1 155 GLY 155 143 143 GLY GLY A . n 
A 1 156 ALA 156 144 144 ALA ALA A . n 
A 1 157 LEU 157 145 145 LEU LEU A . n 
A 1 158 VAL 158 146 146 VAL VAL A . n 
A 1 159 ARG 159 147 147 ARG ARG A . n 
A 1 160 VAL 160 148 148 VAL VAL A . n 
A 1 161 THR 161 149 149 THR THR A . n 
A 1 162 GLY 162 150 150 GLY GLY A . n 
A 1 163 ILE 163 151 151 ILE ILE A . n 
A 1 164 VAL 164 152 152 VAL VAL A . n 
A 1 165 PRO 165 153 153 PRO PRO A . n 
A 1 166 LEU 166 154 154 LEU LEU A . n 
A 1 167 GLU 167 155 155 GLU GLU A . n 
A 1 168 ALA 168 156 156 ALA ALA A . n 
A 1 169 ILE 169 157 157 ILE ILE A . n 
A 1 170 GLU 170 158 158 GLU GLU A . n 
A 1 171 LYS 171 159 159 LYS LYS A . n 
A 1 172 ARG 172 160 160 ARG ARG A . n 
A 1 173 ILE 173 161 161 ILE ILE A . n 
A 1 174 GLU 174 162 162 GLU GLU A . n 
A 1 175 LYS 175 163 163 LYS LYS A . n 
A 1 176 MSE 176 164 164 MSE MSE A . n 
A 1 177 PHE 177 165 165 PHE PHE A . n 
A 1 178 GLY 178 166 ?   ?   ?   A . n 
A 1 179 LYS 179 167 ?   ?   ?   A . n 
A 1 180 LYS 180 168 ?   ?   ?   A . n 
A 1 181 PHE 181 169 169 PHE PHE A . n 
A 1 182 PRO 182 170 170 PRO PRO A . n 
A 1 183 GLN 183 171 171 GLN GLN A . n 
A 1 184 GLU 184 172 172 GLU GLU A . n 
A 1 185 VAL 185 173 173 VAL VAL A . n 
A 1 186 ILE 186 174 174 ILE ILE A . n 
A 1 187 ASP 187 175 175 ASP ASP A . n 
A 1 188 ALA 188 176 176 ALA ALA A . n 
A 1 189 ASN 189 177 177 ASN ASN A . n 
A 1 190 LYS 190 178 178 LYS LYS A . n 
A 1 191 ARG 191 179 179 ARG ARG A . n 
A 1 192 ALA 192 180 180 ALA ALA A . n 
A 1 193 LEU 193 181 181 LEU LEU A . n 
A 1 194 ARG 194 182 182 ARG ARG A . n 
A 1 195 ARG 195 183 183 ARG ARG A . n 
A 1 196 GLY 196 184 184 GLY GLY A . n 
A 1 197 TYR 197 185 185 TYR TYR A . n 
A 1 198 GLU 198 186 186 GLU GLU A . n 
A 1 199 GLU 199 187 187 GLU GLU A . n 
A 1 200 VAL 200 188 188 VAL VAL A . n 
A 1 201 LYS 201 189 189 LYS LYS A . n 
A 1 202 CYS 202 190 190 CYS CYS A . n 
A 1 203 SER 203 191 191 SER SER A . n 
A 1 204 GLU 204 192 192 GLU GLU A . n 
# 
loop_
_pdbx_nonpoly_scheme.asym_id 
_pdbx_nonpoly_scheme.entity_id 
_pdbx_nonpoly_scheme.mon_id 
_pdbx_nonpoly_scheme.ndb_seq_num 
_pdbx_nonpoly_scheme.pdb_seq_num 
_pdbx_nonpoly_scheme.auth_seq_num 
_pdbx_nonpoly_scheme.pdb_mon_id 
_pdbx_nonpoly_scheme.auth_mon_id 
_pdbx_nonpoly_scheme.pdb_strand_id 
_pdbx_nonpoly_scheme.pdb_ins_code 
B 2 SO4 1  193 1  SO4 SO4 A . 
C 2 SO4 1  194 2  SO4 SO4 A . 
D 3 HOH 1  195 3  HOH HOH A . 
D 3 HOH 2  196 4  HOH HOH A . 
D 3 HOH 3  197 5  HOH HOH A . 
D 3 HOH 4  198 6  HOH HOH A . 
D 3 HOH 5  199 7  HOH HOH A . 
D 3 HOH 6  200 8  HOH HOH A . 
D 3 HOH 7  201 9  HOH HOH A . 
D 3 HOH 8  202 10 HOH HOH A . 
D 3 HOH 9  203 11 HOH HOH A . 
D 3 HOH 10 204 12 HOH HOH A . 
D 3 HOH 11 205 13 HOH HOH A . 
D 3 HOH 12 206 14 HOH HOH A . 
D 3 HOH 13 207 15 HOH HOH A . 
D 3 HOH 14 208 16 HOH HOH A . 
D 3 HOH 15 209 17 HOH HOH A . 
D 3 HOH 16 210 18 HOH HOH A . 
D 3 HOH 17 211 19 HOH HOH A . 
D 3 HOH 18 212 20 HOH HOH A . 
D 3 HOH 19 213 21 HOH HOH A . 
D 3 HOH 20 214 22 HOH HOH A . 
D 3 HOH 21 215 23 HOH HOH A . 
D 3 HOH 22 216 24 HOH HOH A . 
D 3 HOH 23 217 25 HOH HOH A . 
D 3 HOH 24 218 26 HOH HOH A . 
D 3 HOH 25 219 27 HOH HOH A . 
D 3 HOH 26 220 28 HOH HOH A . 
D 3 HOH 27 221 29 HOH HOH A . 
# 
loop_
_pdbx_unobs_or_zero_occ_atoms.id 
_pdbx_unobs_or_zero_occ_atoms.PDB_model_num 
_pdbx_unobs_or_zero_occ_atoms.polymer_flag 
_pdbx_unobs_or_zero_occ_atoms.occupancy_flag 
_pdbx_unobs_or_zero_occ_atoms.auth_asym_id 
_pdbx_unobs_or_zero_occ_atoms.auth_comp_id 
_pdbx_unobs_or_zero_occ_atoms.auth_seq_id 
_pdbx_unobs_or_zero_occ_atoms.PDB_ins_code 
_pdbx_unobs_or_zero_occ_atoms.auth_atom_id 
_pdbx_unobs_or_zero_occ_atoms.label_alt_id 
_pdbx_unobs_or_zero_occ_atoms.label_asym_id 
_pdbx_unobs_or_zero_occ_atoms.label_comp_id 
_pdbx_unobs_or_zero_occ_atoms.label_seq_id 
_pdbx_unobs_or_zero_occ_atoms.label_atom_id 
1  1 Y 1 A LYS 5   ? CG  ? A LYS 17  CG  
2  1 Y 1 A LYS 5   ? CD  ? A LYS 17  CD  
3  1 Y 1 A LYS 5   ? CE  ? A LYS 17  CE  
4  1 Y 1 A LYS 5   ? NZ  ? A LYS 17  NZ  
5  1 Y 1 A LYS 6   ? CG  ? A LYS 18  CG  
6  1 Y 1 A LYS 6   ? CD  ? A LYS 18  CD  
7  1 Y 1 A LYS 6   ? CE  ? A LYS 18  CE  
8  1 Y 1 A LYS 6   ? NZ  ? A LYS 18  NZ  
9  1 Y 1 A LYS 21  ? CE  ? A LYS 33  CE  
10 1 Y 1 A LYS 21  ? NZ  ? A LYS 33  NZ  
11 1 Y 1 A LYS 36  ? CE  ? A LYS 48  CE  
12 1 Y 1 A LYS 36  ? NZ  ? A LYS 48  NZ  
13 1 Y 1 A ARG 48  ? CG  ? A ARG 60  CG  
14 1 Y 1 A ARG 48  ? CD  ? A ARG 60  CD  
15 1 Y 1 A ARG 48  ? NE  ? A ARG 60  NE  
16 1 Y 1 A ARG 48  ? CZ  ? A ARG 60  CZ  
17 1 Y 1 A ARG 48  ? NH1 ? A ARG 60  NH1 
18 1 Y 1 A ARG 48  ? NH2 ? A ARG 60  NH2 
19 1 Y 1 A VAL 70  ? CG1 ? A VAL 82  CG1 
20 1 Y 1 A VAL 70  ? CG2 ? A VAL 82  CG2 
21 1 Y 1 A LYS 111 ? CD  ? A LYS 123 CD  
22 1 Y 1 A LYS 111 ? CE  ? A LYS 123 CE  
23 1 Y 1 A LYS 111 ? NZ  ? A LYS 123 NZ  
24 1 Y 1 A GLU 155 ? CD  ? A GLU 167 CD  
25 1 Y 1 A GLU 155 ? OE1 ? A GLU 167 OE1 
26 1 Y 1 A GLU 155 ? OE2 ? A GLU 167 OE2 
27 1 Y 1 A LYS 159 ? CD  ? A LYS 171 CD  
28 1 Y 1 A LYS 159 ? CE  ? A LYS 171 CE  
29 1 Y 1 A LYS 159 ? NZ  ? A LYS 171 NZ  
30 1 Y 1 A LYS 163 ? CD  ? A LYS 175 CD  
31 1 Y 1 A LYS 163 ? CE  ? A LYS 175 CE  
32 1 Y 1 A LYS 163 ? NZ  ? A LYS 175 NZ  
# 
loop_
_software.name 
_software.version 
_software.date 
_software.type 
_software.contact_author 
_software.contact_author_email 
_software.classification 
_software.location 
_software.language 
_software.citation_id 
_software.pdbx_ordinal 
REFMAC      5.2.0019 ?              program 'Murshudov, G.N.'            ccp4@dl.ac.uk                        refinement        
http://www.ccp4.ac.uk/main.html                                    Fortran_77 ? 1  
PHENIX      .        ?              package 'P.D. Adams'                 PDAdams@lbl.gov                      refinement        
http://www.phenix-online.org/                                      C++        ? 2  
SHELX       .        ?              package 'George Sheldrick'           gsheldr@shelx.uni-ac.gwdg.de         phasing           
http://shelx.uni-ac.gwdg.de/SHELX/                                 Fortran_77 ? 3  
MolProbity  3beta29  ?              package 'D.C. & J.S. Richardson lab' molprobity@kinemage.biochem.duke.edu 'model building'  
http://kinemage.biochem.duke.edu/molprobity/                       ?          ? 4  
XSCALE      .        ?              package 'Wolfgang Kabsch'            ?                                    'data scaling'    
http://www.mpimf-heidelberg.mpg.de/~kabsch/xds/xscale_program.html ?          ? 5  
PDB_EXTRACT 3.000    'July 2, 2007' package PDB                          sw-help@rcsb.rutgers.edu             'data extraction' 
http://pdb.rutgers.edu/software/                                   C++        ? 6  
ADSC        Quantum  ?              ?       ?                            ?                                    'data collection' ? 
?          ? 7  
XDS         .        ?              ?       ?                            ?                                    'data reduction'  ? 
?          ? 8  
SHELXD      .        ?              ?       ?                            ?                                    phasing           ? 
?          ? 9  
autoSHARP   .        ?              ?       ?                            ?                                    phasing           ? 
?          ? 10 
# 
_cell.entry_id           2RAA 
_cell.length_a           57.252 
_cell.length_b           57.252 
_cell.length_c           147.151 
_cell.angle_alpha        90.000 
_cell.angle_beta         90.000 
_cell.angle_gamma        90.000 
_cell.pdbx_unique_axis   ? 
_cell.Z_PDB              8 
_cell.length_a_esd       ? 
_cell.length_b_esd       ? 
_cell.length_c_esd       ? 
_cell.angle_alpha_esd    ? 
_cell.angle_beta_esd     ? 
_cell.angle_gamma_esd    ? 
# 
_symmetry.entry_id                         2RAA 
_symmetry.Int_Tables_number                92 
_symmetry.space_group_name_H-M             'P 41 21 2' 
_symmetry.pdbx_full_space_group_name_H-M   ? 
_symmetry.cell_setting                     ? 
_symmetry.space_group_name_Hall            ? 
# 
_exptl.crystals_number   2 
_exptl.method            'X-RAY DIFFRACTION' 
_exptl.entry_id          2RAA 
# 
loop_
_exptl_crystal.id 
_exptl_crystal.density_Matthews 
_exptl_crystal.density_meas 
_exptl_crystal.density_percent_sol 
_exptl_crystal.description 
_exptl_crystal.F_000 
_exptl_crystal.preparation 
1 2.62 ? 52.99 
;TWO CRYSTALS WERE USED FOR THE SOLUTION OF THIS STRUCTURE. A 2.35 ANGSTROM MAD DATA COLLECTED FROM ONE CRYSTAL WAS USED TO PHASE AND TRACE AN INITIAL MODEL. THE MODEL WAS THEN REFINED USING THE AMPLITUDES FROM A SECOND CRYSTAL THAT DIFFRACTED TO 2.12 ANGSTROM.
;
? ? 
2 ?    ? ?     ? ? ? 
# 
loop_
_exptl_crystal_grow.crystal_id 
_exptl_crystal_grow.method 
_exptl_crystal_grow.pH 
_exptl_crystal_grow.temp 
_exptl_crystal_grow.pdbx_details 
_exptl_crystal_grow.temp_details 
_exptl_crystal_grow.pdbx_pH_range 
1 'VAPOR DIFFUSION, SITTING DROP' 4.0  293 
'NANODROP, 0.8M Ammonium sulfate, 0.1M Citrate pH 4.0, VAPOR DIFFUSION, SITTING DROP, temperature 293K'   ? . 
2 'VAPOR DIFFUSION, SITTING DROP' 3.93 293 
'NANODROP, 0.86M Ammonium sulfate, 0.1M Citrate pH 3.93, VAPOR DIFFUSION, SITTING DROP, temperature 293K' ? . 
# 
loop_
_diffrn.id 
_diffrn.ambient_temp 
_diffrn.ambient_temp_details 
_diffrn.crystal_id 
1 100 ? 1 
2 100 ? 2 
# 
loop_
_diffrn_detector.diffrn_id 
_diffrn_detector.detector 
_diffrn_detector.type 
_diffrn_detector.details 
_diffrn_detector.pdbx_collection_date 
1 CCD 'ADSC QUANTUM 315'     ?                                 2007-08-30 
2 CCD 'MARMOSAIC 325 mm CCD' 'Flat mirror (vertical focusing)' 2007-06-03 
# 
loop_
_diffrn_radiation.diffrn_id 
_diffrn_radiation.pdbx_monochromatic_or_laue_m_l 
_diffrn_radiation.monochromator 
_diffrn_radiation.pdbx_diffrn_protocol 
_diffrn_radiation.wavelength_id 
_diffrn_radiation.pdbx_scattering_type 
1 M 'KOHZU: Double crystal Si(111)'                     'SINGLE WAVELENGTH' 1 x-ray 
2 M 'Single crystal Si(111) bent (horizontal focusing)' MAD                 1 x-ray 
# 
loop_
_diffrn_radiation_wavelength.id 
_diffrn_radiation_wavelength.wavelength 
_diffrn_radiation_wavelength.wt 
1 1.0000  1.0 
2 0.91837 1.0 
3 0.97925 1.0 
4 0.97895 1.0 
# 
loop_
_diffrn_source.diffrn_id 
_diffrn_source.source 
_diffrn_source.pdbx_synchrotron_beamline 
_diffrn_source.type 
_diffrn_source.pdbx_wavelength_list 
_diffrn_source.pdbx_wavelength 
_diffrn_source.pdbx_synchrotron_site 
1 SYNCHROTRON 8.2.2  'ALS BEAMLINE 8.2.2'   1.0000                      ? ALS  
2 SYNCHROTRON BL11-1 'SSRL BEAMLINE BL11-1' '0.91837, 0.97925, 0.97895' ? SSRL 
# 
_reflns.entry_id                     2RAA 
_reflns.d_resolution_high            2.12 
_reflns.d_resolution_low             45.175 
_reflns.number_obs                   14544 
_reflns.pdbx_Rmerge_I_obs            0.066 
_reflns.pdbx_netI_over_sigmaI        16.760 
_reflns.percent_possible_obs         99.100 
_reflns.B_iso_Wilson_estimate        56.283 
_reflns.observed_criterion_sigma_I   -3.00 
_reflns.observed_criterion_sigma_F   ? 
_reflns.number_all                   ? 
_reflns.pdbx_Rsym_value              ? 
_reflns.pdbx_redundancy              ? 
_reflns.R_free_details               ? 
_reflns.limit_h_max                  ? 
_reflns.limit_h_min                  ? 
_reflns.limit_k_max                  ? 
_reflns.limit_k_min                  ? 
_reflns.limit_l_max                  ? 
_reflns.limit_l_min                  ? 
_reflns.observed_criterion_F_max     ? 
_reflns.observed_criterion_F_min     ? 
_reflns.pdbx_chi_squared             ? 
_reflns.pdbx_scaling_rejects         ? 
_reflns.pdbx_ordinal                 1 
_reflns.pdbx_diffrn_id               1,2 
# 
loop_
_reflns_shell.d_res_high 
_reflns_shell.d_res_low 
_reflns_shell.number_measured_obs 
_reflns_shell.number_measured_all 
_reflns_shell.number_unique_obs 
_reflns_shell.Rmerge_I_obs 
_reflns_shell.meanI_over_sigI_obs 
_reflns_shell.pdbx_Rsym_value 
_reflns_shell.pdbx_chi_squared 
_reflns_shell.pdbx_redundancy 
_reflns_shell.percent_possible_obs 
_reflns_shell.number_unique_all 
_reflns_shell.percent_possible_all 
_reflns_shell.pdbx_ordinal 
_reflns_shell.pdbx_diffrn_id 
2.12 2.20   5155  ? 1480 0.610 2.3  ? ? ? ? ? 99.70  1  1,2 
2.20 2.28   4395  ? 1277 0.485 3.0  ? ? ? ? ? 99.30  2  1,2 
2.28 2.39   5258  ? 1527 0.356 4.0  ? ? ? ? ? 99.80  3  1,2 
2.39 2.51   4689  ? 1364 0.275 5.1  ? ? ? ? ? 100.00 4  1,2 
2.51 2.67   4967  ? 1448 0.203 7.1  ? ? ? ? ? 99.40  5  1,2 
2.67 2.88   7883  ? 1484 0.395 11.0 ? ? ? ? ? 99.60  6  1,2 
2.88 3.16   9690  ? 1393 0.285 16.9 ? ? ? ? ? 99.10  7  1,2 
3.16 3.62   10144 ? 1482 0.104 27.9 ? ? ? ? ? 99.10  8  1,2 
3.62 4.55   9909  ? 1487 0.044 39.5 ? ? ? ? ? 98.80  9  1,2 
4.55 45.175 9769  ? 1602 0.029 45.8 ? ? ? ? ? 96.70  10 1,2 
# 
_refine.entry_id                                 2RAA 
_refine.ls_d_res_high                            2.120 
_refine.ls_d_res_low                             45.175 
_refine.pdbx_ls_sigma_F                          0.00 
_refine.ls_percent_reflns_obs                    99.370 
_refine.ls_number_reflns_obs                     14517 
_refine.pdbx_ls_cross_valid_method               THROUGHOUT 
_refine.pdbx_R_Free_selection_details            RANDOM 
_refine.details                                  
;1. HYDROGENS HAVE BEEN ADDED IN THE RIDING POSITIONS.
 2. ATOM RECORDS CONTAIN RESIDUAL B FACTORS ONLY.
 3. A MET-INHIBITION PROTOCOL WAS USED FOR SELENOMETHIONINE
 INCORPORATION DURING PROTEIN EXPRESSION. THE OCCUPANCY
 OF THE SE ATOMS IN THE MSE RESIDUES WAS REDUCED TO 0.75
 FOR THE REDUCED SCATTERING POWER DUE TO PARTIAL S-MET
 INCORPORATION.
 4. SO4 IONS FROM THE CRYSTALLIZATION SOLUTION ARE MODELED.
 5. THE FOLLOWING LOOPS HAVE POOR OR NO DENSITY: 5-7, 43-50,
 62-69, 165-169. THUS, THE MODEL IN THESE REGIONS IS NOT
 RELIABLE. N-TERMINUS AS WELL AS PURIFICATION TAG ARE
 DISORDERED.
 6. A FEW NON-WATER DENSITY BLOBS OUTSIDE THE PROTEIN
 ARE LEFT UNINTERPRETED.
;
_refine.ls_R_factor_obs                          0.217 
_refine.ls_R_factor_R_work                       0.215 
_refine.ls_R_factor_R_free                       0.251 
_refine.ls_percent_reflns_R_free                 4.800 
_refine.ls_number_reflns_R_free                  699 
_refine.B_iso_mean                               49.003 
_refine.aniso_B[1][1]                            1.790 
_refine.aniso_B[2][2]                            1.790 
_refine.aniso_B[3][3]                            -3.580 
_refine.aniso_B[1][2]                            0.000 
_refine.aniso_B[1][3]                            0.000 
_refine.aniso_B[2][3]                            0.000 
_refine.correlation_coeff_Fo_to_Fc               0.958 
_refine.correlation_coeff_Fo_to_Fc_free          0.942 
_refine.pdbx_overall_ESU_R                       0.193 
_refine.pdbx_overall_ESU_R_Free                  0.173 
_refine.overall_SU_ML                            0.172 
_refine.overall_SU_B                             15.077 
_refine.solvent_model_details                    'BABINET MODEL WITH MASK' 
_refine.pdbx_solvent_vdw_probe_radii             1.200 
_refine.pdbx_solvent_ion_probe_radii             0.800 
_refine.pdbx_solvent_shrinkage_radii             0.800 
_refine.pdbx_method_to_determine_struct          MAD 
_refine.pdbx_stereochemistry_target_values       'MAXIMUM LIKELIHOOD WITH PHASES' 
_refine.pdbx_ls_sigma_I                          ? 
_refine.ls_number_reflns_all                     ? 
_refine.ls_R_factor_all                          ? 
_refine.ls_redundancy_reflns_obs                 ? 
_refine.pdbx_data_cutoff_high_absF               ? 
_refine.pdbx_data_cutoff_low_absF                ? 
_refine.ls_number_parameters                     ? 
_refine.ls_number_restraints                     ? 
_refine.ls_R_factor_R_free_error                 ? 
_refine.ls_R_factor_R_free_error_details         ? 
_refine.pdbx_starting_model                      ? 
_refine.pdbx_stereochem_target_val_spec_case     ? 
_refine.solvent_model_param_bsol                 ? 
_refine.solvent_model_param_ksol                 ? 
_refine.occupancy_max                            ? 
_refine.occupancy_min                            ? 
_refine.pdbx_isotropic_thermal_model             ? 
_refine.B_iso_min                                ? 
_refine.B_iso_max                                ? 
_refine.overall_SU_R_Cruickshank_DPI             ? 
_refine.overall_SU_R_free                        ? 
_refine.pdbx_data_cutoff_high_rms_absF           ? 
_refine.ls_wR_factor_R_free                      ? 
_refine.ls_wR_factor_R_work                      ? 
_refine.overall_FOM_free_R_set                   ? 
_refine.overall_FOM_work_R_set                   ? 
_refine.pdbx_refine_id                           'X-RAY DIFFRACTION' 
_refine.pdbx_TLS_residual_ADP_flag               'LIKELY RESIDUAL' 
_refine.pdbx_diffrn_id                           1 
_refine.pdbx_overall_phase_error                 ? 
_refine.pdbx_overall_SU_R_free_Cruickshank_DPI   ? 
_refine.pdbx_overall_SU_R_Blow_DPI               ? 
_refine.pdbx_overall_SU_R_free_Blow_DPI          ? 
# 
_refine_hist.pdbx_refine_id                   'X-RAY DIFFRACTION' 
_refine_hist.cycle_id                         LAST 
_refine_hist.pdbx_number_atoms_protein        1349 
_refine_hist.pdbx_number_atoms_nucleic_acid   0 
_refine_hist.pdbx_number_atoms_ligand         10 
_refine_hist.number_atoms_solvent             27 
_refine_hist.number_atoms_total               1386 
_refine_hist.d_res_high                       2.120 
_refine_hist.d_res_low                        45.175 
# 
loop_
_refine_ls_restr.type 
_refine_ls_restr.number 
_refine_ls_restr.dev_ideal 
_refine_ls_restr.dev_ideal_target 
_refine_ls_restr.weight 
_refine_ls_restr.pdbx_refine_id 
_refine_ls_restr.pdbx_restraint_function 
r_bond_refined_d         1402 0.017  0.022  ? 'X-RAY DIFFRACTION' ? 
r_bond_other_d           955  0.002  0.020  ? 'X-RAY DIFFRACTION' ? 
r_angle_refined_deg      1898 1.690  1.976  ? 'X-RAY DIFFRACTION' ? 
r_angle_other_deg        2322 0.971  3.000  ? 'X-RAY DIFFRACTION' ? 
r_dihedral_angle_1_deg   180  5.093  5.000  ? 'X-RAY DIFFRACTION' ? 
r_dihedral_angle_2_deg   63   35.026 23.810 ? 'X-RAY DIFFRACTION' ? 
r_dihedral_angle_3_deg   236  16.360 15.000 ? 'X-RAY DIFFRACTION' ? 
r_dihedral_angle_4_deg   12   16.475 15.000 ? 'X-RAY DIFFRACTION' ? 
r_chiral_restr           214  0.105  0.200  ? 'X-RAY DIFFRACTION' ? 
r_gen_planes_refined     1563 0.005  0.020  ? 'X-RAY DIFFRACTION' ? 
r_gen_planes_other       284  0.001  0.020  ? 'X-RAY DIFFRACTION' ? 
r_nbd_refined            298  0.229  0.200  ? 'X-RAY DIFFRACTION' ? 
r_nbd_other              972  0.203  0.200  ? 'X-RAY DIFFRACTION' ? 
r_nbtor_refined          675  0.186  0.200  ? 'X-RAY DIFFRACTION' ? 
r_nbtor_other            773  0.095  0.200  ? 'X-RAY DIFFRACTION' ? 
r_xyhbond_nbd_refined    36   0.128  0.200  ? 'X-RAY DIFFRACTION' ? 
r_symmetry_vdw_refined   8    0.135  0.200  ? 'X-RAY DIFFRACTION' ? 
r_symmetry_vdw_other     21   0.220  0.200  ? 'X-RAY DIFFRACTION' ? 
r_symmetry_hbond_refined 4    0.157  0.200  ? 'X-RAY DIFFRACTION' ? 
r_mcbond_it              929  2.409  3.000  ? 'X-RAY DIFFRACTION' ? 
r_mcbond_other           365  0.515  3.000  ? 'X-RAY DIFFRACTION' ? 
r_mcangle_it             1422 3.537  5.000  ? 'X-RAY DIFFRACTION' ? 
r_scbond_it              547  5.965  8.000  ? 'X-RAY DIFFRACTION' ? 
r_scangle_it             473  8.748  11.000 ? 'X-RAY DIFFRACTION' ? 
# 
_refine_ls_shell.d_res_high                       2.120 
_refine_ls_shell.d_res_low                        2.175 
_refine_ls_shell.pdbx_total_number_of_bins_used   20 
_refine_ls_shell.percent_reflns_obs               99.710 
_refine_ls_shell.number_reflns_R_work             964 
_refine_ls_shell.R_factor_all                     ? 
_refine_ls_shell.R_factor_R_work                  0.312 
_refine_ls_shell.R_factor_R_free                  0.373 
_refine_ls_shell.percent_reflns_R_free            ? 
_refine_ls_shell.number_reflns_R_free             57 
_refine_ls_shell.R_factor_R_free_error            ? 
_refine_ls_shell.number_reflns_all                1021 
_refine_ls_shell.number_reflns_obs                ? 
_refine_ls_shell.redundancy_reflns_obs            ? 
_refine_ls_shell.pdbx_refine_id                   'X-RAY DIFFRACTION' 
# 
_struct.entry_id                  2RAA 
_struct.title                     
'Crystal structure of pyruvate oxidoreductase subunit PORC (EC 1.2.7.1) (TM0015) from Thermotoga maritima at 2.12 A resolution' 
_struct.pdbx_model_details        ? 
_struct.pdbx_CASP_flag            ? 
_struct.pdbx_model_type_details   ? 
# 
_struct_keywords.text            
;TM0015, Pyruvate oxidoreductase subunit PORC (EC 1.2.7.1), Structural Genomics, Joint Center for Structural Genomics, JCSG, Protein Structure Initiative, PSI-2, OXIDOREDUCTASE
;
_struct_keywords.pdbx_keywords   OXIDOREDUCTASE 
_struct_keywords.entry_id        2RAA 
# 
loop_
_struct_asym.id 
_struct_asym.pdbx_blank_PDB_chainid_flag 
_struct_asym.pdbx_modified 
_struct_asym.entity_id 
_struct_asym.details 
A N N 1 ? 
B N N 2 ? 
C N N 2 ? 
D N N 3 ? 
# 
_struct_ref.id                         1 
_struct_ref.db_name                    UNP 
_struct_ref.db_code                    PORC_THEMA 
_struct_ref.pdbx_db_accession          O05650 
_struct_ref.entity_id                  1 
_struct_ref.pdbx_seq_one_letter_code   
;MPVAKKYFEIRWHGRAGQGAKSASQMLAEAALEAGKYVQAFPEYGAERTGAPMRAFNRIGDEYIRVRSAVENPDVVVVID
ETLLSPAIVEGLSEDGILLVNTVKDFEFVRKKTGFNGKICVVDATDIALQEIKRGIPNTPMLGALVRVTGIVPLEAIEKR
IEKMFGKKFPQEVIDANKRALRRGYEEVKCSE
;
_struct_ref.pdbx_align_begin           1 
_struct_ref.pdbx_db_isoform            ? 
# 
_struct_ref_seq.align_id                      1 
_struct_ref_seq.ref_id                        1 
_struct_ref_seq.pdbx_PDB_id_code              2RAA 
_struct_ref_seq.pdbx_strand_id                A 
_struct_ref_seq.seq_align_beg                 13 
_struct_ref_seq.pdbx_seq_align_beg_ins_code   ? 
_struct_ref_seq.seq_align_end                 204 
_struct_ref_seq.pdbx_seq_align_end_ins_code   ? 
_struct_ref_seq.pdbx_db_accession             O05650 
_struct_ref_seq.db_align_beg                  1 
_struct_ref_seq.pdbx_db_align_beg_ins_code    ? 
_struct_ref_seq.db_align_end                  192 
_struct_ref_seq.pdbx_db_align_end_ins_code    ? 
_struct_ref_seq.pdbx_auth_seq_align_beg       1 
_struct_ref_seq.pdbx_auth_seq_align_end       192 
# 
loop_
_struct_ref_seq_dif.align_id 
_struct_ref_seq_dif.pdbx_pdb_id_code 
_struct_ref_seq_dif.mon_id 
_struct_ref_seq_dif.pdbx_pdb_strand_id 
_struct_ref_seq_dif.seq_num 
_struct_ref_seq_dif.pdbx_pdb_ins_code 
_struct_ref_seq_dif.pdbx_seq_db_name 
_struct_ref_seq_dif.pdbx_seq_db_accession_code 
_struct_ref_seq_dif.db_mon_id 
_struct_ref_seq_dif.pdbx_seq_db_seq_num 
_struct_ref_seq_dif.details 
_struct_ref_seq_dif.pdbx_auth_seq_num 
_struct_ref_seq_dif.pdbx_ordinal 
1 2RAA MSE A 1  ? UNP O05650 ? ? 'expression tag' -11 1  
1 2RAA GLY A 2  ? UNP O05650 ? ? 'expression tag' -10 2  
1 2RAA SER A 3  ? UNP O05650 ? ? 'expression tag' -9  3  
1 2RAA ASP A 4  ? UNP O05650 ? ? 'expression tag' -8  4  
1 2RAA LYS A 5  ? UNP O05650 ? ? 'expression tag' -7  5  
1 2RAA ILE A 6  ? UNP O05650 ? ? 'expression tag' -6  6  
1 2RAA HIS A 7  ? UNP O05650 ? ? 'expression tag' -5  7  
1 2RAA HIS A 8  ? UNP O05650 ? ? 'expression tag' -4  8  
1 2RAA HIS A 9  ? UNP O05650 ? ? 'expression tag' -3  9  
1 2RAA HIS A 10 ? UNP O05650 ? ? 'expression tag' -2  10 
1 2RAA HIS A 11 ? UNP O05650 ? ? 'expression tag' -1  11 
1 2RAA HIS A 12 ? UNP O05650 ? ? 'expression tag' 0   12 
# 
_pdbx_struct_assembly.id                   1 
_pdbx_struct_assembly.details              software_defined_assembly 
_pdbx_struct_assembly.method_details       PISA 
_pdbx_struct_assembly.oligomeric_details   monomeric 
_pdbx_struct_assembly.oligomeric_count     1 
# 
_pdbx_struct_assembly_gen.assembly_id       1 
_pdbx_struct_assembly_gen.oper_expression   1 
_pdbx_struct_assembly_gen.asym_id_list      A,B,C,D 
# 
_pdbx_struct_oper_list.id                   1 
_pdbx_struct_oper_list.type                 'identity operation' 
_pdbx_struct_oper_list.name                 1_555 
_pdbx_struct_oper_list.symmetry_operation   x,y,z 
_pdbx_struct_oper_list.matrix[1][1]         1.0000000000 
_pdbx_struct_oper_list.matrix[1][2]         0.0000000000 
_pdbx_struct_oper_list.matrix[1][3]         0.0000000000 
_pdbx_struct_oper_list.vector[1]            0.0000000000 
_pdbx_struct_oper_list.matrix[2][1]         0.0000000000 
_pdbx_struct_oper_list.matrix[2][2]         1.0000000000 
_pdbx_struct_oper_list.matrix[2][3]         0.0000000000 
_pdbx_struct_oper_list.vector[2]            0.0000000000 
_pdbx_struct_oper_list.matrix[3][1]         0.0000000000 
_pdbx_struct_oper_list.matrix[3][2]         0.0000000000 
_pdbx_struct_oper_list.matrix[3][3]         1.0000000000 
_pdbx_struct_oper_list.vector[3]            0.0000000000 
# 
_struct_biol.id        1 
_struct_biol.details   ? 
# 
loop_
_struct_conf.conf_type_id 
_struct_conf.id 
_struct_conf.pdbx_PDB_helix_id 
_struct_conf.beg_label_comp_id 
_struct_conf.beg_label_asym_id 
_struct_conf.beg_label_seq_id 
_struct_conf.pdbx_beg_PDB_ins_code 
_struct_conf.end_label_comp_id 
_struct_conf.end_label_asym_id 
_struct_conf.end_label_seq_id 
_struct_conf.pdbx_end_PDB_ins_code 
_struct_conf.beg_auth_comp_id 
_struct_conf.beg_auth_asym_id 
_struct_conf.beg_auth_seq_id 
_struct_conf.end_auth_comp_id 
_struct_conf.end_auth_asym_id 
_struct_conf.end_auth_seq_id 
_struct_conf.pdbx_PDB_helix_class 
_struct_conf.details 
_struct_conf.pdbx_PDB_helix_length 
HELX_P HELX_P1 1 GLY A 31  ? ALA A 46  ? GLY A 19  ALA A 34  1 ? 16 
HELX_P HELX_P2 2 ASP A 92  ? LEU A 96  ? ASP A 80  LEU A 84  5 ? 5  
HELX_P HELX_P3 3 SER A 97  ? GLU A 102 ? SER A 85  GLU A 90  5 ? 6  
HELX_P HELX_P4 4 ASP A 117 ? GLY A 126 ? ASP A 105 GLY A 114 1 ? 10 
HELX_P HELX_P5 5 ASP A 135 ? ILE A 144 ? ASP A 123 ILE A 132 1 ? 10 
HELX_P HELX_P6 6 PRO A 149 ? GLY A 162 ? PRO A 137 GLY A 150 1 ? 14 
HELX_P HELX_P7 7 PRO A 165 ? PHE A 177 ? PRO A 153 PHE A 165 1 ? 13 
HELX_P HELX_P8 8 PRO A 182 ? VAL A 200 ? PRO A 170 VAL A 188 1 ? 19 
# 
_struct_conf_type.id          HELX_P 
_struct_conf_type.criteria    ? 
_struct_conf_type.reference   ? 
# 
loop_
_struct_conn.id 
_struct_conn.conn_type_id 
_struct_conn.pdbx_leaving_atom_flag 
_struct_conn.pdbx_PDB_id 
_struct_conn.ptnr1_label_asym_id 
_struct_conn.ptnr1_label_comp_id 
_struct_conn.ptnr1_label_seq_id 
_struct_conn.ptnr1_label_atom_id 
_struct_conn.pdbx_ptnr1_label_alt_id 
_struct_conn.pdbx_ptnr1_PDB_ins_code 
_struct_conn.pdbx_ptnr1_standard_comp_id 
_struct_conn.ptnr1_symmetry 
_struct_conn.ptnr2_label_asym_id 
_struct_conn.ptnr2_label_comp_id 
_struct_conn.ptnr2_label_seq_id 
_struct_conn.ptnr2_label_atom_id 
_struct_conn.pdbx_ptnr2_label_alt_id 
_struct_conn.pdbx_ptnr2_PDB_ins_code 
_struct_conn.ptnr1_auth_asym_id 
_struct_conn.ptnr1_auth_comp_id 
_struct_conn.ptnr1_auth_seq_id 
_struct_conn.ptnr2_auth_asym_id 
_struct_conn.ptnr2_auth_comp_id 
_struct_conn.ptnr2_auth_seq_id 
_struct_conn.ptnr2_symmetry 
_struct_conn.pdbx_ptnr3_label_atom_id 
_struct_conn.pdbx_ptnr3_label_seq_id 
_struct_conn.pdbx_ptnr3_label_comp_id 
_struct_conn.pdbx_ptnr3_label_asym_id 
_struct_conn.pdbx_ptnr3_label_alt_id 
_struct_conn.pdbx_ptnr3_PDB_ins_code 
_struct_conn.details 
_struct_conn.pdbx_dist_value 
_struct_conn.pdbx_value_order 
_struct_conn.pdbx_role 
disulf1 disulf ?    ? A CYS 132 SG ? ? ? 1_555 A CYS 202 SG ? ? A CYS 120 A CYS 190 1_555 ? ? ? ? ? ? ? 2.676 ? ? 
covale1 covale both ? A GLN 37  C  ? ? ? 1_555 A MSE 38  N  ? ? A GLN 25  A MSE 26  1_555 ? ? ? ? ? ? ? 1.323 ? ? 
covale2 covale both ? A MSE 38  C  ? ? ? 1_555 A LEU 39  N  ? ? A MSE 26  A LEU 27  1_555 ? ? ? ? ? ? ? 1.325 ? ? 
covale3 covale both ? A PRO 64  C  ? ? ? 1_555 A MSE 65  N  ? ? A PRO 52  A MSE 53  1_555 ? ? ? ? ? ? ? 1.327 ? ? 
covale4 covale both ? A MSE 65  C  ? ? ? 1_555 A ARG 66  N  ? ? A MSE 53  A ARG 54  1_555 ? ? ? ? ? ? ? 1.336 ? ? 
covale5 covale both ? A PRO 152 C  ? ? ? 1_555 A MSE 153 N  ? ? A PRO 140 A MSE 141 1_555 ? ? ? ? ? ? ? 1.328 ? ? 
covale6 covale both ? A MSE 153 C  ? ? ? 1_555 A LEU 154 N  ? ? A MSE 141 A LEU 142 1_555 ? ? ? ? ? ? ? 1.323 ? ? 
covale7 covale both ? A LYS 175 C  ? ? ? 1_555 A MSE 176 N  ? ? A LYS 163 A MSE 164 1_555 ? ? ? ? ? ? ? 1.328 ? ? 
covale8 covale both ? A MSE 176 C  ? ? ? 1_555 A PHE 177 N  ? ? A MSE 164 A PHE 165 1_555 ? ? ? ? ? ? ? 1.335 ? ? 
# 
loop_
_struct_conn_type.id 
_struct_conn_type.criteria 
_struct_conn_type.reference 
disulf ? ? 
covale ? ? 
# 
loop_
_pdbx_modification_feature.ordinal 
_pdbx_modification_feature.label_comp_id 
_pdbx_modification_feature.label_asym_id 
_pdbx_modification_feature.label_seq_id 
_pdbx_modification_feature.label_alt_id 
_pdbx_modification_feature.modified_residue_label_comp_id 
_pdbx_modification_feature.modified_residue_label_asym_id 
_pdbx_modification_feature.modified_residue_label_seq_id 
_pdbx_modification_feature.modified_residue_label_alt_id 
_pdbx_modification_feature.auth_comp_id 
_pdbx_modification_feature.auth_asym_id 
_pdbx_modification_feature.auth_seq_id 
_pdbx_modification_feature.PDB_ins_code 
_pdbx_modification_feature.symmetry 
_pdbx_modification_feature.modified_residue_auth_comp_id 
_pdbx_modification_feature.modified_residue_auth_asym_id 
_pdbx_modification_feature.modified_residue_auth_seq_id 
_pdbx_modification_feature.modified_residue_PDB_ins_code 
_pdbx_modification_feature.modified_residue_symmetry 
_pdbx_modification_feature.comp_id_linking_atom 
_pdbx_modification_feature.modified_residue_id_linking_atom 
_pdbx_modification_feature.modified_residue_id 
_pdbx_modification_feature.ref_pcm_id 
_pdbx_modification_feature.ref_comp_id 
_pdbx_modification_feature.type 
_pdbx_modification_feature.category 
1 MSE A 38  ? .   . .   . MSE A 26  ? 1_555 .   . .   . .     .  .  MET 1 MSE Selenomethionine 'Named protein modification' 
2 MSE A 65  ? .   . .   . MSE A 53  ? 1_555 .   . .   . .     .  .  MET 1 MSE Selenomethionine 'Named protein modification' 
3 MSE A 153 ? .   . .   . MSE A 141 ? 1_555 .   . .   . .     .  .  MET 1 MSE Selenomethionine 'Named protein modification' 
4 MSE A 176 ? .   . .   . MSE A 164 ? 1_555 .   . .   . .     .  .  MET 1 MSE Selenomethionine 'Named protein modification' 
5 CYS A 132 ? CYS A 202 ? CYS A 120 ? 1_555 CYS A 190 ? 1_555 SG SG .   . .   None             'Disulfide bridge'           
# 
_struct_sheet.id               A 
_struct_sheet.type             ? 
_struct_sheet.number_strands   7 
_struct_sheet.details          ? 
# 
loop_
_struct_sheet_order.sheet_id 
_struct_sheet_order.range_id_1 
_struct_sheet_order.range_id_2 
_struct_sheet_order.offset 
_struct_sheet_order.sense 
A 1 2 ? anti-parallel 
A 2 3 ? anti-parallel 
A 3 4 ? parallel      
A 4 5 ? parallel      
A 5 6 ? parallel      
A 6 7 ? anti-parallel 
# 
loop_
_struct_sheet_range.sheet_id 
_struct_sheet_range.id 
_struct_sheet_range.beg_label_comp_id 
_struct_sheet_range.beg_label_asym_id 
_struct_sheet_range.beg_label_seq_id 
_struct_sheet_range.pdbx_beg_PDB_ins_code 
_struct_sheet_range.end_label_comp_id 
_struct_sheet_range.end_label_asym_id 
_struct_sheet_range.end_label_seq_id 
_struct_sheet_range.pdbx_end_PDB_ins_code 
_struct_sheet_range.beg_auth_comp_id 
_struct_sheet_range.beg_auth_asym_id 
_struct_sheet_range.beg_auth_seq_id 
_struct_sheet_range.end_auth_comp_id 
_struct_sheet_range.end_auth_asym_id 
_struct_sheet_range.end_auth_seq_id 
A 1 VAL A 50  ? GLU A 55  ? VAL A 38  GLU A 43  
A 2 PRO A 64  ? GLY A 72  ? PRO A 52  GLY A 60  
A 3 TYR A 19  ? ARG A 27  ? TYR A 7   ARG A 15  
A 4 VAL A 87  ? VAL A 90  ? VAL A 75  VAL A 78  
A 5 ILE A 109 ? ASN A 113 ? ILE A 97  ASN A 101 
A 6 LYS A 130 ? VAL A 134 ? LYS A 118 VAL A 122 
A 7 LYS A 201 ? CYS A 202 ? LYS A 189 CYS A 190 
# 
loop_
_pdbx_struct_sheet_hbond.sheet_id 
_pdbx_struct_sheet_hbond.range_id_1 
_pdbx_struct_sheet_hbond.range_id_2 
_pdbx_struct_sheet_hbond.range_1_label_atom_id 
_pdbx_struct_sheet_hbond.range_1_label_comp_id 
_pdbx_struct_sheet_hbond.range_1_label_asym_id 
_pdbx_struct_sheet_hbond.range_1_label_seq_id 
_pdbx_struct_sheet_hbond.range_1_PDB_ins_code 
_pdbx_struct_sheet_hbond.range_1_auth_atom_id 
_pdbx_struct_sheet_hbond.range_1_auth_comp_id 
_pdbx_struct_sheet_hbond.range_1_auth_asym_id 
_pdbx_struct_sheet_hbond.range_1_auth_seq_id 
_pdbx_struct_sheet_hbond.range_2_label_atom_id 
_pdbx_struct_sheet_hbond.range_2_label_comp_id 
_pdbx_struct_sheet_hbond.range_2_label_asym_id 
_pdbx_struct_sheet_hbond.range_2_label_seq_id 
_pdbx_struct_sheet_hbond.range_2_PDB_ins_code 
_pdbx_struct_sheet_hbond.range_2_auth_atom_id 
_pdbx_struct_sheet_hbond.range_2_auth_comp_id 
_pdbx_struct_sheet_hbond.range_2_auth_asym_id 
_pdbx_struct_sheet_hbond.range_2_auth_seq_id 
A 1 2 N GLN A 51  ? N GLN A 39  O ARG A 70  ? O ARG A 58  
A 2 3 O ILE A 71  ? O ILE A 59  N PHE A 20  ? N PHE A 8   
A 3 4 N HIS A 25  ? N HIS A 13  O VAL A 89  ? O VAL A 77  
A 4 5 N VAL A 88  ? N VAL A 76  O LEU A 111 ? O LEU A 99  
A 5 6 N LEU A 110 ? N LEU A 98  O CYS A 132 ? O CYS A 120 
A 6 7 N VAL A 133 ? N VAL A 121 O LYS A 201 ? O LYS A 189 
# 
loop_
_struct_site.id 
_struct_site.pdbx_evidence_code 
_struct_site.pdbx_auth_asym_id 
_struct_site.pdbx_auth_comp_id 
_struct_site.pdbx_auth_seq_id 
_struct_site.pdbx_auth_ins_code 
_struct_site.pdbx_num_residues 
_struct_site.details 
AC1 Software A SO4 193 ? 8 'BINDING SITE FOR RESIDUE SO4 A 193' 
AC2 Software A SO4 194 ? 7 'BINDING SITE FOR RESIDUE SO4 A 194' 
# 
loop_
_struct_site_gen.id 
_struct_site_gen.site_id 
_struct_site_gen.pdbx_num_res 
_struct_site_gen.label_comp_id 
_struct_site_gen.label_asym_id 
_struct_site_gen.label_seq_id 
_struct_site_gen.pdbx_auth_ins_code 
_struct_site_gen.auth_comp_id 
_struct_site_gen.auth_asym_id 
_struct_site_gen.auth_seq_id 
_struct_site_gen.label_atom_id 
_struct_site_gen.label_alt_id 
_struct_site_gen.symmetry 
_struct_site_gen.details 
1  AC1 8 GLY A 29 ? GLY A 17  . ? 1_555 ? 
2  AC1 8 GLN A 30 ? GLN A 18  . ? 1_555 ? 
3  AC1 8 GLY A 31 ? GLY A 19  . ? 1_555 ? 
4  AC1 8 ALA A 32 ? ALA A 20  . ? 1_555 ? 
5  AC1 8 LYS A 33 ? LYS A 21  . ? 1_555 ? 
6  AC1 8 TYR A 56 ? TYR A 44  . ? 1_555 ? 
7  AC1 8 MSE A 65 ? MSE A 53  . ? 1_555 ? 
8  AC1 8 HOH D .  ? HOH A 219 . ? 1_555 ? 
9  AC2 7 TYR A 19 ? TYR A 7   . ? 1_555 ? 
10 AC2 7 GLU A 21 ? GLU A 9   . ? 1_555 ? 
11 AC2 7 ARG A 70 ? ARG A 58  . ? 1_555 ? 
12 AC2 7 ALA A 81 ? ALA A 69  . ? 1_555 ? 
13 AC2 7 VAL A 82 ? VAL A 70  . ? 1_555 ? 
14 AC2 7 GLU A 83 ? GLU A 71  . ? 1_555 ? 
15 AC2 7 ASN A 84 ? ASN A 72  . ? 1_555 ? 
# 
_pdbx_entry_details.entry_id                   2RAA 
_pdbx_entry_details.compound_details           ? 
_pdbx_entry_details.source_details             ? 
_pdbx_entry_details.nonpolymer_details         ? 
_pdbx_entry_details.sequence_details           ? 
_pdbx_entry_details.has_ligand_of_interest     ? 
_pdbx_entry_details.has_protein_modification   Y 
# 
_pdbx_SG_project.project_name          'PSI, Protein Structure Initiative' 
_pdbx_SG_project.full_name_of_center   'Joint Center for Structural Genomics' 
_pdbx_SG_project.id                    1 
_pdbx_SG_project.initial_of_center     JCSG 
# 
loop_
_pdbx_struct_mod_residue.id 
_pdbx_struct_mod_residue.label_asym_id 
_pdbx_struct_mod_residue.label_comp_id 
_pdbx_struct_mod_residue.label_seq_id 
_pdbx_struct_mod_residue.auth_asym_id 
_pdbx_struct_mod_residue.auth_comp_id 
_pdbx_struct_mod_residue.auth_seq_id 
_pdbx_struct_mod_residue.PDB_ins_code 
_pdbx_struct_mod_residue.parent_comp_id 
_pdbx_struct_mod_residue.details 
1 A MSE 38  A MSE 26  ? MET SELENOMETHIONINE 
2 A MSE 65  A MSE 53  ? MET SELENOMETHIONINE 
3 A MSE 153 A MSE 141 ? MET SELENOMETHIONINE 
4 A MSE 176 A MSE 164 ? MET SELENOMETHIONINE 
# 
_pdbx_refine_tls.id               1 
_pdbx_refine_tls.details          ? 
_pdbx_refine_tls.method           refined 
_pdbx_refine_tls.origin_x         0.0612 
_pdbx_refine_tls.origin_y         0.1605 
_pdbx_refine_tls.origin_z         -0.3476 
_pdbx_refine_tls.T[1][1]          0.0135 
_pdbx_refine_tls.T[2][2]          -0.1599 
_pdbx_refine_tls.T[3][3]          -0.0632 
_pdbx_refine_tls.T[1][2]          -0.0137 
_pdbx_refine_tls.T[1][3]          -0.0071 
_pdbx_refine_tls.T[2][3]          -0.0804 
_pdbx_refine_tls.L[1][1]          1.1418 
_pdbx_refine_tls.L[2][2]          1.2107 
_pdbx_refine_tls.L[3][3]          6.3454 
_pdbx_refine_tls.L[1][2]          -0.0848 
_pdbx_refine_tls.L[1][3]          0.4492 
_pdbx_refine_tls.L[2][3]          -1.3337 
_pdbx_refine_tls.S[1][1]          -0.0381 
_pdbx_refine_tls.S[2][2]          0.0343 
_pdbx_refine_tls.S[3][3]          0.0038 
_pdbx_refine_tls.S[1][2]          0.0303 
_pdbx_refine_tls.S[1][3]          -0.1794 
_pdbx_refine_tls.S[2][3]          0.2034 
_pdbx_refine_tls.S[2][1]          -0.0970 
_pdbx_refine_tls.S[3][1]          -0.4404 
_pdbx_refine_tls.S[3][2]          -0.0320 
_pdbx_refine_tls.pdbx_refine_id   'X-RAY DIFFRACTION' 
# 
_pdbx_refine_tls_group.id                  1 
_pdbx_refine_tls_group.refine_tls_id       1 
_pdbx_refine_tls_group.beg_label_asym_id   A 
_pdbx_refine_tls_group.beg_label_seq_id    17 
_pdbx_refine_tls_group.end_label_asym_id   A 
_pdbx_refine_tls_group.end_label_seq_id    204 
_pdbx_refine_tls_group.selection           ? 
_pdbx_refine_tls_group.beg_auth_asym_id    A 
_pdbx_refine_tls_group.beg_auth_seq_id     5 
_pdbx_refine_tls_group.end_auth_asym_id    A 
_pdbx_refine_tls_group.end_auth_seq_id     192 
_pdbx_refine_tls_group.pdbx_refine_id      'X-RAY DIFFRACTION' 
_pdbx_refine_tls_group.selection_details   ? 
# 
_phasing.method   MAD 
# 
_pdbx_database_remark.id     999 
_pdbx_database_remark.text   
;
SEQUENCE
THE CONSTRUCT WAS EXPRESSED WITH A PURIFICATION TAG
MGSDKIHHHHHH FOLLOWED BY THE TARGET SEQUENCE.
;
# 
loop_
_pdbx_unobs_or_zero_occ_residues.id 
_pdbx_unobs_or_zero_occ_residues.PDB_model_num 
_pdbx_unobs_or_zero_occ_residues.polymer_flag 
_pdbx_unobs_or_zero_occ_residues.occupancy_flag 
_pdbx_unobs_or_zero_occ_residues.auth_asym_id 
_pdbx_unobs_or_zero_occ_residues.auth_comp_id 
_pdbx_unobs_or_zero_occ_residues.auth_seq_id 
_pdbx_unobs_or_zero_occ_residues.PDB_ins_code 
_pdbx_unobs_or_zero_occ_residues.label_asym_id 
_pdbx_unobs_or_zero_occ_residues.label_comp_id 
_pdbx_unobs_or_zero_occ_residues.label_seq_id 
1  1 Y 1 A MSE -11 ? A MSE 1   
2  1 Y 1 A GLY -10 ? A GLY 2   
3  1 Y 1 A SER -9  ? A SER 3   
4  1 Y 1 A ASP -8  ? A ASP 4   
5  1 Y 1 A LYS -7  ? A LYS 5   
6  1 Y 1 A ILE -6  ? A ILE 6   
7  1 Y 1 A HIS -5  ? A HIS 7   
8  1 Y 1 A HIS -4  ? A HIS 8   
9  1 Y 1 A HIS -3  ? A HIS 9   
10 1 Y 1 A HIS -2  ? A HIS 10  
11 1 Y 1 A HIS -1  ? A HIS 11  
12 1 Y 1 A HIS 0   ? A HIS 12  
13 1 Y 1 A MSE 1   ? A MSE 13  
14 1 Y 1 A PRO 2   ? A PRO 14  
15 1 Y 1 A VAL 3   ? A VAL 15  
16 1 Y 1 A ALA 4   ? A ALA 16  
17 1 Y 1 A GLU 47  ? A GLU 59  
18 1 Y 1 A TYR 63  ? A TYR 75  
19 1 Y 1 A ILE 64  ? A ILE 76  
20 1 Y 1 A ARG 65  ? A ARG 77  
21 1 Y 1 A VAL 66  ? A VAL 78  
22 1 Y 1 A ARG 67  ? A ARG 79  
23 1 Y 1 A SER 68  ? A SER 80  
24 1 Y 1 A GLY 166 ? A GLY 178 
25 1 Y 1 A LYS 167 ? A LYS 179 
26 1 Y 1 A LYS 168 ? A LYS 180 
# 
loop_
_chem_comp_atom.comp_id 
_chem_comp_atom.atom_id 
_chem_comp_atom.type_symbol 
_chem_comp_atom.pdbx_aromatic_flag 
_chem_comp_atom.pdbx_stereo_config 
_chem_comp_atom.pdbx_ordinal 
ALA N    N  N N 1   
ALA CA   C  N S 2   
ALA C    C  N N 3   
ALA O    O  N N 4   
ALA CB   C  N N 5   
ALA OXT  O  N N 6   
ALA H    H  N N 7   
ALA H2   H  N N 8   
ALA HA   H  N N 9   
ALA HB1  H  N N 10  
ALA HB2  H  N N 11  
ALA HB3  H  N N 12  
ALA HXT  H  N N 13  
ARG N    N  N N 14  
ARG CA   C  N S 15  
ARG C    C  N N 16  
ARG O    O  N N 17  
ARG CB   C  N N 18  
ARG CG   C  N N 19  
ARG CD   C  N N 20  
ARG NE   N  N N 21  
ARG CZ   C  N N 22  
ARG NH1  N  N N 23  
ARG NH2  N  N N 24  
ARG OXT  O  N N 25  
ARG H    H  N N 26  
ARG H2   H  N N 27  
ARG HA   H  N N 28  
ARG HB2  H  N N 29  
ARG HB3  H  N N 30  
ARG HG2  H  N N 31  
ARG HG3  H  N N 32  
ARG HD2  H  N N 33  
ARG HD3  H  N N 34  
ARG HE   H  N N 35  
ARG HH11 H  N N 36  
ARG HH12 H  N N 37  
ARG HH21 H  N N 38  
ARG HH22 H  N N 39  
ARG HXT  H  N N 40  
ASN N    N  N N 41  
ASN CA   C  N S 42  
ASN C    C  N N 43  
ASN O    O  N N 44  
ASN CB   C  N N 45  
ASN CG   C  N N 46  
ASN OD1  O  N N 47  
ASN ND2  N  N N 48  
ASN OXT  O  N N 49  
ASN H    H  N N 50  
ASN H2   H  N N 51  
ASN HA   H  N N 52  
ASN HB2  H  N N 53  
ASN HB3  H  N N 54  
ASN HD21 H  N N 55  
ASN HD22 H  N N 56  
ASN HXT  H  N N 57  
ASP N    N  N N 58  
ASP CA   C  N S 59  
ASP C    C  N N 60  
ASP O    O  N N 61  
ASP CB   C  N N 62  
ASP CG   C  N N 63  
ASP OD1  O  N N 64  
ASP OD2  O  N N 65  
ASP OXT  O  N N 66  
ASP H    H  N N 67  
ASP H2   H  N N 68  
ASP HA   H  N N 69  
ASP HB2  H  N N 70  
ASP HB3  H  N N 71  
ASP HD2  H  N N 72  
ASP HXT  H  N N 73  
CYS N    N  N N 74  
CYS CA   C  N R 75  
CYS C    C  N N 76  
CYS O    O  N N 77  
CYS CB   C  N N 78  
CYS SG   S  N N 79  
CYS OXT  O  N N 80  
CYS H    H  N N 81  
CYS H2   H  N N 82  
CYS HA   H  N N 83  
CYS HB2  H  N N 84  
CYS HB3  H  N N 85  
CYS HG   H  N N 86  
CYS HXT  H  N N 87  
GLN N    N  N N 88  
GLN CA   C  N S 89  
GLN C    C  N N 90  
GLN O    O  N N 91  
GLN CB   C  N N 92  
GLN CG   C  N N 93  
GLN CD   C  N N 94  
GLN OE1  O  N N 95  
GLN NE2  N  N N 96  
GLN OXT  O  N N 97  
GLN H    H  N N 98  
GLN H2   H  N N 99  
GLN HA   H  N N 100 
GLN HB2  H  N N 101 
GLN HB3  H  N N 102 
GLN HG2  H  N N 103 
GLN HG3  H  N N 104 
GLN HE21 H  N N 105 
GLN HE22 H  N N 106 
GLN HXT  H  N N 107 
GLU N    N  N N 108 
GLU CA   C  N S 109 
GLU C    C  N N 110 
GLU O    O  N N 111 
GLU CB   C  N N 112 
GLU CG   C  N N 113 
GLU CD   C  N N 114 
GLU OE1  O  N N 115 
GLU OE2  O  N N 116 
GLU OXT  O  N N 117 
GLU H    H  N N 118 
GLU H2   H  N N 119 
GLU HA   H  N N 120 
GLU HB2  H  N N 121 
GLU HB3  H  N N 122 
GLU HG2  H  N N 123 
GLU HG3  H  N N 124 
GLU HE2  H  N N 125 
GLU HXT  H  N N 126 
GLY N    N  N N 127 
GLY CA   C  N N 128 
GLY C    C  N N 129 
GLY O    O  N N 130 
GLY OXT  O  N N 131 
GLY H    H  N N 132 
GLY H2   H  N N 133 
GLY HA2  H  N N 134 
GLY HA3  H  N N 135 
GLY HXT  H  N N 136 
HIS N    N  N N 137 
HIS CA   C  N S 138 
HIS C    C  N N 139 
HIS O    O  N N 140 
HIS CB   C  N N 141 
HIS CG   C  Y N 142 
HIS ND1  N  Y N 143 
HIS CD2  C  Y N 144 
HIS CE1  C  Y N 145 
HIS NE2  N  Y N 146 
HIS OXT  O  N N 147 
HIS H    H  N N 148 
HIS H2   H  N N 149 
HIS HA   H  N N 150 
HIS HB2  H  N N 151 
HIS HB3  H  N N 152 
HIS HD1  H  N N 153 
HIS HD2  H  N N 154 
HIS HE1  H  N N 155 
HIS HE2  H  N N 156 
HIS HXT  H  N N 157 
HOH O    O  N N 158 
HOH H1   H  N N 159 
HOH H2   H  N N 160 
ILE N    N  N N 161 
ILE CA   C  N S 162 
ILE C    C  N N 163 
ILE O    O  N N 164 
ILE CB   C  N S 165 
ILE CG1  C  N N 166 
ILE CG2  C  N N 167 
ILE CD1  C  N N 168 
ILE OXT  O  N N 169 
ILE H    H  N N 170 
ILE H2   H  N N 171 
ILE HA   H  N N 172 
ILE HB   H  N N 173 
ILE HG12 H  N N 174 
ILE HG13 H  N N 175 
ILE HG21 H  N N 176 
ILE HG22 H  N N 177 
ILE HG23 H  N N 178 
ILE HD11 H  N N 179 
ILE HD12 H  N N 180 
ILE HD13 H  N N 181 
ILE HXT  H  N N 182 
LEU N    N  N N 183 
LEU CA   C  N S 184 
LEU C    C  N N 185 
LEU O    O  N N 186 
LEU CB   C  N N 187 
LEU CG   C  N N 188 
LEU CD1  C  N N 189 
LEU CD2  C  N N 190 
LEU OXT  O  N N 191 
LEU H    H  N N 192 
LEU H2   H  N N 193 
LEU HA   H  N N 194 
LEU HB2  H  N N 195 
LEU HB3  H  N N 196 
LEU HG   H  N N 197 
LEU HD11 H  N N 198 
LEU HD12 H  N N 199 
LEU HD13 H  N N 200 
LEU HD21 H  N N 201 
LEU HD22 H  N N 202 
LEU HD23 H  N N 203 
LEU HXT  H  N N 204 
LYS N    N  N N 205 
LYS CA   C  N S 206 
LYS C    C  N N 207 
LYS O    O  N N 208 
LYS CB   C  N N 209 
LYS CG   C  N N 210 
LYS CD   C  N N 211 
LYS CE   C  N N 212 
LYS NZ   N  N N 213 
LYS OXT  O  N N 214 
LYS H    H  N N 215 
LYS H2   H  N N 216 
LYS HA   H  N N 217 
LYS HB2  H  N N 218 
LYS HB3  H  N N 219 
LYS HG2  H  N N 220 
LYS HG3  H  N N 221 
LYS HD2  H  N N 222 
LYS HD3  H  N N 223 
LYS HE2  H  N N 224 
LYS HE3  H  N N 225 
LYS HZ1  H  N N 226 
LYS HZ2  H  N N 227 
LYS HZ3  H  N N 228 
LYS HXT  H  N N 229 
MSE N    N  N N 230 
MSE CA   C  N S 231 
MSE C    C  N N 232 
MSE O    O  N N 233 
MSE OXT  O  N N 234 
MSE CB   C  N N 235 
MSE CG   C  N N 236 
MSE SE   SE N N 237 
MSE CE   C  N N 238 
MSE H    H  N N 239 
MSE H2   H  N N 240 
MSE HA   H  N N 241 
MSE HXT  H  N N 242 
MSE HB2  H  N N 243 
MSE HB3  H  N N 244 
MSE HG2  H  N N 245 
MSE HG3  H  N N 246 
MSE HE1  H  N N 247 
MSE HE2  H  N N 248 
MSE HE3  H  N N 249 
PHE N    N  N N 250 
PHE CA   C  N S 251 
PHE C    C  N N 252 
PHE O    O  N N 253 
PHE CB   C  N N 254 
PHE CG   C  Y N 255 
PHE CD1  C  Y N 256 
PHE CD2  C  Y N 257 
PHE CE1  C  Y N 258 
PHE CE2  C  Y N 259 
PHE CZ   C  Y N 260 
PHE OXT  O  N N 261 
PHE H    H  N N 262 
PHE H2   H  N N 263 
PHE HA   H  N N 264 
PHE HB2  H  N N 265 
PHE HB3  H  N N 266 
PHE HD1  H  N N 267 
PHE HD2  H  N N 268 
PHE HE1  H  N N 269 
PHE HE2  H  N N 270 
PHE HZ   H  N N 271 
PHE HXT  H  N N 272 
PRO N    N  N N 273 
PRO CA   C  N S 274 
PRO C    C  N N 275 
PRO O    O  N N 276 
PRO CB   C  N N 277 
PRO CG   C  N N 278 
PRO CD   C  N N 279 
PRO OXT  O  N N 280 
PRO H    H  N N 281 
PRO HA   H  N N 282 
PRO HB2  H  N N 283 
PRO HB3  H  N N 284 
PRO HG2  H  N N 285 
PRO HG3  H  N N 286 
PRO HD2  H  N N 287 
PRO HD3  H  N N 288 
PRO HXT  H  N N 289 
SER N    N  N N 290 
SER CA   C  N S 291 
SER C    C  N N 292 
SER O    O  N N 293 
SER CB   C  N N 294 
SER OG   O  N N 295 
SER OXT  O  N N 296 
SER H    H  N N 297 
SER H2   H  N N 298 
SER HA   H  N N 299 
SER HB2  H  N N 300 
SER HB3  H  N N 301 
SER HG   H  N N 302 
SER HXT  H  N N 303 
SO4 S    S  N N 304 
SO4 O1   O  N N 305 
SO4 O2   O  N N 306 
SO4 O3   O  N N 307 
SO4 O4   O  N N 308 
THR N    N  N N 309 
THR CA   C  N S 310 
THR C    C  N N 311 
THR O    O  N N 312 
THR CB   C  N R 313 
THR OG1  O  N N 314 
THR CG2  C  N N 315 
THR OXT  O  N N 316 
THR H    H  N N 317 
THR H2   H  N N 318 
THR HA   H  N N 319 
THR HB   H  N N 320 
THR HG1  H  N N 321 
THR HG21 H  N N 322 
THR HG22 H  N N 323 
THR HG23 H  N N 324 
THR HXT  H  N N 325 
TRP N    N  N N 326 
TRP CA   C  N S 327 
TRP C    C  N N 328 
TRP O    O  N N 329 
TRP CB   C  N N 330 
TRP CG   C  Y N 331 
TRP CD1  C  Y N 332 
TRP CD2  C  Y N 333 
TRP NE1  N  Y N 334 
TRP CE2  C  Y N 335 
TRP CE3  C  Y N 336 
TRP CZ2  C  Y N 337 
TRP CZ3  C  Y N 338 
TRP CH2  C  Y N 339 
TRP OXT  O  N N 340 
TRP H    H  N N 341 
TRP H2   H  N N 342 
TRP HA   H  N N 343 
TRP HB2  H  N N 344 
TRP HB3  H  N N 345 
TRP HD1  H  N N 346 
TRP HE1  H  N N 347 
TRP HE3  H  N N 348 
TRP HZ2  H  N N 349 
TRP HZ3  H  N N 350 
TRP HH2  H  N N 351 
TRP HXT  H  N N 352 
TYR N    N  N N 353 
TYR CA   C  N S 354 
TYR C    C  N N 355 
TYR O    O  N N 356 
TYR CB   C  N N 357 
TYR CG   C  Y N 358 
TYR CD1  C  Y N 359 
TYR CD2  C  Y N 360 
TYR CE1  C  Y N 361 
TYR CE2  C  Y N 362 
TYR CZ   C  Y N 363 
TYR OH   O  N N 364 
TYR OXT  O  N N 365 
TYR H    H  N N 366 
TYR H2   H  N N 367 
TYR HA   H  N N 368 
TYR HB2  H  N N 369 
TYR HB3  H  N N 370 
TYR HD1  H  N N 371 
TYR HD2  H  N N 372 
TYR HE1  H  N N 373 
TYR HE2  H  N N 374 
TYR HH   H  N N 375 
TYR HXT  H  N N 376 
VAL N    N  N N 377 
VAL CA   C  N S 378 
VAL C    C  N N 379 
VAL O    O  N N 380 
VAL CB   C  N N 381 
VAL CG1  C  N N 382 
VAL CG2  C  N N 383 
VAL OXT  O  N N 384 
VAL H    H  N N 385 
VAL H2   H  N N 386 
VAL HA   H  N N 387 
VAL HB   H  N N 388 
VAL HG11 H  N N 389 
VAL HG12 H  N N 390 
VAL HG13 H  N N 391 
VAL HG21 H  N N 392 
VAL HG22 H  N N 393 
VAL HG23 H  N N 394 
VAL HXT  H  N N 395 
# 
loop_
_chem_comp_bond.comp_id 
_chem_comp_bond.atom_id_1 
_chem_comp_bond.atom_id_2 
_chem_comp_bond.value_order 
_chem_comp_bond.pdbx_aromatic_flag 
_chem_comp_bond.pdbx_stereo_config 
_chem_comp_bond.pdbx_ordinal 
ALA N   CA   sing N N 1   
ALA N   H    sing N N 2   
ALA N   H2   sing N N 3   
ALA CA  C    sing N N 4   
ALA CA  CB   sing N N 5   
ALA CA  HA   sing N N 6   
ALA C   O    doub N N 7   
ALA C   OXT  sing N N 8   
ALA CB  HB1  sing N N 9   
ALA CB  HB2  sing N N 10  
ALA CB  HB3  sing N N 11  
ALA OXT HXT  sing N N 12  
ARG N   CA   sing N N 13  
ARG N   H    sing N N 14  
ARG N   H2   sing N N 15  
ARG CA  C    sing N N 16  
ARG CA  CB   sing N N 17  
ARG CA  HA   sing N N 18  
ARG C   O    doub N N 19  
ARG C   OXT  sing N N 20  
ARG CB  CG   sing N N 21  
ARG CB  HB2  sing N N 22  
ARG CB  HB3  sing N N 23  
ARG CG  CD   sing N N 24  
ARG CG  HG2  sing N N 25  
ARG CG  HG3  sing N N 26  
ARG CD  NE   sing N N 27  
ARG CD  HD2  sing N N 28  
ARG CD  HD3  sing N N 29  
ARG NE  CZ   sing N N 30  
ARG NE  HE   sing N N 31  
ARG CZ  NH1  sing N N 32  
ARG CZ  NH2  doub N N 33  
ARG NH1 HH11 sing N N 34  
ARG NH1 HH12 sing N N 35  
ARG NH2 HH21 sing N N 36  
ARG NH2 HH22 sing N N 37  
ARG OXT HXT  sing N N 38  
ASN N   CA   sing N N 39  
ASN N   H    sing N N 40  
ASN N   H2   sing N N 41  
ASN CA  C    sing N N 42  
ASN CA  CB   sing N N 43  
ASN CA  HA   sing N N 44  
ASN C   O    doub N N 45  
ASN C   OXT  sing N N 46  
ASN CB  CG   sing N N 47  
ASN CB  HB2  sing N N 48  
ASN CB  HB3  sing N N 49  
ASN CG  OD1  doub N N 50  
ASN CG  ND2  sing N N 51  
ASN ND2 HD21 sing N N 52  
ASN ND2 HD22 sing N N 53  
ASN OXT HXT  sing N N 54  
ASP N   CA   sing N N 55  
ASP N   H    sing N N 56  
ASP N   H2   sing N N 57  
ASP CA  C    sing N N 58  
ASP CA  CB   sing N N 59  
ASP CA  HA   sing N N 60  
ASP C   O    doub N N 61  
ASP C   OXT  sing N N 62  
ASP CB  CG   sing N N 63  
ASP CB  HB2  sing N N 64  
ASP CB  HB3  sing N N 65  
ASP CG  OD1  doub N N 66  
ASP CG  OD2  sing N N 67  
ASP OD2 HD2  sing N N 68  
ASP OXT HXT  sing N N 69  
CYS N   CA   sing N N 70  
CYS N   H    sing N N 71  
CYS N   H2   sing N N 72  
CYS CA  C    sing N N 73  
CYS CA  CB   sing N N 74  
CYS CA  HA   sing N N 75  
CYS C   O    doub N N 76  
CYS C   OXT  sing N N 77  
CYS CB  SG   sing N N 78  
CYS CB  HB2  sing N N 79  
CYS CB  HB3  sing N N 80  
CYS SG  HG   sing N N 81  
CYS OXT HXT  sing N N 82  
GLN N   CA   sing N N 83  
GLN N   H    sing N N 84  
GLN N   H2   sing N N 85  
GLN CA  C    sing N N 86  
GLN CA  CB   sing N N 87  
GLN CA  HA   sing N N 88  
GLN C   O    doub N N 89  
GLN C   OXT  sing N N 90  
GLN CB  CG   sing N N 91  
GLN CB  HB2  sing N N 92  
GLN CB  HB3  sing N N 93  
GLN CG  CD   sing N N 94  
GLN CG  HG2  sing N N 95  
GLN CG  HG3  sing N N 96  
GLN CD  OE1  doub N N 97  
GLN CD  NE2  sing N N 98  
GLN NE2 HE21 sing N N 99  
GLN NE2 HE22 sing N N 100 
GLN OXT HXT  sing N N 101 
GLU N   CA   sing N N 102 
GLU N   H    sing N N 103 
GLU N   H2   sing N N 104 
GLU CA  C    sing N N 105 
GLU CA  CB   sing N N 106 
GLU CA  HA   sing N N 107 
GLU C   O    doub N N 108 
GLU C   OXT  sing N N 109 
GLU CB  CG   sing N N 110 
GLU CB  HB2  sing N N 111 
GLU CB  HB3  sing N N 112 
GLU CG  CD   sing N N 113 
GLU CG  HG2  sing N N 114 
GLU CG  HG3  sing N N 115 
GLU CD  OE1  doub N N 116 
GLU CD  OE2  sing N N 117 
GLU OE2 HE2  sing N N 118 
GLU OXT HXT  sing N N 119 
GLY N   CA   sing N N 120 
GLY N   H    sing N N 121 
GLY N   H2   sing N N 122 
GLY CA  C    sing N N 123 
GLY CA  HA2  sing N N 124 
GLY CA  HA3  sing N N 125 
GLY C   O    doub N N 126 
GLY C   OXT  sing N N 127 
GLY OXT HXT  sing N N 128 
HIS N   CA   sing N N 129 
HIS N   H    sing N N 130 
HIS N   H2   sing N N 131 
HIS CA  C    sing N N 132 
HIS CA  CB   sing N N 133 
HIS CA  HA   sing N N 134 
HIS C   O    doub N N 135 
HIS C   OXT  sing N N 136 
HIS CB  CG   sing N N 137 
HIS CB  HB2  sing N N 138 
HIS CB  HB3  sing N N 139 
HIS CG  ND1  sing Y N 140 
HIS CG  CD2  doub Y N 141 
HIS ND1 CE1  doub Y N 142 
HIS ND1 HD1  sing N N 143 
HIS CD2 NE2  sing Y N 144 
HIS CD2 HD2  sing N N 145 
HIS CE1 NE2  sing Y N 146 
HIS CE1 HE1  sing N N 147 
HIS NE2 HE2  sing N N 148 
HIS OXT HXT  sing N N 149 
HOH O   H1   sing N N 150 
HOH O   H2   sing N N 151 
ILE N   CA   sing N N 152 
ILE N   H    sing N N 153 
ILE N   H2   sing N N 154 
ILE CA  C    sing N N 155 
ILE CA  CB   sing N N 156 
ILE CA  HA   sing N N 157 
ILE C   O    doub N N 158 
ILE C   OXT  sing N N 159 
ILE CB  CG1  sing N N 160 
ILE CB  CG2  sing N N 161 
ILE CB  HB   sing N N 162 
ILE CG1 CD1  sing N N 163 
ILE CG1 HG12 sing N N 164 
ILE CG1 HG13 sing N N 165 
ILE CG2 HG21 sing N N 166 
ILE CG2 HG22 sing N N 167 
ILE CG2 HG23 sing N N 168 
ILE CD1 HD11 sing N N 169 
ILE CD1 HD12 sing N N 170 
ILE CD1 HD13 sing N N 171 
ILE OXT HXT  sing N N 172 
LEU N   CA   sing N N 173 
LEU N   H    sing N N 174 
LEU N   H2   sing N N 175 
LEU CA  C    sing N N 176 
LEU CA  CB   sing N N 177 
LEU CA  HA   sing N N 178 
LEU C   O    doub N N 179 
LEU C   OXT  sing N N 180 
LEU CB  CG   sing N N 181 
LEU CB  HB2  sing N N 182 
LEU CB  HB3  sing N N 183 
LEU CG  CD1  sing N N 184 
LEU CG  CD2  sing N N 185 
LEU CG  HG   sing N N 186 
LEU CD1 HD11 sing N N 187 
LEU CD1 HD12 sing N N 188 
LEU CD1 HD13 sing N N 189 
LEU CD2 HD21 sing N N 190 
LEU CD2 HD22 sing N N 191 
LEU CD2 HD23 sing N N 192 
LEU OXT HXT  sing N N 193 
LYS N   CA   sing N N 194 
LYS N   H    sing N N 195 
LYS N   H2   sing N N 196 
LYS CA  C    sing N N 197 
LYS CA  CB   sing N N 198 
LYS CA  HA   sing N N 199 
LYS C   O    doub N N 200 
LYS C   OXT  sing N N 201 
LYS CB  CG   sing N N 202 
LYS CB  HB2  sing N N 203 
LYS CB  HB3  sing N N 204 
LYS CG  CD   sing N N 205 
LYS CG  HG2  sing N N 206 
LYS CG  HG3  sing N N 207 
LYS CD  CE   sing N N 208 
LYS CD  HD2  sing N N 209 
LYS CD  HD3  sing N N 210 
LYS CE  NZ   sing N N 211 
LYS CE  HE2  sing N N 212 
LYS CE  HE3  sing N N 213 
LYS NZ  HZ1  sing N N 214 
LYS NZ  HZ2  sing N N 215 
LYS NZ  HZ3  sing N N 216 
LYS OXT HXT  sing N N 217 
MSE N   CA   sing N N 218 
MSE N   H    sing N N 219 
MSE N   H2   sing N N 220 
MSE CA  C    sing N N 221 
MSE CA  CB   sing N N 222 
MSE CA  HA   sing N N 223 
MSE C   O    doub N N 224 
MSE C   OXT  sing N N 225 
MSE OXT HXT  sing N N 226 
MSE CB  CG   sing N N 227 
MSE CB  HB2  sing N N 228 
MSE CB  HB3  sing N N 229 
MSE CG  SE   sing N N 230 
MSE CG  HG2  sing N N 231 
MSE CG  HG3  sing N N 232 
MSE SE  CE   sing N N 233 
MSE CE  HE1  sing N N 234 
MSE CE  HE2  sing N N 235 
MSE CE  HE3  sing N N 236 
PHE N   CA   sing N N 237 
PHE N   H    sing N N 238 
PHE N   H2   sing N N 239 
PHE CA  C    sing N N 240 
PHE CA  CB   sing N N 241 
PHE CA  HA   sing N N 242 
PHE C   O    doub N N 243 
PHE C   OXT  sing N N 244 
PHE CB  CG   sing N N 245 
PHE CB  HB2  sing N N 246 
PHE CB  HB3  sing N N 247 
PHE CG  CD1  doub Y N 248 
PHE CG  CD2  sing Y N 249 
PHE CD1 CE1  sing Y N 250 
PHE CD1 HD1  sing N N 251 
PHE CD2 CE2  doub Y N 252 
PHE CD2 HD2  sing N N 253 
PHE CE1 CZ   doub Y N 254 
PHE CE1 HE1  sing N N 255 
PHE CE2 CZ   sing Y N 256 
PHE CE2 HE2  sing N N 257 
PHE CZ  HZ   sing N N 258 
PHE OXT HXT  sing N N 259 
PRO N   CA   sing N N 260 
PRO N   CD   sing N N 261 
PRO N   H    sing N N 262 
PRO CA  C    sing N N 263 
PRO CA  CB   sing N N 264 
PRO CA  HA   sing N N 265 
PRO C   O    doub N N 266 
PRO C   OXT  sing N N 267 
PRO CB  CG   sing N N 268 
PRO CB  HB2  sing N N 269 
PRO CB  HB3  sing N N 270 
PRO CG  CD   sing N N 271 
PRO CG  HG2  sing N N 272 
PRO CG  HG3  sing N N 273 
PRO CD  HD2  sing N N 274 
PRO CD  HD3  sing N N 275 
PRO OXT HXT  sing N N 276 
SER N   CA   sing N N 277 
SER N   H    sing N N 278 
SER N   H2   sing N N 279 
SER CA  C    sing N N 280 
SER CA  CB   sing N N 281 
SER CA  HA   sing N N 282 
SER C   O    doub N N 283 
SER C   OXT  sing N N 284 
SER CB  OG   sing N N 285 
SER CB  HB2  sing N N 286 
SER CB  HB3  sing N N 287 
SER OG  HG   sing N N 288 
SER OXT HXT  sing N N 289 
SO4 S   O1   doub N N 290 
SO4 S   O2   doub N N 291 
SO4 S   O3   sing N N 292 
SO4 S   O4   sing N N 293 
THR N   CA   sing N N 294 
THR N   H    sing N N 295 
THR N   H2   sing N N 296 
THR CA  C    sing N N 297 
THR CA  CB   sing N N 298 
THR CA  HA   sing N N 299 
THR C   O    doub N N 300 
THR C   OXT  sing N N 301 
THR CB  OG1  sing N N 302 
THR CB  CG2  sing N N 303 
THR CB  HB   sing N N 304 
THR OG1 HG1  sing N N 305 
THR CG2 HG21 sing N N 306 
THR CG2 HG22 sing N N 307 
THR CG2 HG23 sing N N 308 
THR OXT HXT  sing N N 309 
TRP N   CA   sing N N 310 
TRP N   H    sing N N 311 
TRP N   H2   sing N N 312 
TRP CA  C    sing N N 313 
TRP CA  CB   sing N N 314 
TRP CA  HA   sing N N 315 
TRP C   O    doub N N 316 
TRP C   OXT  sing N N 317 
TRP CB  CG   sing N N 318 
TRP CB  HB2  sing N N 319 
TRP CB  HB3  sing N N 320 
TRP CG  CD1  doub Y N 321 
TRP CG  CD2  sing Y N 322 
TRP CD1 NE1  sing Y N 323 
TRP CD1 HD1  sing N N 324 
TRP CD2 CE2  doub Y N 325 
TRP CD2 CE3  sing Y N 326 
TRP NE1 CE2  sing Y N 327 
TRP NE1 HE1  sing N N 328 
TRP CE2 CZ2  sing Y N 329 
TRP CE3 CZ3  doub Y N 330 
TRP CE3 HE3  sing N N 331 
TRP CZ2 CH2  doub Y N 332 
TRP CZ2 HZ2  sing N N 333 
TRP CZ3 CH2  sing Y N 334 
TRP CZ3 HZ3  sing N N 335 
TRP CH2 HH2  sing N N 336 
TRP OXT HXT  sing N N 337 
TYR N   CA   sing N N 338 
TYR N   H    sing N N 339 
TYR N   H2   sing N N 340 
TYR CA  C    sing N N 341 
TYR CA  CB   sing N N 342 
TYR CA  HA   sing N N 343 
TYR C   O    doub N N 344 
TYR C   OXT  sing N N 345 
TYR CB  CG   sing N N 346 
TYR CB  HB2  sing N N 347 
TYR CB  HB3  sing N N 348 
TYR CG  CD1  doub Y N 349 
TYR CG  CD2  sing Y N 350 
TYR CD1 CE1  sing Y N 351 
TYR CD1 HD1  sing N N 352 
TYR CD2 CE2  doub Y N 353 
TYR CD2 HD2  sing N N 354 
TYR CE1 CZ   doub Y N 355 
TYR CE1 HE1  sing N N 356 
TYR CE2 CZ   sing Y N 357 
TYR CE2 HE2  sing N N 358 
TYR CZ  OH   sing N N 359 
TYR OH  HH   sing N N 360 
TYR OXT HXT  sing N N 361 
VAL N   CA   sing N N 362 
VAL N   H    sing N N 363 
VAL N   H2   sing N N 364 
VAL CA  C    sing N N 365 
VAL CA  CB   sing N N 366 
VAL CA  HA   sing N N 367 
VAL C   O    doub N N 368 
VAL C   OXT  sing N N 369 
VAL CB  CG1  sing N N 370 
VAL CB  CG2  sing N N 371 
VAL CB  HB   sing N N 372 
VAL CG1 HG11 sing N N 373 
VAL CG1 HG12 sing N N 374 
VAL CG1 HG13 sing N N 375 
VAL CG2 HG21 sing N N 376 
VAL CG2 HG22 sing N N 377 
VAL CG2 HG23 sing N N 378 
VAL OXT HXT  sing N N 379 
# 
_atom_sites.entry_id                    2RAA 
_atom_sites.fract_transf_matrix[1][1]   0.00113873 
_atom_sites.fract_transf_matrix[1][2]   0.01353763 
_atom_sites.fract_transf_matrix[1][3]   0.01097871 
_atom_sites.fract_transf_matrix[2][1]   -0.01446506 
_atom_sites.fract_transf_matrix[2][2]   -0.00540417 
_atom_sites.fract_transf_matrix[2][3]   0.00816412 
_atom_sites.fract_transf_matrix[3][1]   0.00378348 
_atom_sites.fract_transf_matrix[3][2]   -0.00374452 
_atom_sites.fract_transf_matrix[3][3]   0.00422486 
_atom_sites.fract_transf_vector[1]      0.214889 
_atom_sites.fract_transf_vector[2]      0.320364 
_atom_sites.fract_transf_vector[3]      0.389920 
# 
loop_
_atom_type.symbol 
C  
N  
O  
S  
SE 
# 
loop_
_atom_site.group_PDB 
_atom_site.id 
_atom_site.type_symbol 
_atom_site.label_atom_id 
_atom_site.label_alt_id 
_atom_site.label_comp_id 
_atom_site.label_asym_id 
_atom_site.label_entity_id 
_atom_site.label_seq_id 
_atom_site.pdbx_PDB_ins_code 
_atom_site.Cartn_x 
_atom_site.Cartn_y 
_atom_site.Cartn_z 
_atom_site.occupancy 
_atom_site.B_iso_or_equiv 
_atom_site.pdbx_formal_charge 
_atom_site.auth_seq_id 
_atom_site.auth_comp_id 
_atom_site.auth_asym_id 
_atom_site.auth_atom_id 
_atom_site.pdbx_PDB_model_num 
ATOM   1    N  N   . LYS A 1 17  ? -4.188  5.210   19.390  1.00 77.80  ? 5   LYS A N   1 
ATOM   2    C  CA  . LYS A 1 17  ? -3.525  6.555   19.410  1.00 75.44  ? 5   LYS A CA  1 
ATOM   3    C  C   . LYS A 1 17  ? -1.983  6.406   19.343  1.00 76.03  ? 5   LYS A C   1 
ATOM   4    O  O   . LYS A 1 17  ? -1.340  7.223   18.675  1.00 77.38  ? 5   LYS A O   1 
ATOM   5    C  CB  . LYS A 1 17  ? -3.962  7.388   20.643  1.00 75.48  ? 5   LYS A CB  1 
ATOM   6    N  N   . LYS A 1 18  ? -1.415  5.363   19.993  1.00 73.53  ? 6   LYS A N   1 
ATOM   7    C  CA  . LYS A 1 18  ? 0.068   5.133   20.092  1.00 69.74  ? 6   LYS A CA  1 
ATOM   8    C  C   . LYS A 1 18  ? 0.725   4.533   18.825  1.00 62.67  ? 6   LYS A C   1 
ATOM   9    O  O   . LYS A 1 18  ? 1.949   4.581   18.677  1.00 59.18  ? 6   LYS A O   1 
ATOM   10   C  CB  . LYS A 1 18  ? 0.400   4.244   21.305  1.00 70.14  ? 6   LYS A CB  1 
ATOM   11   N  N   . TYR A 1 19  ? -0.100  3.992   17.925  1.00 58.16  ? 7   TYR A N   1 
ATOM   12   C  CA  A TYR A 1 19  ? 0.326   3.340   16.682  0.50 55.61  ? 7   TYR A CA  1 
ATOM   13   C  CA  B TYR A 1 19  ? 0.397   3.462   16.661  0.50 55.72  ? 7   TYR A CA  1 
ATOM   14   C  C   . TYR A 1 19  ? -0.525  3.860   15.509  1.00 54.58  ? 7   TYR A C   1 
ATOM   15   O  O   . TYR A 1 19  ? -1.748  3.975   15.639  1.00 50.90  ? 7   TYR A O   1 
ATOM   16   C  CB  A TYR A 1 19  ? 0.171   1.790   16.803  0.50 55.47  ? 7   TYR A CB  1 
ATOM   17   C  CB  B TYR A 1 19  ? 0.601   1.936   16.717  0.50 56.59  ? 7   TYR A CB  1 
ATOM   18   C  CG  A TYR A 1 19  ? 1.288   1.090   17.575  0.50 54.56  ? 7   TYR A CG  1 
ATOM   19   C  CG  B TYR A 1 19  ? -0.634  1.186   17.096  0.50 53.67  ? 7   TYR A CG  1 
ATOM   20   C  CD1 A TYR A 1 19  ? 2.531   0.886   16.994  0.50 56.97  ? 7   TYR A CD1 1 
ATOM   21   C  CD1 B TYR A 1 19  ? -1.675  1.028   16.187  0.50 58.78  ? 7   TYR A CD1 1 
ATOM   22   C  CD2 A TYR A 1 19  ? 1.108   0.643   18.879  0.50 58.73  ? 7   TYR A CD2 1 
ATOM   23   C  CD2 B TYR A 1 19  ? -0.781  0.641   18.367  0.50 56.44  ? 7   TYR A CD2 1 
ATOM   24   C  CE1 A TYR A 1 19  ? 3.592   0.272   17.690  0.50 55.08  ? 7   TYR A CE1 1 
ATOM   25   C  CE1 B TYR A 1 19  ? -2.838  0.351   16.532  0.50 57.96  ? 7   TYR A CE1 1 
ATOM   26   C  CE2 A TYR A 1 19  ? 2.163   0.012   19.587  0.50 59.61  ? 7   TYR A CE2 1 
ATOM   27   C  CE2 B TYR A 1 19  ? -1.949  -0.038  18.724  0.50 56.59  ? 7   TYR A CE2 1 
ATOM   28   C  CZ  A TYR A 1 19  ? 3.404   -0.166  18.976  0.50 55.83  ? 7   TYR A CZ  1 
ATOM   29   C  CZ  B TYR A 1 19  ? -2.963  -0.178  17.793  0.50 54.64  ? 7   TYR A CZ  1 
ATOM   30   O  OH  A TYR A 1 19  ? 4.458   -0.788  19.636  0.50 50.05  ? 7   TYR A OH  1 
ATOM   31   O  OH  B TYR A 1 19  ? -4.100  -0.848  18.113  0.50 59.32  ? 7   TYR A OH  1 
ATOM   32   N  N   . PHE A 1 20  ? 0.108   4.148   14.375  1.00 51.78  ? 8   PHE A N   1 
ATOM   33   C  CA  . PHE A 1 20  ? -0.583  4.494   13.139  1.00 52.46  ? 8   PHE A CA  1 
ATOM   34   C  C   . PHE A 1 20  ? -0.837  3.153   12.441  1.00 51.85  ? 8   PHE A C   1 
ATOM   35   O  O   . PHE A 1 20  ? 0.045   2.304   12.328  1.00 53.13  ? 8   PHE A O   1 
ATOM   36   C  CB  . PHE A 1 20  ? 0.305   5.403   12.255  1.00 51.40  ? 8   PHE A CB  1 
ATOM   37   C  CG  . PHE A 1 20  ? -0.364  5.895   11.004  1.00 50.52  ? 8   PHE A CG  1 
ATOM   38   C  CD1 . PHE A 1 20  ? -1.142  7.013   11.030  1.00 46.93  ? 8   PHE A CD1 1 
ATOM   39   C  CD2 . PHE A 1 20  ? -0.216  5.230   9.805   1.00 53.61  ? 8   PHE A CD2 1 
ATOM   40   C  CE1 . PHE A 1 20  ? -1.756  7.468   9.898   1.00 50.08  ? 8   PHE A CE1 1 
ATOM   41   C  CE2 . PHE A 1 20  ? -0.857  5.684   8.669   1.00 54.75  ? 8   PHE A CE2 1 
ATOM   42   C  CZ  . PHE A 1 20  ? -1.614  6.818   8.727   1.00 37.66  ? 8   PHE A CZ  1 
ATOM   43   N  N   . GLU A 1 21  ? -2.044  2.969   11.947  1.00 52.28  ? 9   GLU A N   1 
ATOM   44   C  CA  . GLU A 1 21  ? -2.431  1.686   11.457  1.00 54.28  ? 9   GLU A CA  1 
ATOM   45   C  C   . GLU A 1 21  ? -2.923  1.645   10.014  1.00 52.13  ? 9   GLU A C   1 
ATOM   46   O  O   . GLU A 1 21  ? -3.737  2.445   9.629   1.00 54.04  ? 9   GLU A O   1 
ATOM   47   C  CB  . GLU A 1 21  ? -3.524  1.187   12.366  1.00 55.60  ? 9   GLU A CB  1 
ATOM   48   C  CG  . GLU A 1 21  ? -3.856  -0.251  12.104  1.00 66.17  ? 9   GLU A CG  1 
ATOM   49   C  CD  . GLU A 1 21  ? -4.992  -0.730  12.957  1.00 83.50  ? 9   GLU A CD  1 
ATOM   50   O  OE1 . GLU A 1 21  ? -5.005  -0.400  14.180  1.00 86.79  ? 9   GLU A OE1 1 
ATOM   51   O  OE2 . GLU A 1 21  ? -5.864  -1.422  12.373  1.00 92.05  ? 9   GLU A OE2 1 
ATOM   52   N  N   . ILE A 1 22  ? -2.482  0.628   9.272   1.00 49.63  ? 10  ILE A N   1 
ATOM   53   C  CA  . ILE A 1 22  ? -2.770  0.467   7.868   1.00 45.92  ? 10  ILE A CA  1 
ATOM   54   C  C   . ILE A 1 22  ? -3.259  -0.956  7.574   1.00 47.06  ? 10  ILE A C   1 
ATOM   55   O  O   . ILE A 1 22  ? -2.666  -1.907  8.027   1.00 46.53  ? 10  ILE A O   1 
ATOM   56   C  CB  . ILE A 1 22  ? -1.486  0.654   7.071   1.00 46.80  ? 10  ILE A CB  1 
ATOM   57   C  CG1 . ILE A 1 22  ? -0.897  2.064   7.347   1.00 47.73  ? 10  ILE A CG1 1 
ATOM   58   C  CG2 . ILE A 1 22  ? -1.774  0.432   5.583   1.00 39.64  ? 10  ILE A CG2 1 
ATOM   59   C  CD1 . ILE A 1 22  ? 0.601   2.139   7.215   1.00 52.07  ? 10  ILE A CD1 1 
ATOM   60   N  N   . ARG A 1 23  ? -4.337  -1.107  6.821   1.00 46.87  ? 11  ARG A N   1 
ATOM   61   C  CA  . ARG A 1 23  ? -4.860  -2.439  6.521   1.00 49.06  ? 11  ARG A CA  1 
ATOM   62   C  C   . ARG A 1 23  ? -4.893  -2.591  5.019   1.00 46.98  ? 11  ARG A C   1 
ATOM   63   O  O   . ARG A 1 23  ? -5.431  -1.755  4.331   1.00 46.24  ? 11  ARG A O   1 
ATOM   64   C  CB  . ARG A 1 23  ? -6.258  -2.630  7.078   1.00 51.29  ? 11  ARG A CB  1 
ATOM   65   C  CG  . ARG A 1 23  ? -6.837  -4.031  6.824   1.00 50.66  ? 11  ARG A CG  1 
ATOM   66   C  CD  . ARG A 1 23  ? -8.187  -4.151  7.520   1.00 56.70  ? 11  ARG A CD  1 
ATOM   67   N  NE  . ARG A 1 23  ? -9.201  -3.364  6.846   1.00 51.66  ? 11  ARG A NE  1 
ATOM   68   C  CZ  . ARG A 1 23  ? -10.331 -2.950  7.397   1.00 51.55  ? 11  ARG A CZ  1 
ATOM   69   N  NH1 . ARG A 1 23  ? -10.620 -3.191  8.674   1.00 58.25  ? 11  ARG A NH1 1 
ATOM   70   N  NH2 . ARG A 1 23  ? -11.167 -2.255  6.657   1.00 56.58  ? 11  ARG A NH2 1 
ATOM   71   N  N   . TRP A 1 24  ? -4.304  -3.662  4.530   1.00 45.77  ? 12  TRP A N   1 
ATOM   72   C  CA  . TRP A 1 24  ? -4.147  -3.860  3.098   1.00 46.22  ? 12  TRP A CA  1 
ATOM   73   C  C   . TRP A 1 24  ? -5.091  -4.905  2.660   1.00 48.24  ? 12  TRP A C   1 
ATOM   74   O  O   . TRP A 1 24  ? -5.269  -5.882  3.393   1.00 49.23  ? 12  TRP A O   1 
ATOM   75   C  CB  . TRP A 1 24  ? -2.775  -4.453  2.767   1.00 45.54  ? 12  TRP A CB  1 
ATOM   76   C  CG  . TRP A 1 24  ? -1.647  -3.641  3.146   1.00 46.30  ? 12  TRP A CG  1 
ATOM   77   C  CD1 . TRP A 1 24  ? -1.210  -3.426  4.400   1.00 47.24  ? 12  TRP A CD1 1 
ATOM   78   C  CD2 . TRP A 1 24  ? -0.723  -2.973  2.264   1.00 44.83  ? 12  TRP A CD2 1 
ATOM   79   N  NE1 . TRP A 1 24  ? -0.081  -2.651  4.374   1.00 40.03  ? 12  TRP A NE1 1 
ATOM   80   C  CE2 . TRP A 1 24  ? 0.217   -2.324  3.079   1.00 48.29  ? 12  TRP A CE2 1 
ATOM   81   C  CE3 . TRP A 1 24  ? -0.634  -2.829  0.876   1.00 44.72  ? 12  TRP A CE3 1 
ATOM   82   C  CZ2 . TRP A 1 24  ? 1.252   -1.543  2.556   1.00 42.98  ? 12  TRP A CZ2 1 
ATOM   83   C  CZ3 . TRP A 1 24  ? 0.390   -2.059  0.342   1.00 52.22  ? 12  TRP A CZ3 1 
ATOM   84   C  CH2 . TRP A 1 24  ? 1.317   -1.417  1.175   1.00 47.63  ? 12  TRP A CH2 1 
ATOM   85   N  N   . HIS A 1 25  ? -5.603  -4.767  1.432   1.00 47.98  ? 13  HIS A N   1 
ATOM   86   C  CA  . HIS A 1 25  ? -6.460  -5.782  0.823   1.00 47.87  ? 13  HIS A CA  1 
ATOM   87   C  C   . HIS A 1 25  ? -5.940  -6.077  -0.570  1.00 49.79  ? 13  HIS A C   1 
ATOM   88   O  O   . HIS A 1 25  ? -5.788  -5.189  -1.389  1.00 48.36  ? 13  HIS A O   1 
ATOM   89   C  CB  . HIS A 1 25  ? -7.893  -5.318  0.748   1.00 46.35  ? 13  HIS A CB  1 
ATOM   90   C  CG  . HIS A 1 25  ? -8.489  -5.044  2.085   1.00 48.80  ? 13  HIS A CG  1 
ATOM   91   N  ND1 . HIS A 1 25  ? -9.297  -5.950  2.737   1.00 46.77  ? 13  HIS A ND1 1 
ATOM   92   C  CD2 . HIS A 1 25  ? -8.370  -3.975  2.908   1.00 50.72  ? 13  HIS A CD2 1 
ATOM   93   C  CE1 . HIS A 1 25  ? -9.664  -5.441  3.901   1.00 54.79  ? 13  HIS A CE1 1 
ATOM   94   N  NE2 . HIS A 1 25  ? -9.109  -4.247  4.033   1.00 53.27  ? 13  HIS A NE2 1 
ATOM   95   N  N   . GLY A 1 26  ? -5.648  -7.341  -0.805  1.00 50.76  ? 14  GLY A N   1 
ATOM   96   C  CA  . GLY A 1 26  ? -5.167  -7.810  -2.071  1.00 53.56  ? 14  GLY A CA  1 
ATOM   97   C  C   . GLY A 1 26  ? -5.511  -9.281  -2.124  1.00 54.14  ? 14  GLY A C   1 
ATOM   98   O  O   . GLY A 1 26  ? -6.108  -9.813  -1.190  1.00 53.98  ? 14  GLY A O   1 
ATOM   99   N  N   . ARG A 1 27  ? -5.136  -9.911  -3.229  1.00 56.42  ? 15  ARG A N   1 
ATOM   100  C  CA  . ARG A 1 27  ? -5.325  -11.339 -3.452  1.00 58.34  ? 15  ARG A CA  1 
ATOM   101  C  C   . ARG A 1 27  ? -3.955  -12.006 -3.409  1.00 59.12  ? 15  ARG A C   1 
ATOM   102  O  O   . ARG A 1 27  ? -2.945  -11.405 -3.847  1.00 58.92  ? 15  ARG A O   1 
ATOM   103  C  CB  . ARG A 1 27  ? -5.925  -11.591 -4.843  1.00 58.35  ? 15  ARG A CB  1 
ATOM   104  C  CG  . ARG A 1 27  ? -7.301  -10.976 -5.122  1.00 58.39  ? 15  ARG A CG  1 
ATOM   105  C  CD  . ARG A 1 27  ? -7.829  -11.325 -6.547  1.00 61.43  ? 15  ARG A CD  1 
ATOM   106  N  NE  . ARG A 1 27  ? -9.146  -10.726 -6.801  1.00 62.25  ? 15  ARG A NE  1 
ATOM   107  C  CZ  . ARG A 1 27  ? -10.296 -11.197 -6.312  1.00 60.21  ? 15  ARG A CZ  1 
ATOM   108  N  NH1 . ARG A 1 27  ? -10.336 -12.283 -5.550  1.00 61.11  ? 15  ARG A NH1 1 
ATOM   109  N  NH2 . ARG A 1 27  ? -11.427 -10.574 -6.581  1.00 59.07  ? 15  ARG A NH2 1 
ATOM   110  N  N   . ALA A 1 28  ? -3.925  -13.240 -2.914  1.00 59.27  ? 16  ALA A N   1 
ATOM   111  C  CA  . ALA A 1 28  ? -2.709  -14.052 -2.915  1.00 61.15  ? 16  ALA A CA  1 
ATOM   112  C  C   . ALA A 1 28  ? -1.966  -13.944 -4.263  1.00 63.06  ? 16  ALA A C   1 
ATOM   113  O  O   . ALA A 1 28  ? -2.490  -14.375 -5.299  1.00 68.23  ? 16  ALA A O   1 
ATOM   114  C  CB  . ALA A 1 28  ? -3.056  -15.490 -2.637  1.00 59.50  ? 16  ALA A CB  1 
ATOM   115  N  N   . GLY A 1 29  ? -0.755  -13.377 -4.231  1.00 61.57  ? 17  GLY A N   1 
ATOM   116  C  CA  . GLY A 1 29  ? 0.100   -13.201 -5.402  1.00 59.02  ? 17  GLY A CA  1 
ATOM   117  C  C   . GLY A 1 29  ? 0.389   -11.755 -5.770  1.00 62.36  ? 17  GLY A C   1 
ATOM   118  O  O   . GLY A 1 29  ? 1.361   -11.471 -6.489  1.00 61.58  ? 17  GLY A O   1 
ATOM   119  N  N   . GLN A 1 30  ? -0.415  -10.822 -5.253  1.00 62.41  ? 18  GLN A N   1 
ATOM   120  C  CA  . GLN A 1 30  ? -0.289  -9.419  -5.620  1.00 62.96  ? 18  GLN A CA  1 
ATOM   121  C  C   . GLN A 1 30  ? 0.696   -8.628  -4.742  1.00 63.76  ? 18  GLN A C   1 
ATOM   122  O  O   . GLN A 1 30  ? 0.980   -7.444  -4.990  1.00 66.61  ? 18  GLN A O   1 
ATOM   123  C  CB  . GLN A 1 30  ? -1.679  -8.801  -5.626  1.00 64.50  ? 18  GLN A CB  1 
ATOM   124  C  CG  . GLN A 1 30  ? -2.573  -9.372  -6.699  1.00 64.81  ? 18  GLN A CG  1 
ATOM   125  C  CD  . GLN A 1 30  ? -4.024  -8.988  -6.533  1.00 71.78  ? 18  GLN A CD  1 
ATOM   126  O  OE1 . GLN A 1 30  ? -4.430  -8.489  -5.492  1.00 64.88  ? 18  GLN A OE1 1 
ATOM   127  N  NE2 . GLN A 1 30  ? -4.824  -9.247  -7.558  1.00 76.37  ? 18  GLN A NE2 1 
ATOM   128  N  N   . GLY A 1 31  ? 1.205   -9.271  -3.696  1.00 63.49  ? 19  GLY A N   1 
ATOM   129  C  CA  . GLY A 1 31  ? 2.299   -8.695  -2.915  1.00 61.23  ? 19  GLY A CA  1 
ATOM   130  C  C   . GLY A 1 31  ? 1.967   -7.805  -1.729  1.00 60.44  ? 19  GLY A C   1 
ATOM   131  O  O   . GLY A 1 31  ? 2.838   -7.056  -1.290  1.00 57.70  ? 19  GLY A O   1 
ATOM   132  N  N   . ALA A 1 32  ? 0.744   -7.908  -1.193  1.00 57.17  ? 20  ALA A N   1 
ATOM   133  C  CA  . ALA A 1 32  ? 0.345   -7.138  -0.027  1.00 55.95  ? 20  ALA A CA  1 
ATOM   134  C  C   . ALA A 1 32  ? 1.227   -7.525  1.145   1.00 55.24  ? 20  ALA A C   1 
ATOM   135  O  O   . ALA A 1 32  ? 1.682   -6.636  1.863   1.00 51.44  ? 20  ALA A O   1 
ATOM   136  C  CB  . ALA A 1 32  ? -1.157  -7.330  0.305   1.00 54.96  ? 20  ALA A CB  1 
ATOM   137  N  N   . LYS A 1 33  ? 1.548   -8.816  1.299   1.00 53.56  ? 21  LYS A N   1 
ATOM   138  C  CA  . LYS A 1 33  ? 2.347   -9.235  2.458   1.00 55.99  ? 21  LYS A CA  1 
ATOM   139  C  C   . LYS A 1 33  ? 3.763   -8.659  2.364   1.00 56.54  ? 21  LYS A C   1 
ATOM   140  O  O   . LYS A 1 33  ? 4.276   -8.072  3.326   1.00 54.70  ? 21  LYS A O   1 
ATOM   141  C  CB  . LYS A 1 33  ? 2.358   -10.769 2.609   1.00 58.01  ? 21  LYS A CB  1 
ATOM   142  C  CG  . LYS A 1 33  ? 3.372   -11.356 3.656   1.00 60.45  ? 21  LYS A CG  1 
ATOM   143  C  CD  . LYS A 1 33  ? 3.460   -12.908 3.634   1.00 58.01  ? 21  LYS A CD  1 
ATOM   144  N  N   . SER A 1 34  ? 4.394   -8.778  1.204   1.00 55.15  ? 22  SER A N   1 
ATOM   145  C  CA  . SER A 1 34  ? 5.745   -8.235  1.048   1.00 56.79  ? 22  SER A CA  1 
ATOM   146  C  C   . SER A 1 34  ? 5.801   -6.725  1.203   1.00 57.22  ? 22  SER A C   1 
ATOM   147  O  O   . SER A 1 34  ? 6.748   -6.206  1.793   1.00 59.63  ? 22  SER A O   1 
ATOM   148  C  CB  . SER A 1 34  ? 6.340   -8.641  -0.308  1.00 60.32  ? 22  SER A CB  1 
ATOM   149  O  OG  . SER A 1 34  ? 5.391   -8.444  -1.336  1.00 65.93  ? 22  SER A OG  1 
ATOM   150  N  N   . ALA A 1 35  ? 4.792   -6.014  0.690   1.00 55.91  ? 23  ALA A N   1 
ATOM   151  C  CA  . ALA A 1 35  ? 4.773   -4.551  0.739   1.00 53.68  ? 23  ALA A CA  1 
ATOM   152  C  C   . ALA A 1 35  ? 4.632   -4.096  2.186   1.00 51.82  ? 23  ALA A C   1 
ATOM   153  O  O   . ALA A 1 35  ? 5.314   -3.167  2.644   1.00 53.68  ? 23  ALA A O   1 
ATOM   154  C  CB  . ALA A 1 35  ? 3.633   -4.013  -0.123  1.00 55.89  ? 23  ALA A CB  1 
ATOM   155  N  N   . SER A 1 36  ? 3.719   -4.765  2.878   1.00 49.79  ? 24  SER A N   1 
ATOM   156  C  CA  . SER A 1 36  ? 3.512   -4.630  4.288   1.00 53.06  ? 24  SER A CA  1 
ATOM   157  C  C   . SER A 1 36  ? 4.832   -4.870  5.046   1.00 52.94  ? 24  SER A C   1 
ATOM   158  O  O   . SER A 1 36  ? 5.246   -4.044  5.869   1.00 48.49  ? 24  SER A O   1 
ATOM   159  C  CB  . SER A 1 36  ? 2.453   -5.630  4.701   1.00 51.93  ? 24  SER A CB  1 
ATOM   160  O  OG  . SER A 1 36  ? 2.286   -5.609  6.085   1.00 64.96  ? 24  SER A OG  1 
ATOM   161  N  N   . GLN A 1 37  ? 5.518   -5.971  4.745   1.00 52.13  ? 25  GLN A N   1 
ATOM   162  C  CA  . GLN A 1 37  ? 6.789   -6.254  5.406   1.00 53.76  ? 25  GLN A CA  1 
ATOM   163  C  C   . GLN A 1 37  ? 7.768   -5.140  5.211   1.00 55.88  ? 25  GLN A C   1 
ATOM   164  O  O   . GLN A 1 37  ? 8.378   -4.672  6.165   1.00 58.54  ? 25  GLN A O   1 
ATOM   165  C  CB  . GLN A 1 37  ? 7.415   -7.555  4.905   1.00 59.75  ? 25  GLN A CB  1 
ATOM   166  C  CG  . GLN A 1 37  ? 6.831   -8.809  5.571   1.00 68.74  ? 25  GLN A CG  1 
ATOM   167  C  CD  . GLN A 1 37  ? 7.342   -8.973  6.996   1.00 83.74  ? 25  GLN A CD  1 
ATOM   168  O  OE1 . GLN A 1 37  ? 8.553   -9.202  7.216   1.00 91.40  ? 25  GLN A OE1 1 
ATOM   169  N  NE2 . GLN A 1 37  ? 6.430   -8.841  7.977   1.00 77.27  ? 25  GLN A NE2 1 
HETATM 170  N  N   . MSE A 1 38  ? 7.888   -4.694  3.972   1.00 56.22  ? 26  MSE A N   1 
HETATM 171  C  CA  . MSE A 1 38  ? 8.876   -3.692  3.569   1.00 56.56  ? 26  MSE A CA  1 
HETATM 172  C  C   . MSE A 1 38  ? 8.677   -2.357  4.255   1.00 55.80  ? 26  MSE A C   1 
HETATM 173  O  O   . MSE A 1 38  ? 9.626   -1.665  4.642   1.00 51.87  ? 26  MSE A O   1 
HETATM 174  C  CB  . MSE A 1 38  ? 8.779   -3.514  2.048   1.00 59.12  ? 26  MSE A CB  1 
HETATM 175  C  CG  . MSE A 1 38  ? 10.045  -3.025  1.408   1.00 63.32  ? 26  MSE A CG  1 
HETATM 176  SE SE  . MSE A 1 38  ? 9.885   -2.797  -0.513  0.75 62.84  ? 26  MSE A SE  1 
HETATM 177  C  CE  . MSE A 1 38  ? 8.558   -4.157  -1.059  1.00 59.91  ? 26  MSE A CE  1 
ATOM   178  N  N   . LEU A 1 39  ? 7.412   -1.999  4.421   1.00 55.13  ? 27  LEU A N   1 
ATOM   179  C  CA  . LEU A 1 39  ? 7.083   -0.771  5.062   1.00 52.76  ? 27  LEU A CA  1 
ATOM   180  C  C   . LEU A 1 39  ? 7.547   -0.924  6.506   1.00 56.53  ? 27  LEU A C   1 
ATOM   181  O  O   . LEU A 1 39  ? 8.302   -0.106  7.013   1.00 53.79  ? 27  LEU A O   1 
ATOM   182  C  CB  . LEU A 1 39  ? 5.584   -0.548  4.974   1.00 51.99  ? 27  LEU A CB  1 
ATOM   183  C  CG  . LEU A 1 39  ? 5.085   0.615   5.791   1.00 49.93  ? 27  LEU A CG  1 
ATOM   184  C  CD1 . LEU A 1 39  ? 5.839   1.884   5.380   1.00 47.05  ? 27  LEU A CD1 1 
ATOM   185  C  CD2 . LEU A 1 39  ? 3.589   0.718   5.572   1.00 45.30  ? 27  LEU A CD2 1 
ATOM   186  N  N   . ALA A 1 40  ? 7.121   -2.016  7.144   1.00 56.50  ? 28  ALA A N   1 
ATOM   187  C  CA  . ALA A 1 40  ? 7.517   -2.323  8.520   1.00 55.16  ? 28  ALA A CA  1 
ATOM   188  C  C   . ALA A 1 40  ? 9.045   -2.283  8.627   1.00 52.64  ? 28  ALA A C   1 
ATOM   189  O  O   . ALA A 1 40  ? 9.618   -1.590  9.475   1.00 50.36  ? 28  ALA A O   1 
ATOM   190  C  CB  . ALA A 1 40  ? 6.945   -3.721  8.962   1.00 52.51  ? 28  ALA A CB  1 
ATOM   191  N  N   . GLU A 1 41  ? 9.708   -3.011  7.751   1.00 54.73  ? 29  GLU A N   1 
ATOM   192  C  CA  . GLU A 1 41  ? 11.195  -3.005  7.760   1.00 55.57  ? 29  GLU A CA  1 
ATOM   193  C  C   . GLU A 1 41  ? 11.778  -1.612  7.658   1.00 52.81  ? 29  GLU A C   1 
ATOM   194  O  O   . GLU A 1 41  ? 12.734  -1.298  8.356   1.00 58.65  ? 29  GLU A O   1 
ATOM   195  C  CB  . GLU A 1 41  ? 11.754  -3.963  6.712   1.00 56.34  ? 29  GLU A CB  1 
ATOM   196  C  CG  . GLU A 1 41  ? 11.897  -5.350  7.289   1.00 67.77  ? 29  GLU A CG  1 
ATOM   197  C  CD  . GLU A 1 41  ? 11.949  -6.461  6.272   1.00 84.00  ? 29  GLU A CD  1 
ATOM   198  O  OE1 . GLU A 1 41  ? 12.079  -6.180  5.049   1.00 94.09  ? 29  GLU A OE1 1 
ATOM   199  O  OE2 . GLU A 1 41  ? 11.845  -7.632  6.726   1.00 91.40  ? 29  GLU A OE2 1 
ATOM   200  N  N   . ALA A 1 42  ? 11.171  -0.749  6.856   1.00 54.15  ? 30  ALA A N   1 
ATOM   201  C  CA  . ALA A 1 42  ? 11.620  0.651   6.728   1.00 52.38  ? 30  ALA A CA  1 
ATOM   202  C  C   . ALA A 1 42  ? 11.504  1.414   8.024   1.00 54.84  ? 30  ALA A C   1 
ATOM   203  O  O   . ALA A 1 42  ? 12.404  2.177   8.397   1.00 57.77  ? 30  ALA A O   1 
ATOM   204  C  CB  . ALA A 1 42  ? 10.789  1.341   5.708   1.00 50.61  ? 30  ALA A CB  1 
ATOM   205  N  N   . ALA A 1 43  ? 10.361  1.269   8.696   1.00 55.47  ? 31  ALA A N   1 
ATOM   206  C  CA  . ALA A 1 43  ? 10.124  1.983   9.973   1.00 57.27  ? 31  ALA A CA  1 
ATOM   207  C  C   . ALA A 1 43  ? 11.035  1.443   11.087  1.00 55.29  ? 31  ALA A C   1 
ATOM   208  O  O   . ALA A 1 43  ? 11.434  2.182   11.998  1.00 55.38  ? 31  ALA A O   1 
ATOM   209  C  CB  . ALA A 1 43  ? 8.644   1.884   10.370  1.00 56.22  ? 31  ALA A CB  1 
ATOM   210  N  N   . LEU A 1 44  ? 11.359  0.150   10.996  1.00 57.10  ? 32  LEU A N   1 
ATOM   211  C  CA  . LEU A 1 44  ? 12.249  -0.516  11.975  1.00 58.98  ? 32  LEU A CA  1 
ATOM   212  C  C   . LEU A 1 44  ? 13.643  0.116   11.954  1.00 60.01  ? 32  LEU A C   1 
ATOM   213  O  O   . LEU A 1 44  ? 14.209  0.453   13.001  1.00 60.36  ? 32  LEU A O   1 
ATOM   214  C  CB  . LEU A 1 44  ? 12.359  -2.002  11.655  1.00 57.06  ? 32  LEU A CB  1 
ATOM   215  C  CG  . LEU A 1 44  ? 13.083  -2.900  12.661  1.00 59.75  ? 32  LEU A CG  1 
ATOM   216  C  CD1 . LEU A 1 44  ? 12.431  -2.876  14.052  1.00 43.89  ? 32  LEU A CD1 1 
ATOM   217  C  CD2 . LEU A 1 44  ? 13.125  -4.316  12.107  1.00 56.60  ? 32  LEU A CD2 1 
ATOM   218  N  N   . GLU A 1 45  ? 14.169  0.302   10.749  1.00 61.12  ? 33  GLU A N   1 
ATOM   219  C  CA  . GLU A 1 45  ? 15.478  0.939   10.570  1.00 62.77  ? 33  GLU A CA  1 
ATOM   220  C  C   . GLU A 1 45  ? 15.462  2.408   10.992  1.00 59.98  ? 33  GLU A C   1 
ATOM   221  O  O   . GLU A 1 45  ? 16.472  2.947   11.391  1.00 61.75  ? 33  GLU A O   1 
ATOM   222  C  CB  . GLU A 1 45  ? 15.970  0.736   9.153   1.00 61.50  ? 33  GLU A CB  1 
ATOM   223  C  CG  . GLU A 1 45  ? 16.187  -0.764  8.861   1.00 68.12  ? 33  GLU A CG  1 
ATOM   224  C  CD  . GLU A 1 45  ? 16.385  -1.109  7.392   1.00 71.05  ? 33  GLU A CD  1 
ATOM   225  O  OE1 . GLU A 1 45  ? 16.438  -0.201  6.520   1.00 90.35  ? 33  GLU A OE1 1 
ATOM   226  O  OE2 . GLU A 1 45  ? 16.496  -2.320  7.104   1.00 89.37  ? 33  GLU A OE2 1 
ATOM   227  N  N   . ALA A 1 46  ? 14.297  3.026   10.984  1.00 60.07  ? 34  ALA A N   1 
ATOM   228  C  CA  . ALA A 1 46  ? 14.136  4.376   11.507  1.00 60.44  ? 34  ALA A CA  1 
ATOM   229  C  C   . ALA A 1 46  ? 14.018  4.449   13.020  1.00 61.03  ? 34  ALA A C   1 
ATOM   230  O  O   . ALA A 1 46  ? 13.941  5.554   13.581  1.00 62.29  ? 34  ALA A O   1 
ATOM   231  C  CB  . ALA A 1 46  ? 12.915  5.003   10.874  1.00 65.10  ? 34  ALA A CB  1 
ATOM   232  N  N   . GLY A 1 47  ? 13.969  3.294   13.701  1.00 59.79  ? 35  GLY A N   1 
ATOM   233  C  CA  . GLY A 1 47  ? 13.914  3.273   15.164  1.00 54.62  ? 35  GLY A CA  1 
ATOM   234  C  C   . GLY A 1 47  ? 12.487  3.320   15.670  1.00 53.80  ? 35  GLY A C   1 
ATOM   235  O  O   . GLY A 1 47  ? 12.235  3.675   16.817  1.00 56.96  ? 35  GLY A O   1 
ATOM   236  N  N   . LYS A 1 48  ? 11.539  2.950   14.825  1.00 54.35  ? 36  LYS A N   1 
ATOM   237  C  CA  . LYS A 1 48  ? 10.126  2.954   15.229  1.00 55.32  ? 36  LYS A CA  1 
ATOM   238  C  C   . LYS A 1 48  ? 9.692   1.560   15.723  1.00 51.69  ? 36  LYS A C   1 
ATOM   239  O  O   . LYS A 1 48  ? 10.214  0.536   15.281  1.00 50.73  ? 36  LYS A O   1 
ATOM   240  C  CB  . LYS A 1 48  ? 9.222   3.360   14.036  1.00 57.67  ? 36  LYS A CB  1 
ATOM   241  C  CG  . LYS A 1 48  ? 9.483   4.758   13.398  1.00 63.32  ? 36  LYS A CG  1 
ATOM   242  C  CD  . LYS A 1 48  ? 8.975   5.924   14.277  1.00 68.03  ? 36  LYS A CD  1 
ATOM   243  N  N   . TYR A 1 49  ? 8.723   1.536   16.617  1.00 51.08  ? 37  TYR A N   1 
ATOM   244  C  CA  . TYR A 1 49  ? 8.055   0.290   17.016  1.00 51.48  ? 37  TYR A CA  1 
ATOM   245  C  C   . TYR A 1 49  ? 7.149   -0.168  15.912  1.00 54.26  ? 37  TYR A C   1 
ATOM   246  O  O   . TYR A 1 49  ? 6.332   0.614   15.447  1.00 57.87  ? 37  TYR A O   1 
ATOM   247  C  CB  . TYR A 1 49  ? 7.156   0.554   18.173  1.00 53.57  ? 37  TYR A CB  1 
ATOM   248  C  CG  . TYR A 1 49  ? 7.856   0.735   19.455  1.00 57.85  ? 37  TYR A CG  1 
ATOM   249  C  CD1 . TYR A 1 49  ? 8.291   1.993   19.846  1.00 67.13  ? 37  TYR A CD1 1 
ATOM   250  C  CD2 . TYR A 1 49  ? 8.052   -0.338  20.326  1.00 62.96  ? 37  TYR A CD2 1 
ATOM   251  C  CE1 . TYR A 1 49  ? 8.928   2.200   21.083  1.00 65.42  ? 37  TYR A CE1 1 
ATOM   252  C  CE2 . TYR A 1 49  ? 8.698   -0.142  21.575  1.00 64.64  ? 37  TYR A CE2 1 
ATOM   253  C  CZ  . TYR A 1 49  ? 9.131   1.138   21.940  1.00 61.32  ? 37  TYR A CZ  1 
ATOM   254  O  OH  . TYR A 1 49  ? 9.754   1.377   23.159  1.00 66.02  ? 37  TYR A OH  1 
ATOM   255  N  N   . VAL A 1 50  ? 7.247   -1.424  15.486  1.00 51.89  ? 38  VAL A N   1 
ATOM   256  C  CA  . VAL A 1 50  ? 6.432   -1.879  14.356  1.00 49.58  ? 38  VAL A CA  1 
ATOM   257  C  C   . VAL A 1 50  ? 5.889   -3.280  14.508  1.00 46.32  ? 38  VAL A C   1 
ATOM   258  O  O   . VAL A 1 50  ? 6.439   -4.114  15.205  1.00 43.74  ? 38  VAL A O   1 
ATOM   259  C  CB  . VAL A 1 50  ? 7.225   -1.842  13.054  1.00 48.80  ? 38  VAL A CB  1 
ATOM   260  C  CG1 . VAL A 1 50  ? 7.707   -0.427  12.814  1.00 53.39  ? 38  VAL A CG1 1 
ATOM   261  C  CG2 . VAL A 1 50  ? 8.387   -2.821  13.113  1.00 44.89  ? 38  VAL A CG2 1 
ATOM   262  N  N   . GLN A 1 51  ? 4.780   -3.510  13.847  1.00 47.77  ? 39  GLN A N   1 
ATOM   263  C  CA  . GLN A 1 51  ? 4.219   -4.832  13.727  1.00 49.13  ? 39  GLN A CA  1 
ATOM   264  C  C   . GLN A 1 51  ? 3.643   -4.936  12.336  1.00 50.95  ? 39  GLN A C   1 
ATOM   265  O  O   . GLN A 1 51  ? 3.173   -3.930  11.771  1.00 47.45  ? 39  GLN A O   1 
ATOM   266  C  CB  . GLN A 1 51  ? 3.138   -5.010  14.761  1.00 49.61  ? 39  GLN A CB  1 
ATOM   267  C  CG  . GLN A 1 51  ? 2.553   -6.388  14.762  1.00 53.47  ? 39  GLN A CG  1 
ATOM   268  C  CD  . GLN A 1 51  ? 1.381   -6.496  15.676  1.00 56.51  ? 39  GLN A CD  1 
ATOM   269  O  OE1 . GLN A 1 51  ? 0.425   -5.739  15.551  1.00 55.15  ? 39  GLN A OE1 1 
ATOM   270  N  NE2 . GLN A 1 51  ? 1.434   -7.446  16.596  1.00 59.52  ? 39  GLN A NE2 1 
ATOM   271  N  N   . ALA A 1 52  ? 3.657   -6.152  11.803  1.00 54.45  ? 40  ALA A N   1 
ATOM   272  C  CA  . ALA A 1 52  ? 3.173   -6.446  10.467  1.00 55.87  ? 40  ALA A CA  1 
ATOM   273  C  C   . ALA A 1 52  ? 2.955   -7.925  10.293  1.00 60.78  ? 40  ALA A C   1 
ATOM   274  O  O   . ALA A 1 52  ? 3.879   -8.710  10.499  1.00 66.45  ? 40  ALA A O   1 
ATOM   275  C  CB  . ALA A 1 52  ? 4.182   -5.999  9.465   1.00 55.01  ? 40  ALA A CB  1 
ATOM   276  N  N   . PHE A 1 53  ? 1.766   -8.332  9.882   1.00 63.70  ? 41  PHE A N   1 
ATOM   277  C  CA  . PHE A 1 53  ? 1.534   -9.740  9.610   1.00 69.19  ? 41  PHE A CA  1 
ATOM   278  C  C   . PHE A 1 53  ? 0.439   -9.841  8.576   1.00 72.34  ? 41  PHE A C   1 
ATOM   279  O  O   . PHE A 1 53  ? -0.250  -8.862  8.334   1.00 70.55  ? 41  PHE A O   1 
ATOM   280  C  CB  . PHE A 1 53  ? 1.073   -10.423 10.876  1.00 70.04  ? 41  PHE A CB  1 
ATOM   281  C  CG  . PHE A 1 53  ? -0.035  -9.685  11.553  1.00 72.34  ? 41  PHE A CG  1 
ATOM   282  C  CD1 . PHE A 1 53  ? 0.250   -8.582  12.362  1.00 73.74  ? 41  PHE A CD1 1 
ATOM   283  C  CD2 . PHE A 1 53  ? -1.364  -10.047 11.341  1.00 73.39  ? 41  PHE A CD2 1 
ATOM   284  C  CE1 . PHE A 1 53  ? -0.779  -7.860  12.988  1.00 76.79  ? 41  PHE A CE1 1 
ATOM   285  C  CE2 . PHE A 1 53  ? -2.397  -9.343  11.954  1.00 73.75  ? 41  PHE A CE2 1 
ATOM   286  C  CZ  . PHE A 1 53  ? -2.104  -8.236  12.782  1.00 73.44  ? 41  PHE A CZ  1 
ATOM   287  N  N   . PRO A 1 54  ? 0.275   -11.022 7.965   1.00 76.21  ? 42  PRO A N   1 
ATOM   288  C  CA  . PRO A 1 54  ? -0.843  -11.265 7.080   1.00 78.42  ? 42  PRO A CA  1 
ATOM   289  C  C   . PRO A 1 54  ? -1.957  -12.050 7.758   1.00 80.36  ? 42  PRO A C   1 
ATOM   290  O  O   . PRO A 1 54  ? -1.795  -12.498 8.880   1.00 80.27  ? 42  PRO A O   1 
ATOM   291  C  CB  . PRO A 1 54  ? -0.211  -12.106 5.955   1.00 78.30  ? 42  PRO A CB  1 
ATOM   292  C  CG  . PRO A 1 54  ? 1.099   -12.680 6.557   1.00 78.37  ? 42  PRO A CG  1 
ATOM   293  C  CD  . PRO A 1 54  ? 1.170   -12.191 7.989   1.00 78.10  ? 42  PRO A CD  1 
ATOM   294  N  N   . GLU A 1 55  ? -3.092  -12.158 7.067   1.00 84.29  ? 43  GLU A N   1 
ATOM   295  C  CA  . GLU A 1 55  ? -4.211  -13.038 7.443   1.00 87.53  ? 43  GLU A CA  1 
ATOM   296  C  C   . GLU A 1 55  ? -4.812  -13.640 6.165   1.00 88.04  ? 43  GLU A C   1 
ATOM   297  O  O   . GLU A 1 55  ? -5.455  -12.937 5.383   1.00 86.11  ? 43  GLU A O   1 
ATOM   298  C  CB  . GLU A 1 55  ? -5.296  -12.317 8.254   1.00 86.74  ? 43  GLU A CB  1 
ATOM   299  C  CG  . GLU A 1 55  ? -5.044  -12.277 9.776   1.00 91.79  ? 43  GLU A CG  1 
ATOM   300  C  CD  . GLU A 1 55  ? -6.230  -11.717 10.578  1.00 93.07  ? 43  GLU A CD  1 
ATOM   301  O  OE1 . GLU A 1 55  ? -7.322  -11.547 9.974   1.00 102.01 ? 43  GLU A OE1 1 
ATOM   302  O  OE2 . GLU A 1 55  ? -6.062  -11.444 11.805  1.00 99.03  ? 43  GLU A OE2 1 
ATOM   303  N  N   . TYR A 1 56  ? -4.578  -14.938 5.955   1.00 91.15  ? 44  TYR A N   1 
ATOM   304  C  CA  . TYR A 1 56  ? -5.117  -15.664 4.792   1.00 92.47  ? 44  TYR A CA  1 
ATOM   305  C  C   . TYR A 1 56  ? -6.334  -16.530 5.160   1.00 93.76  ? 44  TYR A C   1 
ATOM   306  O  O   . TYR A 1 56  ? -6.741  -16.615 6.327   1.00 94.35  ? 44  TYR A O   1 
ATOM   307  C  CB  . TYR A 1 56  ? -4.046  -16.582 4.178   1.00 92.64  ? 44  TYR A CB  1 
ATOM   308  C  CG  . TYR A 1 56  ? -2.799  -15.910 3.647   1.00 90.69  ? 44  TYR A CG  1 
ATOM   309  C  CD1 . TYR A 1 56  ? -2.722  -15.485 2.320   1.00 91.94  ? 44  TYR A CD1 1 
ATOM   310  C  CD2 . TYR A 1 56  ? -1.681  -15.733 4.461   1.00 90.30  ? 44  TYR A CD2 1 
ATOM   311  C  CE1 . TYR A 1 56  ? -1.564  -14.864 1.820   1.00 94.02  ? 44  TYR A CE1 1 
ATOM   312  C  CE2 . TYR A 1 56  ? -0.517  -15.127 3.972   1.00 91.07  ? 44  TYR A CE2 1 
ATOM   313  C  CZ  . TYR A 1 56  ? -0.465  -14.693 2.658   1.00 93.48  ? 44  TYR A CZ  1 
ATOM   314  O  OH  . TYR A 1 56  ? 0.684   -14.096 2.184   1.00 92.92  ? 44  TYR A OH  1 
ATOM   315  N  N   . GLY A 1 57  ? -6.911  -17.144 4.128   1.00 95.48  ? 45  GLY A N   1 
ATOM   316  C  CA  . GLY A 1 57  ? -7.957  -18.180 4.240   1.00 95.40  ? 45  GLY A CA  1 
ATOM   317  C  C   . GLY A 1 57  ? -8.016  -18.831 2.867   1.00 95.75  ? 45  GLY A C   1 
ATOM   318  O  O   . GLY A 1 57  ? -9.063  -18.854 2.217   1.00 95.84  ? 45  GLY A O   1 
ATOM   319  N  N   . ALA A 1 58  ? -6.866  -19.342 2.423   1.00 95.85  ? 46  ALA A N   1 
ATOM   320  C  CA  . ALA A 1 58  ? -6.682  -19.832 1.056   1.00 95.41  ? 46  ALA A CA  1 
ATOM   321  C  C   . ALA A 1 58  ? -6.165  -21.265 1.022   1.00 95.32  ? 46  ALA A C   1 
ATOM   322  O  O   . ALA A 1 58  ? -5.221  -21.575 0.295   1.00 95.27  ? 46  ALA A O   1 
ATOM   323  C  CB  . ALA A 1 58  ? -5.712  -18.911 0.318   1.00 94.75  ? 46  ALA A CB  1 
ATOM   324  N  N   . ARG A 1 60  ? -6.649  -20.953 -2.325  1.00 94.05  ? 48  ARG A N   1 
ATOM   325  C  CA  . ARG A 1 60  ? -6.081  -20.907 -3.666  1.00 93.64  ? 48  ARG A CA  1 
ATOM   326  C  C   . ARG A 1 60  ? -5.140  -19.710 -3.850  1.00 93.65  ? 48  ARG A C   1 
ATOM   327  O  O   . ARG A 1 60  ? -4.987  -18.860 -2.961  1.00 93.00  ? 48  ARG A O   1 
ATOM   328  C  CB  . ARG A 1 60  ? -7.203  -20.851 -4.712  1.00 92.88  ? 48  ARG A CB  1 
ATOM   329  N  N   . THR A 1 61  ? -4.479  -19.688 -5.006  1.00 93.90  ? 49  THR A N   1 
ATOM   330  C  CA  . THR A 1 61  ? -3.706  -18.528 -5.454  1.00 92.60  ? 49  THR A CA  1 
ATOM   331  C  C   . THR A 1 61  ? -4.745  -17.608 -6.098  1.00 90.86  ? 49  THR A C   1 
ATOM   332  O  O   . THR A 1 61  ? -5.547  -18.051 -6.945  1.00 91.13  ? 49  THR A O   1 
ATOM   333  C  CB  . THR A 1 61  ? -2.559  -18.903 -6.455  1.00 93.01  ? 49  THR A CB  1 
ATOM   334  O  OG1 . THR A 1 61  ? -1.882  -17.714 -6.871  1.00 90.31  ? 49  THR A OG1 1 
ATOM   335  C  CG2 . THR A 1 61  ? -3.080  -19.676 -7.711  1.00 94.65  ? 49  THR A CG2 1 
ATOM   336  N  N   . GLY A 1 62  ? -4.751  -16.345 -5.671  1.00 87.74  ? 50  GLY A N   1 
ATOM   337  C  CA  . GLY A 1 62  ? -5.786  -15.383 -6.074  1.00 84.27  ? 50  GLY A CA  1 
ATOM   338  C  C   . GLY A 1 62  ? -6.886  -15.234 -5.024  1.00 80.76  ? 50  GLY A C   1 
ATOM   339  O  O   . GLY A 1 62  ? -7.808  -14.438 -5.189  1.00 78.45  ? 50  GLY A O   1 
ATOM   340  N  N   . ALA A 1 63  ? -6.799  -16.009 -3.945  1.00 78.32  ? 51  ALA A N   1 
ATOM   341  C  CA  . ALA A 1 63  ? -7.732  -15.884 -2.835  1.00 76.57  ? 51  ALA A CA  1 
ATOM   342  C  C   . ALA A 1 63  ? -7.522  -14.520 -2.136  1.00 76.16  ? 51  ALA A C   1 
ATOM   343  O  O   . ALA A 1 63  ? -6.372  -14.103 -1.898  1.00 73.26  ? 51  ALA A O   1 
ATOM   344  C  CB  . ALA A 1 63  ? -7.536  -17.032 -1.846  1.00 75.46  ? 51  ALA A CB  1 
ATOM   345  N  N   . PRO A 1 64  ? -8.628  -13.806 -1.839  1.00 75.69  ? 52  PRO A N   1 
ATOM   346  C  CA  . PRO A 1 64  ? -8.532  -12.527 -1.127  1.00 75.25  ? 52  PRO A CA  1 
ATOM   347  C  C   . PRO A 1 64  ? -7.878  -12.692 0.225   1.00 73.84  ? 52  PRO A C   1 
ATOM   348  O  O   . PRO A 1 64  ? -8.145  -13.676 0.924   1.00 73.54  ? 52  PRO A O   1 
ATOM   349  C  CB  . PRO A 1 64  ? -9.991  -12.102 -0.927  1.00 75.54  ? 52  PRO A CB  1 
ATOM   350  C  CG  . PRO A 1 64  ? -10.768 -12.864 -1.931  1.00 77.67  ? 52  PRO A CG  1 
ATOM   351  C  CD  . PRO A 1 64  ? -10.020 -14.143 -2.185  1.00 76.22  ? 52  PRO A CD  1 
HETATM 352  N  N   . MSE A 1 65  ? -7.022  -11.742 0.577   1.00 71.04  ? 53  MSE A N   1 
HETATM 353  C  CA  . MSE A 1 65  ? -6.349  -11.756 1.874   1.00 68.93  ? 53  MSE A CA  1 
HETATM 354  C  C   . MSE A 1 65  ? -6.171  -10.306 2.397   1.00 66.06  ? 53  MSE A C   1 
HETATM 355  O  O   . MSE A 1 65  ? -6.576  -9.334  1.722   1.00 65.37  ? 53  MSE A O   1 
HETATM 356  C  CB  . MSE A 1 65  ? -5.019  -12.549 1.788   1.00 68.21  ? 53  MSE A CB  1 
HETATM 357  C  CG  . MSE A 1 65  ? -4.009  -12.095 0.704   1.00 68.83  ? 53  MSE A CG  1 
HETATM 358  SE SE  . MSE A 1 65  ? -3.172  -10.352 1.099   0.75 68.79  ? 53  MSE A SE  1 
HETATM 359  C  CE  . MSE A 1 65  ? -1.633  -10.997 2.299   1.00 72.92  ? 53  MSE A CE  1 
ATOM   360  N  N   . ARG A 1 66  ? -5.620  -10.187 3.609   1.00 61.31  ? 54  ARG A N   1 
ATOM   361  C  CA  . ARG A 1 66  ? -5.315  -8.901  4.212   1.00 61.15  ? 54  ARG A CA  1 
ATOM   362  C  C   . ARG A 1 66  ? -3.860  -8.960  4.752   1.00 58.90  ? 54  ARG A C   1 
ATOM   363  O  O   . ARG A 1 66  ? -3.299  -10.041 4.986   1.00 60.39  ? 54  ARG A O   1 
ATOM   364  C  CB  . ARG A 1 66  ? -6.314  -8.555  5.340   1.00 58.86  ? 54  ARG A CB  1 
ATOM   365  C  CG  . ARG A 1 66  ? -7.654  -9.271  5.234   1.00 65.71  ? 54  ARG A CG  1 
ATOM   366  C  CD  . ARG A 1 66  ? -8.891  -8.534  5.800   1.00 66.07  ? 54  ARG A CD  1 
ATOM   367  N  NE  . ARG A 1 66  ? -9.035  -8.585  7.261   1.00 79.60  ? 54  ARG A NE  1 
ATOM   368  C  CZ  . ARG A 1 66  ? -9.535  -9.602  7.971   1.00 78.04  ? 54  ARG A CZ  1 
ATOM   369  N  NH1 . ARG A 1 66  ? -9.938  -10.722 7.382   1.00 79.07  ? 54  ARG A NH1 1 
ATOM   370  N  NH2 . ARG A 1 66  ? -9.612  -9.504  9.296   1.00 75.25  ? 54  ARG A NH2 1 
ATOM   371  N  N   . ALA A 1 67  ? -3.240  -7.802  4.887   1.00 50.00  ? 55  ALA A N   1 
ATOM   372  C  CA  . ALA A 1 67  ? -1.982  -7.656  5.607   1.00 47.31  ? 55  ALA A CA  1 
ATOM   373  C  C   . ALA A 1 67  ? -2.235  -6.424  6.502   1.00 45.85  ? 55  ALA A C   1 
ATOM   374  O  O   . ALA A 1 67  ? -3.213  -5.735  6.291   1.00 49.46  ? 55  ALA A O   1 
ATOM   375  C  CB  . ALA A 1 67  ? -0.818  -7.440  4.663   1.00 43.66  ? 55  ALA A CB  1 
ATOM   376  N  N   . PHE A 1 68  ? -1.386  -6.153  7.489   1.00 45.85  ? 56  PHE A N   1 
ATOM   377  C  CA  . PHE A 1 68  ? -1.603  -5.089  8.438   1.00 46.60  ? 56  PHE A CA  1 
ATOM   378  C  C   . PHE A 1 68  ? -0.290  -4.500  8.841   1.00 49.14  ? 56  PHE A C   1 
ATOM   379  O  O   . PHE A 1 68  ? 0.652   -5.215  8.932   1.00 48.38  ? 56  PHE A O   1 
ATOM   380  C  CB  . PHE A 1 68  ? -2.214  -5.692  9.714   1.00 51.43  ? 56  PHE A CB  1 
ATOM   381  C  CG  . PHE A 1 68  ? -3.489  -6.467  9.466   1.00 59.43  ? 56  PHE A CG  1 
ATOM   382  C  CD1 . PHE A 1 68  ? -3.462  -7.808  9.146   1.00 69.00  ? 56  PHE A CD1 1 
ATOM   383  C  CD2 . PHE A 1 68  ? -4.724  -5.849  9.553   1.00 66.25  ? 56  PHE A CD2 1 
ATOM   384  C  CE1 . PHE A 1 68  ? -4.653  -8.491  8.899   1.00 64.98  ? 56  PHE A CE1 1 
ATOM   385  C  CE2 . PHE A 1 68  ? -5.898  -6.550  9.311   1.00 48.54  ? 56  PHE A CE2 1 
ATOM   386  C  CZ  . PHE A 1 68  ? -5.861  -7.837  8.977   1.00 46.27  ? 56  PHE A CZ  1 
ATOM   387  N  N   . ASN A 1 69  ? -0.230  -3.195  9.085   1.00 48.85  ? 57  ASN A N   1 
ATOM   388  C  CA  . ASN A 1 69  ? 0.930   -2.563  9.697   1.00 47.19  ? 57  ASN A CA  1 
ATOM   389  C  C   . ASN A 1 69  ? 0.442   -1.727  10.854  1.00 45.96  ? 57  ASN A C   1 
ATOM   390  O  O   . ASN A 1 69  ? -0.612  -1.079  10.746  1.00 39.96  ? 57  ASN A O   1 
ATOM   391  C  CB  . ASN A 1 69  ? 1.691   -1.615  8.768   1.00 48.52  ? 57  ASN A CB  1 
ATOM   392  C  CG  . ASN A 1 69  ? 2.375   -2.328  7.630   1.00 46.04  ? 57  ASN A CG  1 
ATOM   393  O  OD1 . ASN A 1 69  ? 1.795   -2.436  6.590   1.00 50.93  ? 57  ASN A OD1 1 
ATOM   394  N  ND2 . ASN A 1 69  ? 3.608   -2.797  7.820   1.00 46.27  ? 57  ASN A ND2 1 
ATOM   395  N  N   . ARG A 1 70  ? 1.210   -1.778  11.945  1.00 44.62  ? 58  ARG A N   1 
ATOM   396  C  CA  . ARG A 1 70  ? 1.107   -0.838  13.039  1.00 47.84  ? 58  ARG A CA  1 
ATOM   397  C  C   . ARG A 1 70  ? 2.486   -0.274  13.158  1.00 47.23  ? 58  ARG A C   1 
ATOM   398  O  O   . ARG A 1 70  ? 3.472   -1.025  13.126  1.00 48.85  ? 58  ARG A O   1 
ATOM   399  C  CB  . ARG A 1 70  ? 0.707   -1.505  14.323  1.00 47.52  ? 58  ARG A CB  1 
ATOM   400  C  CG  . ARG A 1 70  ? -0.663  -2.174  14.228  1.00 53.52  ? 58  ARG A CG  1 
ATOM   401  C  CD  . ARG A 1 70  ? -1.201  -2.455  15.622  1.00 58.52  ? 58  ARG A CD  1 
ATOM   402  N  NE  . ARG A 1 70  ? -2.617  -2.816  15.621  1.00 58.71  ? 58  ARG A NE  1 
ATOM   403  C  CZ  . ARG A 1 70  ? -3.092  -4.063  15.644  1.00 70.85  ? 58  ARG A CZ  1 
ATOM   404  N  NH1 . ARG A 1 70  ? -2.285  -5.127  15.674  1.00 76.50  ? 58  ARG A NH1 1 
ATOM   405  N  NH2 . ARG A 1 70  ? -4.406  -4.262  15.635  1.00 78.26  ? 58  ARG A NH2 1 
ATOM   406  N  N   . ILE A 1 71  ? 2.561   1.050   13.152  1.00 44.14  ? 59  ILE A N   1 
ATOM   407  C  CA  . ILE A 1 71  ? 3.841   1.754   13.226  1.00 44.77  ? 59  ILE A CA  1 
ATOM   408  C  C   . ILE A 1 71  ? 3.679   2.802   14.343  1.00 44.85  ? 59  ILE A C   1 
ATOM   409  O  O   . ILE A 1 71  ? 2.785   3.597   14.273  1.00 45.95  ? 59  ILE A O   1 
ATOM   410  C  CB  . ILE A 1 71  ? 4.157   2.413   11.922  1.00 41.63  ? 59  ILE A CB  1 
ATOM   411  C  CG1 . ILE A 1 71  ? 4.403   1.341   10.849  1.00 52.12  ? 59  ILE A CG1 1 
ATOM   412  C  CG2 . ILE A 1 71  ? 5.370   3.296   12.098  1.00 42.50  ? 59  ILE A CG2 1 
ATOM   413  C  CD1 . ILE A 1 71  ? 4.313   1.830   9.479   1.00 49.20  ? 59  ILE A CD1 1 
ATOM   414  N  N   . GLY A 1 72  ? 4.502   2.739   15.382  1.00 45.12  ? 60  GLY A N   1 
ATOM   415  C  CA  . GLY A 1 72  ? 4.329   3.593   16.574  1.00 45.78  ? 60  GLY A CA  1 
ATOM   416  C  C   . GLY A 1 72  ? 4.618   4.997   16.169  1.00 46.71  ? 60  GLY A C   1 
ATOM   417  O  O   . GLY A 1 72  ? 5.515   5.239   15.342  1.00 47.81  ? 60  GLY A O   1 
ATOM   418  N  N   . ASP A 1 73  ? 3.840   5.922   16.689  1.00 49.87  ? 61  ASP A N   1 
ATOM   419  C  CA  . ASP A 1 73  ? 4.028   7.325   16.341  1.00 50.67  ? 61  ASP A CA  1 
ATOM   420  C  C   . ASP A 1 73  ? 4.144   8.186   17.598  1.00 57.28  ? 61  ASP A C   1 
ATOM   421  O  O   . ASP A 1 73  ? 3.443   9.188   17.755  1.00 57.52  ? 61  ASP A O   1 
ATOM   422  C  CB  . ASP A 1 73  ? 2.966   7.782   15.326  1.00 48.36  ? 61  ASP A CB  1 
ATOM   423  C  CG  . ASP A 1 73  ? 1.575   7.421   15.730  1.00 48.86  ? 61  ASP A CG  1 
ATOM   424  O  OD1 . ASP A 1 73  ? 1.379   7.011   16.899  1.00 49.68  ? 61  ASP A OD1 1 
ATOM   425  O  OD2 . ASP A 1 73  ? 0.677   7.527   14.867  1.00 47.39  ? 61  ASP A OD2 1 
ATOM   426  N  N   . GLU A 1 74  ? 5.118   7.775   18.425  1.00 61.57  ? 62  GLU A N   1 
ATOM   427  C  CA  . GLU A 1 74  ? 5.461   8.316   19.745  1.00 64.65  ? 62  GLU A CA  1 
ATOM   428  C  C   . GLU A 1 74  ? 4.299   8.101   20.698  1.00 66.23  ? 62  GLU A C   1 
ATOM   429  O  O   . GLU A 1 74  ? 4.418   7.377   21.687  1.00 68.75  ? 62  GLU A O   1 
ATOM   430  C  CB  . GLU A 1 74  ? 5.907   9.788   19.688  1.00 64.46  ? 62  GLU A CB  1 
ATOM   431  C  CG  . GLU A 1 74  ? 4.823   10.797  20.032  1.00 66.51  ? 62  GLU A CG  1 
ATOM   432  C  CD  . GLU A 1 74  ? 5.357   12.193  20.262  1.00 68.58  ? 62  GLU A CD  1 
ATOM   433  O  OE1 . GLU A 1 74  ? 6.058   12.399  21.293  1.00 72.28  ? 62  GLU A OE1 1 
ATOM   434  O  OE2 . GLU A 1 74  ? 5.025   13.077  19.433  1.00 59.94  ? 62  GLU A OE2 1 
ATOM   435  N  N   . ALA A 1 81  ? -5.119  -8.190  14.313  1.00 82.75  ? 69  ALA A N   1 
ATOM   436  C  CA  . ALA A 1 81  ? -6.370  -7.928  13.580  1.00 83.41  ? 69  ALA A CA  1 
ATOM   437  C  C   . ALA A 1 81  ? -6.809  -6.439  13.693  1.00 82.86  ? 69  ALA A C   1 
ATOM   438  O  O   . ALA A 1 81  ? -7.403  -6.012  14.698  1.00 82.58  ? 69  ALA A O   1 
ATOM   439  C  CB  . ALA A 1 81  ? -7.490  -8.890  14.061  1.00 84.25  ? 69  ALA A CB  1 
ATOM   440  N  N   . VAL A 1 82  ? -6.482  -5.666  12.649  1.00 82.24  ? 70  VAL A N   1 
ATOM   441  C  CA  . VAL A 1 82  ? -6.761  -4.219  12.554  1.00 79.56  ? 70  VAL A CA  1 
ATOM   442  C  C   . VAL A 1 82  ? -8.227  -3.915  12.247  1.00 77.23  ? 70  VAL A C   1 
ATOM   443  O  O   . VAL A 1 82  ? -8.651  -3.925  11.101  1.00 75.05  ? 70  VAL A O   1 
ATOM   444  C  CB  . VAL A 1 82  ? -5.876  -3.541  11.458  1.00 77.87  ? 70  VAL A CB  1 
ATOM   445  N  N   . GLU A 1 83  ? -9.003  -3.639  13.286  1.00 77.01  ? 71  GLU A N   1 
ATOM   446  C  CA  . GLU A 1 83  ? -10.422 -3.344  13.106  1.00 77.15  ? 71  GLU A CA  1 
ATOM   447  C  C   . GLU A 1 83  ? -10.648 -1.853  12.855  1.00 73.91  ? 71  GLU A C   1 
ATOM   448  O  O   . GLU A 1 83  ? -11.665 -1.501  12.264  1.00 74.98  ? 71  GLU A O   1 
ATOM   449  C  CB  . GLU A 1 83  ? -11.248 -3.867  14.301  1.00 78.53  ? 71  GLU A CB  1 
ATOM   450  C  CG  . GLU A 1 83  ? -11.273 -5.415  14.365  1.00 86.48  ? 71  GLU A CG  1 
ATOM   451  C  CD  . GLU A 1 83  ? -11.185 -5.977  15.793  1.00 101.67 ? 71  GLU A CD  1 
ATOM   452  O  OE1 . GLU A 1 83  ? -11.962 -5.513  16.664  1.00 108.11 ? 71  GLU A OE1 1 
ATOM   453  O  OE2 . GLU A 1 83  ? -10.341 -6.890  16.034  1.00 104.47 ? 71  GLU A OE2 1 
ATOM   454  N  N   . ASN A 1 84  ? -9.700  -0.993  13.250  1.00 68.13  ? 72  ASN A N   1 
ATOM   455  C  CA  . ASN A 1 84  ? -9.857  0.460   13.082  1.00 64.01  ? 72  ASN A CA  1 
ATOM   456  C  C   . ASN A 1 84  ? -8.681  1.172   12.438  1.00 59.48  ? 72  ASN A C   1 
ATOM   457  O  O   . ASN A 1 84  ? -8.029  2.013   13.071  1.00 56.71  ? 72  ASN A O   1 
ATOM   458  C  CB  . ASN A 1 84  ? -10.134 1.085   14.423  1.00 64.14  ? 72  ASN A CB  1 
ATOM   459  C  CG  . ASN A 1 84  ? -11.449 0.681   14.947  1.00 66.00  ? 72  ASN A CG  1 
ATOM   460  O  OD1 . ASN A 1 84  ? -12.478 1.261   14.584  1.00 69.84  ? 72  ASN A OD1 1 
ATOM   461  N  ND2 . ASN A 1 84  ? -11.451 -0.344  15.790  1.00 70.83  ? 72  ASN A ND2 1 
ATOM   462  N  N   . PRO A 1 85  ? -8.456  0.896   11.150  1.00 53.41  ? 73  PRO A N   1 
ATOM   463  C  CA  . PRO A 1 85  ? -7.285  1.427   10.478  1.00 51.31  ? 73  PRO A CA  1 
ATOM   464  C  C   . PRO A 1 85  ? -7.367  2.908   10.128  1.00 49.99  ? 73  PRO A C   1 
ATOM   465  O  O   . PRO A 1 85  ? -8.432  3.439   9.840   1.00 51.83  ? 73  PRO A O   1 
ATOM   466  C  CB  . PRO A 1 85  ? -7.236  0.610   9.202   1.00 48.66  ? 73  PRO A CB  1 
ATOM   467  C  CG  . PRO A 1 85  ? -8.655  0.338   8.906   1.00 51.10  ? 73  PRO A CG  1 
ATOM   468  C  CD  . PRO A 1 85  ? -9.290  0.098   10.242  1.00 52.60  ? 73  PRO A CD  1 
ATOM   469  N  N   . ASP A 1 86  ? -6.207  3.542   10.123  1.00 49.65  ? 74  ASP A N   1 
ATOM   470  C  CA  . ASP A 1 86  ? -6.060  4.928   9.710   1.00 48.00  ? 74  ASP A CA  1 
ATOM   471  C  C   . ASP A 1 86  ? -6.067  5.019   8.191   1.00 47.87  ? 74  ASP A C   1 
ATOM   472  O  O   . ASP A 1 86  ? -6.429  6.069   7.644   1.00 46.52  ? 74  ASP A O   1 
ATOM   473  C  CB  . ASP A 1 86  ? -4.750  5.490   10.257  1.00 49.73  ? 74  ASP A CB  1 
ATOM   474  C  CG  . ASP A 1 86  ? -4.749  5.580   11.796  1.00 53.53  ? 74  ASP A CG  1 
ATOM   475  O  OD1 . ASP A 1 86  ? -5.592  6.316   12.345  1.00 64.65  ? 74  ASP A OD1 1 
ATOM   476  O  OD2 . ASP A 1 86  ? -3.900  4.929   12.452  1.00 51.97  ? 74  ASP A OD2 1 
ATOM   477  N  N   . VAL A 1 87  ? -5.705  3.913   7.527   1.00 40.62  ? 75  VAL A N   1 
ATOM   478  C  CA  . VAL A 1 87  ? -5.638  3.867   6.068   1.00 43.71  ? 75  VAL A CA  1 
ATOM   479  C  C   . VAL A 1 87  ? -5.959  2.484   5.611   1.00 42.37  ? 75  VAL A C   1 
ATOM   480  O  O   . VAL A 1 87  ? -5.510  1.532   6.212   1.00 42.37  ? 75  VAL A O   1 
ATOM   481  C  CB  . VAL A 1 87  ? -4.192  4.173   5.525   1.00 43.64  ? 75  VAL A CB  1 
ATOM   482  C  CG1 . VAL A 1 87  ? -4.129  4.099   4.001   1.00 40.22  ? 75  VAL A CG1 1 
ATOM   483  C  CG2 . VAL A 1 87  ? -3.720  5.579   5.997   1.00 44.72  ? 75  VAL A CG2 1 
ATOM   484  N  N   . VAL A 1 88  ? -6.746  2.384   4.550   1.00 48.53  ? 76  VAL A N   1 
ATOM   485  C  CA  . VAL A 1 88  ? -7.096  1.107   3.917   1.00 46.96  ? 76  VAL A CA  1 
ATOM   486  C  C   . VAL A 1 88  ? -6.536  1.203   2.528   1.00 48.82  ? 76  VAL A C   1 
ATOM   487  O  O   . VAL A 1 88  ? -6.736  2.206   1.856   1.00 49.85  ? 76  VAL A O   1 
ATOM   488  C  CB  . VAL A 1 88  ? -8.648  0.843   3.906   1.00 47.15  ? 76  VAL A CB  1 
ATOM   489  C  CG1 . VAL A 1 88  ? -8.998  -0.334  3.036   1.00 39.93  ? 76  VAL A CG1 1 
ATOM   490  C  CG2 . VAL A 1 88  ? -9.167  0.599   5.350   1.00 43.48  ? 76  VAL A CG2 1 
ATOM   491  N  N   . VAL A 1 89  ? -5.824  0.152   2.118   1.00 50.02  ? 77  VAL A N   1 
ATOM   492  C  CA  . VAL A 1 89  ? -5.096  0.108   0.862   1.00 47.54  ? 77  VAL A CA  1 
ATOM   493  C  C   . VAL A 1 89  ? -5.632  -1.075  0.093   1.00 46.35  ? 77  VAL A C   1 
ATOM   494  O  O   . VAL A 1 89  ? -5.604  -2.187  0.581   1.00 45.87  ? 77  VAL A O   1 
ATOM   495  C  CB  . VAL A 1 89  ? -3.580  -0.098  1.088   1.00 49.85  ? 77  VAL A CB  1 
ATOM   496  C  CG1 . VAL A 1 89  ? -2.845  -0.177  -0.218  1.00 41.42  ? 77  VAL A CG1 1 
ATOM   497  C  CG2 . VAL A 1 89  ? -3.005  1.002   1.952   1.00 43.36  ? 77  VAL A CG2 1 
ATOM   498  N  N   . VAL A 1 90  ? -6.165  -0.833  -1.093  1.00 48.22  ? 78  VAL A N   1 
ATOM   499  C  CA  . VAL A 1 90  ? -6.784  -1.892  -1.877  1.00 48.25  ? 78  VAL A CA  1 
ATOM   500  C  C   . VAL A 1 90  ? -5.997  -1.994  -3.172  1.00 48.35  ? 78  VAL A C   1 
ATOM   501  O  O   . VAL A 1 90  ? -6.100  -1.156  -4.037  1.00 47.76  ? 78  VAL A O   1 
ATOM   502  C  CB  . VAL A 1 90  ? -8.297  -1.607  -2.104  1.00 47.23  ? 78  VAL A CB  1 
ATOM   503  C  CG1 . VAL A 1 90  ? -8.915  -2.619  -3.043  1.00 46.95  ? 78  VAL A CG1 1 
ATOM   504  C  CG2 . VAL A 1 90  ? -9.033  -1.607  -0.755  1.00 47.63  ? 78  VAL A CG2 1 
ATOM   505  N  N   . ILE A 1 91  ? -5.197  -3.035  -3.297  1.00 51.48  ? 79  ILE A N   1 
ATOM   506  C  CA  . ILE A 1 91  ? -4.315  -3.142  -4.427  1.00 51.22  ? 79  ILE A CA  1 
ATOM   507  C  C   . ILE A 1 91  ? -4.959  -3.863  -5.597  1.00 51.65  ? 79  ILE A C   1 
ATOM   508  O  O   . ILE A 1 91  ? -4.310  -4.016  -6.653  1.00 49.24  ? 79  ILE A O   1 
ATOM   509  C  CB  . ILE A 1 91  ? -2.935  -3.793  -4.045  1.00 52.98  ? 79  ILE A CB  1 
ATOM   510  C  CG1 . ILE A 1 91  ? -3.048  -5.278  -3.736  1.00 55.38  ? 79  ILE A CG1 1 
ATOM   511  C  CG2 . ILE A 1 91  ? -2.296  -3.052  -2.871  1.00 50.42  ? 79  ILE A CG2 1 
ATOM   512  C  CD1 . ILE A 1 91  ? -1.708  -5.918  -3.551  1.00 49.09  ? 79  ILE A CD1 1 
ATOM   513  N  N   . ASP A 1 92  ? -6.209  -4.317  -5.422  1.00 50.81  ? 80  ASP A N   1 
ATOM   514  C  CA  . ASP A 1 92  ? -6.981  -4.920  -6.530  1.00 51.09  ? 80  ASP A CA  1 
ATOM   515  C  C   . ASP A 1 92  ? -8.395  -4.357  -6.541  1.00 51.91  ? 80  ASP A C   1 
ATOM   516  O  O   . ASP A 1 92  ? -9.190  -4.745  -5.690  1.00 52.35  ? 80  ASP A O   1 
ATOM   517  C  CB  . ASP A 1 92  ? -7.004  -6.432  -6.386  1.00 50.74  ? 80  ASP A CB  1 
ATOM   518  C  CG  . ASP A 1 92  ? -7.815  -7.109  -7.475  1.00 50.54  ? 80  ASP A CG  1 
ATOM   519  O  OD1 . ASP A 1 92  ? -8.564  -6.437  -8.215  1.00 55.12  ? 80  ASP A OD1 1 
ATOM   520  O  OD2 . ASP A 1 92  ? -7.691  -8.329  -7.598  1.00 54.99  ? 80  ASP A OD2 1 
ATOM   521  N  N   . GLU A 1 93  ? -8.716  -3.473  -7.500  1.00 52.75  ? 81  GLU A N   1 
ATOM   522  C  CA  . GLU A 1 93  ? -10.016 -2.736  -7.486  1.00 54.59  ? 81  GLU A CA  1 
ATOM   523  C  C   . GLU A 1 93  ? -11.214 -3.665  -7.343  1.00 51.91  ? 81  GLU A C   1 
ATOM   524  O  O   . GLU A 1 93  ? -12.253 -3.330  -6.793  1.00 46.97  ? 81  GLU A O   1 
ATOM   525  C  CB  . GLU A 1 93  ? -10.182 -1.844  -8.726  1.00 55.86  ? 81  GLU A CB  1 
ATOM   526  C  CG  . GLU A 1 93  ? -10.061 -2.556  -10.071 1.00 61.40  ? 81  GLU A CG  1 
ATOM   527  C  CD  . GLU A 1 93  ? -10.514 -1.695  -11.251 1.00 63.51  ? 81  GLU A CD  1 
ATOM   528  O  OE1 . GLU A 1 93  ? -9.857  -0.643  -11.576 1.00 73.52  ? 81  GLU A OE1 1 
ATOM   529  O  OE2 . GLU A 1 93  ? -11.536 -2.107  -11.863 1.00 74.88  ? 81  GLU A OE2 1 
ATOM   530  N  N   . THR A 1 94  ? -11.018 -4.853  -7.864  1.00 51.07  ? 82  THR A N   1 
ATOM   531  C  CA  . THR A 1 94  ? -11.986 -5.902  -7.819  1.00 50.38  ? 82  THR A CA  1 
ATOM   532  C  C   . THR A 1 94  ? -12.494 -6.270  -6.444  1.00 51.35  ? 82  THR A C   1 
ATOM   533  O  O   . THR A 1 94  ? -13.593 -6.794  -6.313  1.00 50.90  ? 82  THR A O   1 
ATOM   534  C  CB  . THR A 1 94  ? -11.359 -7.097  -8.436  1.00 48.57  ? 82  THR A CB  1 
ATOM   535  O  OG1 . THR A 1 94  ? -11.874 -7.204  -9.753  1.00 53.68  ? 82  THR A OG1 1 
ATOM   536  C  CG2 . THR A 1 94  ? -11.653 -8.297  -7.664  1.00 45.07  ? 82  THR A CG2 1 
ATOM   537  N  N   . LEU A 1 95  ? -11.702 -5.999  -5.420  1.00 51.36  ? 83  LEU A N   1 
ATOM   538  C  CA  . LEU A 1 95  ? -12.085 -6.311  -4.047  1.00 52.85  ? 83  LEU A CA  1 
ATOM   539  C  C   . LEU A 1 95  ? -12.885 -5.180  -3.364  1.00 54.43  ? 83  LEU A C   1 
ATOM   540  O  O   . LEU A 1 95  ? -13.303 -5.341  -2.213  1.00 56.46  ? 83  LEU A O   1 
ATOM   541  C  CB  . LEU A 1 95  ? -10.814 -6.611  -3.239  1.00 53.26  ? 83  LEU A CB  1 
ATOM   542  C  CG  . LEU A 1 95  ? -10.003 -7.806  -3.744  1.00 52.65  ? 83  LEU A CG  1 
ATOM   543  C  CD1 . LEU A 1 95  ? -8.682  -7.827  -3.080  1.00 46.38  ? 83  LEU A CD1 1 
ATOM   544  C  CD2 . LEU A 1 95  ? -10.745 -9.122  -3.502  1.00 56.74  ? 83  LEU A CD2 1 
ATOM   545  N  N   . LEU A 1 96  ? -13.094 -4.053  -4.053  1.00 53.35  ? 84  LEU A N   1 
ATOM   546  C  CA  . LEU A 1 96  ? -13.780 -2.913  -3.466  1.00 53.91  ? 84  LEU A CA  1 
ATOM   547  C  C   . LEU A 1 96  ? -15.211 -3.296  -3.099  1.00 55.99  ? 84  LEU A C   1 
ATOM   548  O  O   . LEU A 1 96  ? -15.916 -3.916  -3.892  1.00 56.63  ? 84  LEU A O   1 
ATOM   549  C  CB  . LEU A 1 96  ? -13.783 -1.707  -4.409  1.00 53.33  ? 84  LEU A CB  1 
ATOM   550  C  CG  . LEU A 1 96  ? -12.521 -0.830  -4.543  1.00 58.73  ? 84  LEU A CG  1 
ATOM   551  C  CD1 . LEU A 1 96  ? -12.698 0.158   -5.694  1.00 49.38  ? 84  LEU A CD1 1 
ATOM   552  C  CD2 . LEU A 1 96  ? -12.171 -0.066  -3.247  1.00 47.26  ? 84  LEU A CD2 1 
ATOM   553  N  N   . SER A 1 97  ? -15.622 -2.916  -1.892  1.00 57.69  ? 85  SER A N   1 
ATOM   554  C  CA  . SER A 1 97  ? -16.929 -3.259  -1.322  1.00 57.81  ? 85  SER A CA  1 
ATOM   555  C  C   . SER A 1 97  ? -17.029 -2.509  -0.004  1.00 60.09  ? 85  SER A C   1 
ATOM   556  O  O   . SER A 1 97  ? -16.009 -2.122  0.559   1.00 59.69  ? 85  SER A O   1 
ATOM   557  C  CB  . SER A 1 97  ? -17.044 -4.766  -1.043  1.00 57.33  ? 85  SER A CB  1 
ATOM   558  O  OG  . SER A 1 97  ? -16.341 -5.152  0.133   1.00 54.23  ? 85  SER A OG  1 
ATOM   559  N  N   . PRO A 1 98  ? -18.246 -2.325  0.517   1.00 61.57  ? 86  PRO A N   1 
ATOM   560  C  CA  . PRO A 1 98  ? -18.370 -1.583  1.776   1.00 62.26  ? 86  PRO A CA  1 
ATOM   561  C  C   . PRO A 1 98  ? -17.749 -2.306  2.987   1.00 63.35  ? 86  PRO A C   1 
ATOM   562  O  O   . PRO A 1 98  ? -17.380 -1.651  3.962   1.00 64.61  ? 86  PRO A O   1 
ATOM   563  C  CB  . PRO A 1 98  ? -19.888 -1.422  1.935   1.00 63.02  ? 86  PRO A CB  1 
ATOM   564  C  CG  . PRO A 1 98  ? -20.468 -2.578  1.183   1.00 62.91  ? 86  PRO A CG  1 
ATOM   565  C  CD  . PRO A 1 98  ? -19.552 -2.785  0.009   1.00 62.97  ? 86  PRO A CD  1 
ATOM   566  N  N   . ALA A 1 99  ? -17.629 -3.634  2.921   1.00 62.83  ? 87  ALA A N   1 
ATOM   567  C  CA  . ALA A 1 99  ? -16.976 -4.417  3.972   1.00 61.90  ? 87  ALA A CA  1 
ATOM   568  C  C   . ALA A 1 99  ? -15.490 -4.068  4.087   1.00 61.50  ? 87  ALA A C   1 
ATOM   569  O  O   . ALA A 1 99  ? -14.900 -4.126  5.169   1.00 59.82  ? 87  ALA A O   1 
ATOM   570  C  CB  . ALA A 1 99  ? -17.124 -5.902  3.678   1.00 61.44  ? 87  ALA A CB  1 
ATOM   571  N  N   . ILE A 1 100 ? -14.905 -3.690  2.955   1.00 62.25  ? 88  ILE A N   1 
ATOM   572  C  CA  . ILE A 1 100 ? -13.469 -3.418  2.849   1.00 60.69  ? 88  ILE A CA  1 
ATOM   573  C  C   . ILE A 1 100 ? -13.108 -2.119  3.555   1.00 59.09  ? 88  ILE A C   1 
ATOM   574  O  O   . ILE A 1 100 ? -11.939 -1.850  3.778   1.00 58.21  ? 88  ILE A O   1 
ATOM   575  C  CB  . ILE A 1 100 ? -13.023 -3.383  1.328   1.00 60.40  ? 88  ILE A CB  1 
ATOM   576  C  CG1 . ILE A 1 100 ? -11.881 -4.360  1.074   1.00 62.46  ? 88  ILE A CG1 1 
ATOM   577  C  CG2 . ILE A 1 100 ? -12.734 -1.969  0.814   1.00 57.87  ? 88  ILE A CG2 1 
ATOM   578  C  CD1 . ILE A 1 100 ? -12.352 -5.838  1.200   1.00 66.64  ? 88  ILE A CD1 1 
ATOM   579  N  N   . VAL A 1 101 ? -14.121 -1.330  3.910   1.00 58.78  ? 89  VAL A N   1 
ATOM   580  C  CA  . VAL A 1 101 ? -13.934 -0.011  4.505   1.00 58.12  ? 89  VAL A CA  1 
ATOM   581  C  C   . VAL A 1 101 ? -14.404 0.043   5.974   1.00 59.07  ? 89  VAL A C   1 
ATOM   582  O  O   . VAL A 1 101 ? -14.423 1.101   6.607   1.00 54.65  ? 89  VAL A O   1 
ATOM   583  C  CB  . VAL A 1 101 ? -14.603 1.038   3.595   1.00 59.41  ? 89  VAL A CB  1 
ATOM   584  C  CG1 . VAL A 1 101 ? -15.031 2.266   4.365   1.00 67.85  ? 89  VAL A CG1 1 
ATOM   585  C  CG2 . VAL A 1 101 ? -13.670 1.395   2.423   1.00 52.87  ? 89  VAL A CG2 1 
ATOM   586  N  N   . GLU A 1 102 ? -14.707 -1.125  6.534   1.00 61.82  ? 90  GLU A N   1 
ATOM   587  C  CA  . GLU A 1 102 ? -15.111 -1.226  7.928   1.00 65.04  ? 90  GLU A CA  1 
ATOM   588  C  C   . GLU A 1 102 ? -14.039 -0.717  8.876   1.00 63.77  ? 90  GLU A C   1 
ATOM   589  O  O   . GLU A 1 102 ? -12.876 -1.076  8.747   1.00 66.30  ? 90  GLU A O   1 
ATOM   590  C  CB  . GLU A 1 102 ? -15.462 -2.674  8.274   1.00 65.38  ? 90  GLU A CB  1 
ATOM   591  C  CG  . GLU A 1 102 ? -16.835 -3.082  7.755   1.00 72.37  ? 90  GLU A CG  1 
ATOM   592  C  CD  . GLU A 1 102 ? -17.273 -4.461  8.235   1.00 71.75  ? 90  GLU A CD  1 
ATOM   593  O  OE1 . GLU A 1 102 ? -16.392 -5.332  8.428   1.00 78.86  ? 90  GLU A OE1 1 
ATOM   594  O  OE2 . GLU A 1 102 ? -18.504 -4.671  8.400   1.00 85.68  ? 90  GLU A OE2 1 
ATOM   595  N  N   . GLY A 1 103 ? -14.430 0.124   9.829   1.00 61.93  ? 91  GLY A N   1 
ATOM   596  C  CA  . GLY A 1 103 ? -13.491 0.673   10.808  1.00 61.22  ? 91  GLY A CA  1 
ATOM   597  C  C   . GLY A 1 103 ? -12.707 1.891   10.344  1.00 60.20  ? 91  GLY A C   1 
ATOM   598  O  O   . GLY A 1 103 ? -11.993 2.522   11.140  1.00 60.36  ? 91  GLY A O   1 
ATOM   599  N  N   . LEU A 1 104 ? -12.854 2.244   9.066   1.00 59.24  ? 92  LEU A N   1 
ATOM   600  C  CA  . LEU A 1 104 ? -12.150 3.399   8.515   1.00 59.36  ? 92  LEU A CA  1 
ATOM   601  C  C   . LEU A 1 104 ? -12.882 4.686   8.883   1.00 61.21  ? 92  LEU A C   1 
ATOM   602  O  O   . LEU A 1 104 ? -14.028 4.931   8.478   1.00 60.10  ? 92  LEU A O   1 
ATOM   603  C  CB  . LEU A 1 104 ? -11.963 3.279   6.988   1.00 58.96  ? 92  LEU A CB  1 
ATOM   604  C  CG  . LEU A 1 104 ? -11.080 4.326   6.274   1.00 58.14  ? 92  LEU A CG  1 
ATOM   605  C  CD1 . LEU A 1 104 ? -9.645  4.423   6.834   1.00 56.30  ? 92  LEU A CD1 1 
ATOM   606  C  CD2 . LEU A 1 104 ? -11.045 4.024   4.793   1.00 54.63  ? 92  LEU A CD2 1 
ATOM   607  N  N   . SER A 1 105 ? -12.199 5.506   9.660   1.00 63.59  ? 93  SER A N   1 
ATOM   608  C  CA  . SER A 1 105 ? -12.726 6.798   10.051  1.00 67.49  ? 93  SER A CA  1 
ATOM   609  C  C   . SER A 1 105 ? -12.958 7.678   8.845   1.00 67.21  ? 93  SER A C   1 
ATOM   610  O  O   . SER A 1 105 ? -12.545 7.353   7.740   1.00 66.76  ? 93  SER A O   1 
ATOM   611  C  CB  . SER A 1 105 ? -11.732 7.499   10.970  1.00 68.13  ? 93  SER A CB  1 
ATOM   612  O  OG  . SER A 1 105 ? -12.035 8.868   11.091  1.00 77.77  ? 93  SER A OG  1 
ATOM   613  N  N   . GLU A 1 106 ? -13.602 8.811   9.083   1.00 67.99  ? 94  GLU A N   1 
ATOM   614  C  CA  . GLU A 1 106 ? -13.833 9.789   8.047   1.00 70.78  ? 94  GLU A CA  1 
ATOM   615  C  C   . GLU A 1 106 ? -12.564 10.605  7.805   1.00 69.85  ? 94  GLU A C   1 
ATOM   616  O  O   . GLU A 1 106 ? -12.291 10.956  6.649   1.00 70.83  ? 94  GLU A O   1 
ATOM   617  C  CB  . GLU A 1 106 ? -15.034 10.684  8.387   1.00 74.33  ? 94  GLU A CB  1 
ATOM   618  C  CG  . GLU A 1 106 ? -16.389 9.930   8.384   1.00 80.74  ? 94  GLU A CG  1 
ATOM   619  C  CD  . GLU A 1 106 ? -16.912 9.607   6.977   1.00 85.98  ? 94  GLU A CD  1 
ATOM   620  O  OE1 . GLU A 1 106 ? -17.458 10.531  6.320   1.00 88.47  ? 94  GLU A OE1 1 
ATOM   621  O  OE2 . GLU A 1 106 ? -16.808 8.423   6.556   1.00 80.76  ? 94  GLU A OE2 1 
ATOM   622  N  N   . ASP A 1 107 ? -11.771 10.886  8.851   1.00 69.35  ? 95  ASP A N   1 
ATOM   623  C  CA  . ASP A 1 107 ? -10.474 11.572  8.611   1.00 69.95  ? 95  ASP A CA  1 
ATOM   624  C  C   . ASP A 1 107 ? -9.357  10.608  8.135   1.00 67.39  ? 95  ASP A C   1 
ATOM   625  O  O   . ASP A 1 107 ? -8.209  11.011  8.039   1.00 69.29  ? 95  ASP A O   1 
ATOM   626  C  CB  . ASP A 1 107 ? -10.020 12.625  9.705   1.00 70.88  ? 95  ASP A CB  1 
ATOM   627  C  CG  . ASP A 1 107 ? -9.981  12.092  11.157  1.00 77.27  ? 95  ASP A CG  1 
ATOM   628  O  OD1 . ASP A 1 107 ? -9.673  10.901  11.374  1.00 88.81  ? 95  ASP A OD1 1 
ATOM   629  O  OD2 . ASP A 1 107 ? -10.218 12.904  12.101  1.00 72.86  ? 95  ASP A OD2 1 
ATOM   630  N  N   . GLY A 1 108 ? -9.724  9.375   7.765   1.00 63.91  ? 96  GLY A N   1 
ATOM   631  C  CA  . GLY A 1 108 ? -8.784  8.374   7.260   1.00 61.16  ? 96  GLY A CA  1 
ATOM   632  C  C   . GLY A 1 108 ? -8.707  8.367   5.741   1.00 59.42  ? 96  GLY A C   1 
ATOM   633  O  O   . GLY A 1 108 ? -9.420  9.132   5.098   1.00 59.00  ? 96  GLY A O   1 
ATOM   634  N  N   . ILE A 1 109 ? -7.870  7.480   5.171   1.00 57.11  ? 97  ILE A N   1 
ATOM   635  C  CA  . ILE A 1 109 ? -7.623  7.437   3.727   1.00 53.52  ? 97  ILE A CA  1 
ATOM   636  C  C   . ILE A 1 109 ? -7.932  6.097   3.135   1.00 52.91  ? 97  ILE A C   1 
ATOM   637  O  O   . ILE A 1 109 ? -7.595  5.073   3.685   1.00 53.47  ? 97  ILE A O   1 
ATOM   638  C  CB  . ILE A 1 109 ? -6.128  7.748   3.376   1.00 52.82  ? 97  ILE A CB  1 
ATOM   639  C  CG1 . ILE A 1 109 ? -5.776  9.173   3.808   1.00 55.09  ? 97  ILE A CG1 1 
ATOM   640  C  CG2 . ILE A 1 109 ? -5.845  7.552   1.883   1.00 47.55  ? 97  ILE A CG2 1 
ATOM   641  C  CD1 . ILE A 1 109 ? -4.352  9.605   3.497   1.00 53.69  ? 97  ILE A CD1 1 
ATOM   642  N  N   . LEU A 1 110 ? -8.561  6.115   1.976   1.00 52.12  ? 98  LEU A N   1 
ATOM   643  C  CA  . LEU A 1 110 ? -8.768  4.908   1.203   1.00 50.61  ? 98  LEU A CA  1 
ATOM   644  C  C   . LEU A 1 110 ? -7.876  5.091   -0.021  1.00 50.66  ? 98  LEU A C   1 
ATOM   645  O  O   . LEU A 1 110 ? -8.061  6.018   -0.801  1.00 47.57  ? 98  LEU A O   1 
ATOM   646  C  CB  . LEU A 1 110 ? -10.228 4.736   0.839   1.00 47.17  ? 98  LEU A CB  1 
ATOM   647  C  CG  . LEU A 1 110 ? -10.629 3.629   -0.103  1.00 53.28  ? 98  LEU A CG  1 
ATOM   648  C  CD1 . LEU A 1 110 ? -10.110 2.261   0.344   1.00 51.67  ? 98  LEU A CD1 1 
ATOM   649  C  CD2 . LEU A 1 110 ? -12.158 3.651   -0.207  1.00 58.78  ? 98  LEU A CD2 1 
ATOM   650  N  N   . LEU A 1 111 ? -6.877  4.220   -0.140  1.00 48.40  ? 99  LEU A N   1 
ATOM   651  C  CA  . LEU A 1 111 ? -5.910  4.277   -1.228  1.00 45.54  ? 99  LEU A CA  1 
ATOM   652  C  C   . LEU A 1 111 ? -6.173  3.055   -2.112  1.00 47.80  ? 99  LEU A C   1 
ATOM   653  O  O   . LEU A 1 111 ? -6.299  1.931   -1.590  1.00 49.06  ? 99  LEU A O   1 
ATOM   654  C  CB  . LEU A 1 111 ? -4.478  4.287   -0.648  1.00 44.44  ? 99  LEU A CB  1 
ATOM   655  C  CG  . LEU A 1 111 ? -3.316  4.093   -1.638  1.00 41.97  ? 99  LEU A CG  1 
ATOM   656  C  CD1 . LEU A 1 111 ? -3.253  5.214   -2.674  1.00 45.19  ? 99  LEU A CD1 1 
ATOM   657  C  CD2 . LEU A 1 111 ? -1.993  3.888   -0.893  1.00 35.67  ? 99  LEU A CD2 1 
ATOM   658  N  N   . VAL A 1 112 ? -6.277  3.270   -3.433  1.00 49.62  ? 100 VAL A N   1 
ATOM   659  C  CA  . VAL A 1 112 ? -6.678  2.213   -4.377  1.00 48.18  ? 100 VAL A CA  1 
ATOM   660  C  C   . VAL A 1 112 ? -5.853  2.211   -5.660  1.00 48.86  ? 100 VAL A C   1 
ATOM   661  O  O   . VAL A 1 112 ? -5.490  3.248   -6.187  1.00 48.39  ? 100 VAL A O   1 
ATOM   662  C  CB  . VAL A 1 112 ? -8.204  2.304   -4.740  1.00 48.11  ? 100 VAL A CB  1 
ATOM   663  C  CG1 . VAL A 1 112 ? -8.692  1.045   -5.458  1.00 42.57  ? 100 VAL A CG1 1 
ATOM   664  C  CG2 . VAL A 1 112 ? -9.061  2.510   -3.488  1.00 49.60  ? 100 VAL A CG2 1 
ATOM   665  N  N   . ASN A 1 113 ? -5.568  1.000   -6.139  1.00 50.33  ? 101 ASN A N   1 
ATOM   666  C  CA  . ASN A 1 113 ? -4.861  0.747   -7.395  1.00 48.58  ? 101 ASN A CA  1 
ATOM   667  C  C   . ASN A 1 113 ? -5.975  0.643   -8.388  1.00 52.51  ? 101 ASN A C   1 
ATOM   668  O  O   . ASN A 1 113 ? -6.674  -0.370  -8.451  1.00 49.15  ? 101 ASN A O   1 
ATOM   669  C  CB  . ASN A 1 113 ? -4.089  -0.588  -7.350  1.00 46.89  ? 101 ASN A CB  1 
ATOM   670  C  CG  . ASN A 1 113 ? -3.579  -1.033  -8.720  1.00 48.69  ? 101 ASN A CG  1 
ATOM   671  O  OD1 . ASN A 1 113 ? -3.251  -0.214  -9.561  1.00 48.12  ? 101 ASN A OD1 1 
ATOM   672  N  ND2 . ASN A 1 113 ? -3.463  -2.349  -8.915  1.00 42.59  ? 101 ASN A ND2 1 
ATOM   673  N  N   . THR A 1 114 ? -6.180  1.700   -9.144  1.00 54.46  ? 102 THR A N   1 
ATOM   674  C  CA  . THR A 1 114 ? -7.281  1.702   -10.064 1.00 53.78  ? 102 THR A CA  1 
ATOM   675  C  C   . THR A 1 114 ? -7.077  2.730   -11.105 1.00 54.98  ? 102 THR A C   1 
ATOM   676  O  O   . THR A 1 114 ? -6.473  3.759   -10.846 1.00 55.38  ? 102 THR A O   1 
ATOM   677  C  CB  . THR A 1 114 ? -8.600  2.039   -9.342  1.00 53.07  ? 102 THR A CB  1 
ATOM   678  O  OG1 . THR A 1 114 ? -9.699  1.820   -10.236 1.00 52.87  ? 102 THR A OG1 1 
ATOM   679  C  CG2 . THR A 1 114 ? -8.604  3.496   -8.805  1.00 52.41  ? 102 THR A CG2 1 
ATOM   680  N  N   . VAL A 1 115 ? -7.601  2.452   -12.289 1.00 58.88  ? 103 VAL A N   1 
ATOM   681  C  CA  . VAL A 1 115 ? -7.612  3.445   -13.366 1.00 61.85  ? 103 VAL A CA  1 
ATOM   682  C  C   . VAL A 1 115 ? -8.916  4.264   -13.352 1.00 62.21  ? 103 VAL A C   1 
ATOM   683  O  O   . VAL A 1 115 ? -9.053  5.194   -14.114 1.00 62.71  ? 103 VAL A O   1 
ATOM   684  C  CB  . VAL A 1 115 ? -7.418  2.788   -14.734 1.00 62.44  ? 103 VAL A CB  1 
ATOM   685  C  CG1 . VAL A 1 115 ? -8.713  2.074   -15.171 1.00 65.27  ? 103 VAL A CG1 1 
ATOM   686  C  CG2 . VAL A 1 115 ? -6.967  3.822   -15.731 1.00 64.04  ? 103 VAL A CG2 1 
ATOM   687  N  N   . LYS A 1 116 ? -9.853  3.924   -12.468 1.00 62.21  ? 104 LYS A N   1 
ATOM   688  C  CA  . LYS A 1 116 ? -11.106 4.641   -12.348 1.00 61.83  ? 104 LYS A CA  1 
ATOM   689  C  C   . LYS A 1 116 ? -10.986 5.844   -11.403 1.00 64.05  ? 104 LYS A C   1 
ATOM   690  O  O   . LYS A 1 116 ? -9.888  6.149   -10.930 1.00 63.22  ? 104 LYS A O   1 
ATOM   691  C  CB  . LYS A 1 116 ? -12.195 3.657   -11.972 1.00 62.40  ? 104 LYS A CB  1 
ATOM   692  C  CG  . LYS A 1 116 ? -12.340 2.624   -13.096 1.00 63.60  ? 104 LYS A CG  1 
ATOM   693  C  CD  . LYS A 1 116 ? -13.312 1.514   -12.800 1.00 70.20  ? 104 LYS A CD  1 
ATOM   694  C  CE  . LYS A 1 116 ? -13.303 0.477   -13.926 1.00 74.19  ? 104 LYS A CE  1 
ATOM   695  N  NZ  . LYS A 1 116 ? -13.850 -0.837  -13.455 1.00 79.21  ? 104 LYS A NZ  1 
ATOM   696  N  N   . ASP A 1 117 ? -12.102 6.543   -11.175 1.00 65.78  ? 105 ASP A N   1 
ATOM   697  C  CA  . ASP A 1 117 ? -12.114 7.837   -10.456 1.00 67.45  ? 105 ASP A CA  1 
ATOM   698  C  C   . ASP A 1 117 ? -12.708 7.739   -9.069  1.00 66.77  ? 105 ASP A C   1 
ATOM   699  O  O   . ASP A 1 117 ? -13.270 6.699   -8.690  1.00 65.85  ? 105 ASP A O   1 
ATOM   700  C  CB  . ASP A 1 117 ? -12.895 8.903   -11.255 1.00 69.08  ? 105 ASP A CB  1 
ATOM   701  C  CG  . ASP A 1 117 ? -14.383 8.560   -11.418 1.00 72.38  ? 105 ASP A CG  1 
ATOM   702  O  OD1 . ASP A 1 117 ? -14.778 7.384   -11.255 1.00 83.34  ? 105 ASP A OD1 1 
ATOM   703  O  OD2 . ASP A 1 117 ? -15.166 9.469   -11.728 1.00 76.14  ? 105 ASP A OD2 1 
ATOM   704  N  N   . PHE A 1 118 ? -12.616 8.848   -8.336  1.00 66.33  ? 106 PHE A N   1 
ATOM   705  C  CA  . PHE A 1 118 ? -13.065 8.884   -6.948  1.00 67.19  ? 106 PHE A CA  1 
ATOM   706  C  C   . PHE A 1 118 ? -14.525 8.486   -6.817  1.00 68.41  ? 106 PHE A C   1 
ATOM   707  O  O   . PHE A 1 118 ? -14.891 7.737   -5.909  1.00 68.87  ? 106 PHE A O   1 
ATOM   708  C  CB  . PHE A 1 118 ? -12.839 10.261  -6.322  1.00 67.72  ? 106 PHE A CB  1 
ATOM   709  C  CG  . PHE A 1 118 ? -11.449 10.809  -6.531  1.00 69.30  ? 106 PHE A CG  1 
ATOM   710  C  CD1 . PHE A 1 118 ? -10.351 10.170  -5.993  1.00 64.87  ? 106 PHE A CD1 1 
ATOM   711  C  CD2 . PHE A 1 118 ? -11.248 11.973  -7.261  1.00 69.62  ? 106 PHE A CD2 1 
ATOM   712  C  CE1 . PHE A 1 118 ? -9.073  10.669  -6.191  1.00 68.38  ? 106 PHE A CE1 1 
ATOM   713  C  CE2 . PHE A 1 118 ? -9.978  12.477  -7.461  1.00 67.85  ? 106 PHE A CE2 1 
ATOM   714  C  CZ  . PHE A 1 118 ? -8.888  11.825  -6.924  1.00 69.12  ? 106 PHE A CZ  1 
ATOM   715  N  N   . GLU A 1 119 ? -15.349 8.977   -7.738  1.00 69.97  ? 107 GLU A N   1 
ATOM   716  C  CA  . GLU A 1 119 ? -16.786 8.699   -7.744  1.00 70.52  ? 107 GLU A CA  1 
ATOM   717  C  C   . GLU A 1 119 ? -17.082 7.204   -7.851  1.00 68.41  ? 107 GLU A C   1 
ATOM   718  O  O   . GLU A 1 119 ? -17.966 6.702   -7.168  1.00 67.16  ? 107 GLU A O   1 
ATOM   719  C  CB  . GLU A 1 119 ? -17.462 9.449   -8.899  1.00 70.84  ? 107 GLU A CB  1 
ATOM   720  C  CG  . GLU A 1 119 ? -18.976 9.483   -8.830  1.00 71.55  ? 107 GLU A CG  1 
ATOM   721  C  CD  . GLU A 1 119 ? -19.589 10.342  -9.937  1.00 74.00  ? 107 GLU A CD  1 
ATOM   722  O  OE1 . GLU A 1 119 ? -19.072 10.304  -11.088 1.00 76.72  ? 107 GLU A OE1 1 
ATOM   723  O  OE2 . GLU A 1 119 ? -20.595 11.046  -9.654  1.00 79.11  ? 107 GLU A OE2 1 
ATOM   724  N  N   . PHE A 1 120 ? -16.345 6.500   -8.707  1.00 68.01  ? 108 PHE A N   1 
ATOM   725  C  CA  . PHE A 1 120 ? -16.509 5.050   -8.840  1.00 67.80  ? 108 PHE A CA  1 
ATOM   726  C  C   . PHE A 1 120 ? -16.197 4.330   -7.529  1.00 66.55  ? 108 PHE A C   1 
ATOM   727  O  O   . PHE A 1 120 ? -16.938 3.442   -7.091  1.00 65.33  ? 108 PHE A O   1 
ATOM   728  C  CB  . PHE A 1 120 ? -15.613 4.489   -9.948  1.00 68.40  ? 108 PHE A CB  1 
ATOM   729  C  CG  . PHE A 1 120 ? -15.572 2.994   -9.973  1.00 69.11  ? 108 PHE A CG  1 
ATOM   730  C  CD1 . PHE A 1 120 ? -16.676 2.268   -10.384 1.00 74.05  ? 108 PHE A CD1 1 
ATOM   731  C  CD2 . PHE A 1 120 ? -14.443 2.307   -9.551  1.00 72.60  ? 108 PHE A CD2 1 
ATOM   732  C  CE1 . PHE A 1 120 ? -16.649 0.873   -10.391 1.00 77.13  ? 108 PHE A CE1 1 
ATOM   733  C  CE2 . PHE A 1 120 ? -14.403 0.922   -9.557  1.00 73.19  ? 108 PHE A CE2 1 
ATOM   734  C  CZ  . PHE A 1 120 ? -15.502 0.201   -9.981  1.00 73.62  ? 108 PHE A CZ  1 
ATOM   735  N  N   . VAL A 1 121 ? -15.087 4.729   -6.917  1.00 65.96  ? 109 VAL A N   1 
ATOM   736  C  CA  . VAL A 1 121 ? -14.631 4.133   -5.665  1.00 65.74  ? 109 VAL A CA  1 
ATOM   737  C  C   . VAL A 1 121 ? -15.640 4.409   -4.544  1.00 66.99  ? 109 VAL A C   1 
ATOM   738  O  O   . VAL A 1 121 ? -15.921 3.547   -3.707  1.00 66.43  ? 109 VAL A O   1 
ATOM   739  C  CB  . VAL A 1 121 ? -13.240 4.681   -5.262  1.00 65.83  ? 109 VAL A CB  1 
ATOM   740  C  CG1 . VAL A 1 121 ? -12.799 4.091   -3.915  1.00 64.15  ? 109 VAL A CG1 1 
ATOM   741  C  CG2 . VAL A 1 121 ? -12.210 4.396   -6.359  1.00 57.41  ? 109 VAL A CG2 1 
ATOM   742  N  N   . ARG A 1 122 ? -16.174 5.624   -4.547  1.00 67.40  ? 110 ARG A N   1 
ATOM   743  C  CA  . ARG A 1 122 ? -17.179 6.046   -3.580  1.00 67.69  ? 110 ARG A CA  1 
ATOM   744  C  C   . ARG A 1 122 ? -18.444 5.210   -3.688  1.00 66.60  ? 110 ARG A C   1 
ATOM   745  O  O   . ARG A 1 122 ? -19.051 4.873   -2.681  1.00 65.09  ? 110 ARG A O   1 
ATOM   746  C  CB  . ARG A 1 122 ? -17.528 7.504   -3.830  1.00 68.76  ? 110 ARG A CB  1 
ATOM   747  C  CG  . ARG A 1 122 ? -17.560 8.350   -2.585  1.00 76.30  ? 110 ARG A CG  1 
ATOM   748  C  CD  . ARG A 1 122 ? -17.016 9.740   -2.888  1.00 86.93  ? 110 ARG A CD  1 
ATOM   749  N  NE  . ARG A 1 122 ? -16.199 10.249  -1.786  1.00 93.07  ? 110 ARG A NE  1 
ATOM   750  C  CZ  . ARG A 1 122 ? -15.312 11.233  -1.903  1.00 96.96  ? 110 ARG A CZ  1 
ATOM   751  N  NH1 . ARG A 1 122 ? -15.107 11.831  -3.083  1.00 99.96  ? 110 ARG A NH1 1 
ATOM   752  N  NH2 . ARG A 1 122 ? -14.623 11.612  -0.833  1.00 95.47  ? 110 ARG A NH2 1 
ATOM   753  N  N   . LYS A 1 123 ? -18.835 4.890   -4.920  1.00 67.67  ? 111 LYS A N   1 
ATOM   754  C  CA  . LYS A 1 123 ? -20.037 4.097   -5.188  1.00 67.92  ? 111 LYS A CA  1 
ATOM   755  C  C   . LYS A 1 123 ? -19.852 2.689   -4.678  1.00 67.23  ? 111 LYS A C   1 
ATOM   756  O  O   . LYS A 1 123 ? -20.731 2.153   -4.007  1.00 66.80  ? 111 LYS A O   1 
ATOM   757  C  CB  . LYS A 1 123 ? -20.352 4.049   -6.696  1.00 69.29  ? 111 LYS A CB  1 
ATOM   758  C  CG  . LYS A 1 123 ? -21.650 3.305   -7.070  1.00 67.75  ? 111 LYS A CG  1 
ATOM   759  N  N   . LYS A 1 124 ? -18.706 2.100   -5.003  1.00 65.61  ? 112 LYS A N   1 
ATOM   760  C  CA  . LYS A 1 124 ? -18.407 0.714   -4.625  1.00 65.24  ? 112 LYS A CA  1 
ATOM   761  C  C   . LYS A 1 124 ? -18.267 0.489   -3.112  1.00 63.33  ? 112 LYS A C   1 
ATOM   762  O  O   . LYS A 1 124 ? -18.605 -0.586  -2.609  1.00 61.41  ? 112 LYS A O   1 
ATOM   763  C  CB  . LYS A 1 124 ? -17.138 0.232   -5.355  1.00 66.11  ? 112 LYS A CB  1 
ATOM   764  C  CG  . LYS A 1 124 ? -17.398 -0.343  -6.740  1.00 66.44  ? 112 LYS A CG  1 
ATOM   765  C  CD  . LYS A 1 124 ? -17.795 -1.810  -6.631  1.00 73.22  ? 112 LYS A CD  1 
ATOM   766  C  CE  . LYS A 1 124 ? -18.279 -2.408  -7.956  1.00 76.09  ? 112 LYS A CE  1 
ATOM   767  N  NZ  . LYS A 1 124 ? -19.664 -1.971  -8.320  1.00 79.74  ? 112 LYS A NZ  1 
ATOM   768  N  N   . THR A 1 125 ? -17.786 1.500   -2.397  1.00 62.46  ? 113 THR A N   1 
ATOM   769  C  CA  . THR A 1 125 ? -17.492 1.361   -0.970  1.00 62.53  ? 113 THR A CA  1 
ATOM   770  C  C   . THR A 1 125 ? -18.455 2.092   -0.040  1.00 62.92  ? 113 THR A C   1 
ATOM   771  O  O   . THR A 1 125 ? -18.778 1.598   1.050   1.00 62.71  ? 113 THR A O   1 
ATOM   772  C  CB  . THR A 1 125 ? -16.085 1.905   -0.650  1.00 63.28  ? 113 THR A CB  1 
ATOM   773  O  OG1 . THR A 1 125 ? -16.026 3.298   -0.994  1.00 62.69  ? 113 THR A OG1 1 
ATOM   774  C  CG2 . THR A 1 125 ? -14.998 1.112   -1.401  1.00 60.00  ? 113 THR A CG2 1 
ATOM   775  N  N   . GLY A 1 126 ? -18.887 3.277   -0.458  1.00 63.13  ? 114 GLY A N   1 
ATOM   776  C  CA  . GLY A 1 126 ? -19.719 4.139   0.381   1.00 64.12  ? 114 GLY A CA  1 
ATOM   777  C  C   . GLY A 1 126 ? -18.854 4.961   1.333   1.00 64.38  ? 114 GLY A C   1 
ATOM   778  O  O   . GLY A 1 126 ? -19.322 5.453   2.374   1.00 64.94  ? 114 GLY A O   1 
ATOM   779  N  N   . PHE A 1 127 ? -17.585 5.112   0.973   1.00 61.48  ? 115 PHE A N   1 
ATOM   780  C  CA  . PHE A 1 127 ? -16.664 5.881   1.762   1.00 59.91  ? 115 PHE A CA  1 
ATOM   781  C  C   . PHE A 1 127 ? -16.647 7.365   1.364   1.00 61.55  ? 115 PHE A C   1 
ATOM   782  O  O   . PHE A 1 127 ? -16.222 7.749   0.259   1.00 60.51  ? 115 PHE A O   1 
ATOM   783  C  CB  . PHE A 1 127 ? -15.251 5.295   1.655   1.00 59.33  ? 115 PHE A CB  1 
ATOM   784  C  CG  . PHE A 1 127 ? -14.278 5.946   2.584   1.00 55.11  ? 115 PHE A CG  1 
ATOM   785  C  CD1 . PHE A 1 127 ? -14.422 5.796   3.957   1.00 51.89  ? 115 PHE A CD1 1 
ATOM   786  C  CD2 . PHE A 1 127 ? -13.251 6.740   2.101   1.00 52.65  ? 115 PHE A CD2 1 
ATOM   787  C  CE1 . PHE A 1 127 ? -13.553 6.420   4.832   1.00 58.48  ? 115 PHE A CE1 1 
ATOM   788  C  CE2 . PHE A 1 127 ? -12.371 7.371   2.965   1.00 52.04  ? 115 PHE A CE2 1 
ATOM   789  C  CZ  . PHE A 1 127 ? -12.516 7.214   4.333   1.00 57.23  ? 115 PHE A CZ  1 
ATOM   790  N  N   . ASN A 1 128 ? -17.147 8.195   2.270   1.00 63.07  ? 116 ASN A N   1 
ATOM   791  C  CA  . ASN A 1 128 ? -16.969 9.640   2.185   1.00 63.80  ? 116 ASN A CA  1 
ATOM   792  C  C   . ASN A 1 128 ? -15.710 9.781   3.008   1.00 65.79  ? 116 ASN A C   1 
ATOM   793  O  O   . ASN A 1 128 ? -15.567 9.083   4.008   1.00 69.41  ? 116 ASN A O   1 
ATOM   794  C  CB  . ASN A 1 128 ? -18.142 10.355  2.816   1.00 62.44  ? 116 ASN A CB  1 
ATOM   795  C  CG  . ASN A 1 128 ? -19.466 9.868   2.264   1.00 64.11  ? 116 ASN A CG  1 
ATOM   796  O  OD1 . ASN A 1 128 ? -20.216 9.178   2.961   1.00 63.31  ? 116 ASN A OD1 1 
ATOM   797  N  ND2 . ASN A 1 128 ? -19.742 10.179  0.991   1.00 56.62  ? 116 ASN A ND2 1 
ATOM   798  N  N   . GLY A 1 129 ? -14.782 10.634  2.597   1.00 65.19  ? 117 GLY A N   1 
ATOM   799  C  CA  . GLY A 1 129 ? -13.444 10.673  3.225   1.00 61.12  ? 117 GLY A CA  1 
ATOM   800  C  C   . GLY A 1 129 ? -12.433 10.705  2.106   1.00 58.59  ? 117 GLY A C   1 
ATOM   801  O  O   . GLY A 1 129 ? -12.785 10.444  0.968   1.00 58.19  ? 117 GLY A O   1 
ATOM   802  N  N   . LYS A 1 130 ? -11.183 11.024  2.411   1.00 56.59  ? 118 LYS A N   1 
ATOM   803  C  CA  . LYS A 1 130 ? -10.190 11.155  1.357   1.00 56.10  ? 118 LYS A CA  1 
ATOM   804  C  C   . LYS A 1 130 ? -10.015 9.814   0.656   1.00 54.39  ? 118 LYS A C   1 
ATOM   805  O  O   . LYS A 1 130 ? -9.812  8.797   1.294   1.00 55.22  ? 118 LYS A O   1 
ATOM   806  C  CB  . LYS A 1 130 ? -8.845  11.681  1.894   1.00 54.29  ? 118 LYS A CB  1 
ATOM   807  C  CG  . LYS A 1 130 ? -7.903  12.151  0.775   1.00 58.11  ? 118 LYS A CG  1 
ATOM   808  C  CD  . LYS A 1 130 ? -6.454  12.322  1.241   1.00 58.65  ? 118 LYS A CD  1 
ATOM   809  C  CE  . LYS A 1 130 ? -6.237  13.622  1.996   1.00 65.44  ? 118 LYS A CE  1 
ATOM   810  N  NZ  . LYS A 1 130 ? -4.811  13.707  2.459   1.00 72.22  ? 118 LYS A NZ  1 
ATOM   811  N  N   . ILE A 1 131 ? -10.137 9.826   -0.662  1.00 54.09  ? 119 ILE A N   1 
ATOM   812  C  CA  . ILE A 1 131 ? -9.898  8.659   -1.504  1.00 52.38  ? 119 ILE A CA  1 
ATOM   813  C  C   . ILE A 1 131 ? -8.751  9.008   -2.437  1.00 53.42  ? 119 ILE A C   1 
ATOM   814  O  O   . ILE A 1 131 ? -8.824  9.994   -3.143  1.00 52.49  ? 119 ILE A O   1 
ATOM   815  C  CB  . ILE A 1 131 ? -11.125 8.291   -2.373  1.00 53.60  ? 119 ILE A CB  1 
ATOM   816  C  CG1 . ILE A 1 131 ? -12.278 7.790   -1.484  1.00 51.59  ? 119 ILE A CG1 1 
ATOM   817  C  CG2 . ILE A 1 131 ? -10.720 7.270   -3.448  1.00 49.07  ? 119 ILE A CG2 1 
ATOM   818  C  CD1 . ILE A 1 131 ? -13.638 7.649   -2.179  1.00 47.50  ? 119 ILE A CD1 1 
ATOM   819  N  N   . CYS A 1 132 ? -7.688  8.213   -2.417  1.00 52.97  ? 120 CYS A N   1 
ATOM   820  C  CA  . CYS A 1 132 ? -6.537  8.430   -3.280  1.00 51.77  ? 120 CYS A CA  1 
ATOM   821  C  C   . CYS A 1 132 ? -6.460  7.244   -4.254  1.00 50.51  ? 120 CYS A C   1 
ATOM   822  O  O   . CYS A 1 132 ? -6.735  6.110   -3.864  1.00 50.53  ? 120 CYS A O   1 
ATOM   823  C  CB  . CYS A 1 132 ? -5.282  8.525   -2.421  1.00 49.94  ? 120 CYS A CB  1 
ATOM   824  S  SG  . CYS A 1 132 ? -5.416  9.635   -0.986  1.00 59.02  ? 120 CYS A SG  1 
ATOM   825  N  N   . VAL A 1 133 ? -6.125  7.502   -5.514  1.00 48.59  ? 121 VAL A N   1 
ATOM   826  C  CA  . VAL A 1 133 ? -6.075  6.450   -6.533  1.00 46.84  ? 121 VAL A CA  1 
ATOM   827  C  C   . VAL A 1 133 ? -4.809  6.613   -7.372  1.00 45.74  ? 121 VAL A C   1 
ATOM   828  O  O   . VAL A 1 133 ? -4.291  7.727   -7.544  1.00 41.53  ? 121 VAL A O   1 
ATOM   829  C  CB  . VAL A 1 133 ? -7.306  6.497   -7.500  1.00 48.71  ? 121 VAL A CB  1 
ATOM   830  C  CG1 . VAL A 1 133 ? -8.620  6.371   -6.752  1.00 46.00  ? 121 VAL A CG1 1 
ATOM   831  C  CG2 . VAL A 1 133 ? -7.292  7.760   -8.371  1.00 47.25  ? 121 VAL A CG2 1 
ATOM   832  N  N   . VAL A 1 134 ? -4.295  5.500   -7.886  1.00 43.07  ? 122 VAL A N   1 
ATOM   833  C  CA  . VAL A 1 134 ? -3.096  5.564   -8.737  1.00 39.62  ? 122 VAL A CA  1 
ATOM   834  C  C   . VAL A 1 134 ? -3.078  4.291   -9.562  1.00 40.35  ? 122 VAL A C   1 
ATOM   835  O  O   . VAL A 1 134 ? -3.469  3.249   -9.086  1.00 42.72  ? 122 VAL A O   1 
ATOM   836  C  CB  . VAL A 1 134 ? -1.802  5.655   -7.926  1.00 37.92  ? 122 VAL A CB  1 
ATOM   837  C  CG1 . VAL A 1 134 ? -1.681  4.469   -6.947  1.00 33.05  ? 122 VAL A CG1 1 
ATOM   838  C  CG2 . VAL A 1 134 ? -0.540  5.814   -8.841  1.00 38.25  ? 122 VAL A CG2 1 
ATOM   839  N  N   . ASP A 1 135 ? -2.631  4.383   -10.795 1.00 41.61  ? 123 ASP A N   1 
ATOM   840  C  CA  . ASP A 1 135 ? -2.611  3.167   -11.685 1.00 41.73  ? 123 ASP A CA  1 
ATOM   841  C  C   . ASP A 1 135 ? -1.289  2.453   -11.469 1.00 44.50  ? 123 ASP A C   1 
ATOM   842  O  O   . ASP A 1 135 ? -0.320  2.606   -12.252 1.00 50.77  ? 123 ASP A O   1 
ATOM   843  C  CB  . ASP A 1 135 ? -2.779  3.622   -13.131 1.00 41.35  ? 123 ASP A CB  1 
ATOM   844  C  CG  . ASP A 1 135 ? -2.773  2.485   -14.104 1.00 45.20  ? 123 ASP A CG  1 
ATOM   845  O  OD1 . ASP A 1 135 ? -2.770  1.307   -13.651 1.00 40.25  ? 123 ASP A OD1 1 
ATOM   846  O  OD2 . ASP A 1 135 ? -2.727  2.799   -15.307 1.00 48.28  ? 123 ASP A OD2 1 
ATOM   847  N  N   . ALA A 1 136 ? -1.226  1.689   -10.375 1.00 45.47  ? 124 ALA A N   1 
ATOM   848  C  CA  . ALA A 1 136 ? 0.056   1.110   -9.942  1.00 43.76  ? 124 ALA A CA  1 
ATOM   849  C  C   . ALA A 1 136 ? 0.416   -0.024  -10.865 1.00 42.55  ? 124 ALA A C   1 
ATOM   850  O  O   . ALA A 1 136 ? 1.582   -0.206  -11.196 1.00 43.96  ? 124 ALA A O   1 
ATOM   851  C  CB  . ALA A 1 136 ? 0.000   0.627   -8.531  1.00 42.58  ? 124 ALA A CB  1 
ATOM   852  N  N   . THR A 1 137 ? -0.583  -0.769  -11.303 1.00 42.08  ? 125 THR A N   1 
ATOM   853  C  CA  . THR A 1 137 ? -0.294  -1.903  -12.238 1.00 45.38  ? 125 THR A CA  1 
ATOM   854  C  C   . THR A 1 137 ? 0.512   -1.460  -13.438 1.00 43.99  ? 125 THR A C   1 
ATOM   855  O  O   . THR A 1 137 ? 1.539   -2.059  -13.763 1.00 51.92  ? 125 THR A O   1 
ATOM   856  C  CB  . THR A 1 137 ? -1.575  -2.568  -12.687 1.00 43.93  ? 125 THR A CB  1 
ATOM   857  O  OG1 . THR A 1 137 ? -2.259  -3.001  -11.499 1.00 47.45  ? 125 THR A OG1 1 
ATOM   858  C  CG2 . THR A 1 137 ? -1.299  -3.803  -13.638 1.00 44.51  ? 125 THR A CG2 1 
ATOM   859  N  N   . ASP A 1 138 ? 0.042   -0.404  -14.087 1.00 43.93  ? 126 ASP A N   1 
ATOM   860  C  CA  . ASP A 1 138 ? 0.711   0.148   -15.258 1.00 43.28  ? 126 ASP A CA  1 
ATOM   861  C  C   . ASP A 1 138 ? 2.040   0.792   -14.967 1.00 41.11  ? 126 ASP A C   1 
ATOM   862  O  O   . ASP A 1 138 ? 2.966   0.652   -15.766 1.00 35.22  ? 126 ASP A O   1 
ATOM   863  C  CB  . ASP A 1 138 ? -0.198  1.118   -16.010 1.00 47.96  ? 126 ASP A CB  1 
ATOM   864  C  CG  . ASP A 1 138 ? -1.282  0.387   -16.859 1.00 49.74  ? 126 ASP A CG  1 
ATOM   865  O  OD1 . ASP A 1 138 ? -0.985  -0.640  -17.520 1.00 56.15  ? 126 ASP A OD1 1 
ATOM   866  O  OD2 . ASP A 1 138 ? -2.445  0.858   -16.860 1.00 55.48  ? 126 ASP A OD2 1 
ATOM   867  N  N   . ILE A 1 139 ? 2.166   1.515   -13.850 1.00 43.99  ? 127 ILE A N   1 
ATOM   868  C  CA  . ILE A 1 139 ? 3.496   1.981   -13.449 1.00 41.41  ? 127 ILE A CA  1 
ATOM   869  C  C   . ILE A 1 139 ? 4.505   0.798   -13.407 1.00 45.68  ? 127 ILE A C   1 
ATOM   870  O  O   . ILE A 1 139 ? 5.626   0.860   -13.962 1.00 46.73  ? 127 ILE A O   1 
ATOM   871  C  CB  . ILE A 1 139 ? 3.498   2.717   -12.070 1.00 44.07  ? 127 ILE A CB  1 
ATOM   872  C  CG1 . ILE A 1 139 ? 2.634   3.997   -12.137 1.00 35.78  ? 127 ILE A CG1 1 
ATOM   873  C  CG2 . ILE A 1 139 ? 4.957   3.002   -11.676 1.00 40.43  ? 127 ILE A CG2 1 
ATOM   874  C  CD1 . ILE A 1 139 ? 2.562   4.942   -10.726 1.00 37.28  ? 127 ILE A CD1 1 
ATOM   875  N  N   . ALA A 1 140 ? 4.093   -0.300  -12.791 1.00 47.02  ? 128 ALA A N   1 
ATOM   876  C  CA  . ALA A 1 140 ? 4.950   -1.478  -12.663 1.00 44.87  ? 128 ALA A CA  1 
ATOM   877  C  C   . ALA A 1 140 ? 5.213   -2.144  -14.003 1.00 46.81  ? 128 ALA A C   1 
ATOM   878  O  O   . ALA A 1 140 ? 6.335   -2.612  -14.268 1.00 44.70  ? 128 ALA A O   1 
ATOM   879  C  CB  . ALA A 1 140 ? 4.304   -2.476  -11.697 1.00 45.71  ? 128 ALA A CB  1 
ATOM   880  N  N   . LEU A 1 141 ? 4.208   -2.220  -14.873 1.00 44.98  ? 129 LEU A N   1 
ATOM   881  C  CA  . LEU A 1 141 ? 4.475   -2.848  -16.169 1.00 43.39  ? 129 LEU A CA  1 
ATOM   882  C  C   . LEU A 1 141 ? 5.524   -2.047  -16.913 1.00 45.88  ? 129 LEU A C   1 
ATOM   883  O  O   . LEU A 1 141 ? 6.347   -2.608  -17.625 1.00 44.05  ? 129 LEU A O   1 
ATOM   884  C  CB  . LEU A 1 141 ? 3.223   -2.985  -17.023 1.00 42.05  ? 129 LEU A CB  1 
ATOM   885  C  CG  . LEU A 1 141 ? 2.243   -4.089  -16.638 1.00 38.28  ? 129 LEU A CG  1 
ATOM   886  C  CD1 . LEU A 1 141 ? 0.902   -3.690  -17.210 1.00 32.46  ? 129 LEU A CD1 1 
ATOM   887  C  CD2 . LEU A 1 141 ? 2.699   -5.488  -17.130 1.00 38.59  ? 129 LEU A CD2 1 
ATOM   888  N  N   . GLN A 1 142 ? 5.487   -0.727  -16.730 1.00 47.14  ? 130 GLN A N   1 
ATOM   889  C  CA  . GLN A 1 142 ? 6.430   0.156   -17.391 1.00 49.81  ? 130 GLN A CA  1 
ATOM   890  C  C   . GLN A 1 142 ? 7.831   0.057   -16.802 1.00 48.56  ? 130 GLN A C   1 
ATOM   891  O  O   . GLN A 1 142 ? 8.836   0.016   -17.524 1.00 47.59  ? 130 GLN A O   1 
ATOM   892  C  CB  . GLN A 1 142 ? 5.945   1.610   -17.299 1.00 45.66  ? 130 GLN A CB  1 
ATOM   893  C  CG  . GLN A 1 142 ? 4.712   1.932   -18.114 1.00 57.09  ? 130 GLN A CG  1 
ATOM   894  C  CD  . GLN A 1 142 ? 4.602   3.408   -18.480 1.00 62.69  ? 130 GLN A CD  1 
ATOM   895  O  OE1 . GLN A 1 142 ? 3.703   4.114   -18.003 1.00 83.70  ? 130 GLN A OE1 1 
ATOM   896  N  NE2 . GLN A 1 142 ? 5.529   3.884   -19.317 1.00 81.25  ? 130 GLN A NE2 1 
ATOM   897  N  N   . GLU A 1 143 ? 7.896   0.028   -15.481 1.00 46.77  ? 131 GLU A N   1 
ATOM   898  C  CA  . GLU A 1 143 ? 9.170   0.150   -14.817 1.00 47.08  ? 131 GLU A CA  1 
ATOM   899  C  C   . GLU A 1 143 ? 9.851   -1.170  -14.528 1.00 44.69  ? 131 GLU A C   1 
ATOM   900  O  O   . GLU A 1 143 ? 11.061  -1.315  -14.814 1.00 45.15  ? 131 GLU A O   1 
ATOM   901  C  CB  . GLU A 1 143 ? 9.012   0.965   -13.522 1.00 47.63  ? 131 GLU A CB  1 
ATOM   902  C  CG  . GLU A 1 143 ? 8.621   2.422   -13.740 1.00 48.42  ? 131 GLU A CG  1 
ATOM   903  C  CD  . GLU A 1 143 ? 9.597   3.209   -14.642 1.00 50.30  ? 131 GLU A CD  1 
ATOM   904  O  OE1 . GLU A 1 143 ? 10.801  2.868   -14.776 1.00 47.74  ? 131 GLU A OE1 1 
ATOM   905  O  OE2 . GLU A 1 143 ? 9.133   4.212   -15.204 1.00 52.90  ? 131 GLU A OE2 1 
ATOM   906  N  N   . ILE A 1 144 ? 9.107   -2.112  -13.931 1.00 41.83  ? 132 ILE A N   1 
ATOM   907  C  CA  . ILE A 1 144 ? 9.689   -3.410  -13.574 1.00 41.26  ? 132 ILE A CA  1 
ATOM   908  C  C   . ILE A 1 144 ? 9.268   -4.521  -14.565 1.00 40.83  ? 132 ILE A C   1 
ATOM   909  O  O   . ILE A 1 144 ? 9.680   -5.663  -14.416 1.00 39.30  ? 132 ILE A O   1 
ATOM   910  C  CB  . ILE A 1 144 ? 9.444   -3.822  -12.123 1.00 40.67  ? 132 ILE A CB  1 
ATOM   911  C  CG1 . ILE A 1 144 ? 7.957   -4.143  -11.871 1.00 40.94  ? 132 ILE A CG1 1 
ATOM   912  C  CG2 . ILE A 1 144 ? 10.015  -2.716  -11.170 1.00 41.91  ? 132 ILE A CG2 1 
ATOM   913  C  CD1 . ILE A 1 144 ? 7.629   -4.856  -10.520 1.00 39.23  ? 132 ILE A CD1 1 
ATOM   914  N  N   . LYS A 1 145 ? 8.453   -4.170  -15.550 1.00 39.62  ? 133 LYS A N   1 
ATOM   915  C  CA  . LYS A 1 145 ? 7.988   -5.127  -16.528 1.00 41.34  ? 133 LYS A CA  1 
ATOM   916  C  C   . LYS A 1 145 ? 7.143   -6.249  -15.964 1.00 41.58  ? 133 LYS A C   1 
ATOM   917  O  O   . LYS A 1 145 ? 7.153   -7.337  -16.492 1.00 39.20  ? 133 LYS A O   1 
ATOM   918  C  CB  . LYS A 1 145 ? 9.193   -5.685  -17.289 1.00 37.08  ? 133 LYS A CB  1 
ATOM   919  C  CG  . LYS A 1 145 ? 9.961   -4.589  -18.045 1.00 44.23  ? 133 LYS A CG  1 
ATOM   920  C  CD  . LYS A 1 145 ? 11.195  -5.182  -18.713 1.00 51.22  ? 133 LYS A CD  1 
ATOM   921  C  CE  . LYS A 1 145 ? 12.070  -4.152  -19.427 1.00 59.19  ? 133 LYS A CE  1 
ATOM   922  N  NZ  . LYS A 1 145 ? 13.128  -4.868  -20.224 1.00 60.19  ? 133 LYS A NZ  1 
ATOM   923  N  N   . ARG A 1 146 ? 6.387   -5.950  -14.924 1.00 43.88  ? 134 ARG A N   1 
ATOM   924  C  CA  A ARG A 1 146 ? 5.482   -6.893  -14.264 0.50 46.48  ? 134 ARG A CA  1 
ATOM   925  C  CA  B ARG A 1 146 ? 5.447   -6.899  -14.332 0.50 47.48  ? 134 ARG A CA  1 
ATOM   926  C  C   . ARG A 1 146 ? 4.268   -6.107  -13.806 1.00 47.24  ? 134 ARG A C   1 
ATOM   927  O  O   . ARG A 1 146 ? 4.403   -4.974  -13.373 1.00 49.49  ? 134 ARG A O   1 
ATOM   928  C  CB  A ARG A 1 146 ? 6.107   -7.455  -12.982 0.50 48.70  ? 134 ARG A CB  1 
ATOM   929  C  CB  B ARG A 1 146 ? 6.067   -7.676  -13.164 0.50 48.22  ? 134 ARG A CB  1 
ATOM   930  C  CG  A ARG A 1 146 ? 6.965   -8.664  -13.082 0.50 48.17  ? 134 ARG A CG  1 
ATOM   931  C  CG  B ARG A 1 146 ? 6.542   -9.068  -13.447 0.50 51.08  ? 134 ARG A CG  1 
ATOM   932  C  CD  A ARG A 1 146 ? 8.227   -8.420  -13.840 0.50 53.46  ? 134 ARG A CD  1 
ATOM   933  C  CD  B ARG A 1 146 ? 6.739   -9.846  -12.113 0.50 53.06  ? 134 ARG A CD  1 
ATOM   934  N  NE  A ARG A 1 146 ? 9.345   -9.202  -13.325 0.50 49.95  ? 134 ARG A NE  1 
ATOM   935  N  NE  B ARG A 1 146 ? 5.545   -10.571 -11.642 0.50 56.88  ? 134 ARG A NE  1 
ATOM   936  C  CZ  A ARG A 1 146 ? 10.351  -9.642  -14.062 0.50 49.55  ? 134 ARG A CZ  1 
ATOM   937  C  CZ  B ARG A 1 146 ? 5.364   -11.038 -10.402 0.50 53.97  ? 134 ARG A CZ  1 
ATOM   938  N  NH1 A ARG A 1 146 ? 10.368  -9.430  -15.371 0.50 44.39  ? 134 ARG A NH1 1 
ATOM   939  N  NH1 B ARG A 1 146 ? 4.246   -11.685 -10.105 0.50 55.65  ? 134 ARG A NH1 1 
ATOM   940  N  NH2 A ARG A 1 146 ? 11.330  -10.328 -13.488 0.50 51.43  ? 134 ARG A NH2 1 
ATOM   941  N  NH2 B ARG A 1 146 ? 6.275   -10.856 -9.449  0.50 45.22  ? 134 ARG A NH2 1 
ATOM   942  N  N   . GLY A 1 147 ? 3.105   -6.721  -13.811 1.00 49.27  ? 135 GLY A N   1 
ATOM   943  C  CA  . GLY A 1 147 ? 1.911   -6.045  -13.341 1.00 51.24  ? 135 GLY A CA  1 
ATOM   944  C  C   . GLY A 1 147 ? 1.615   -6.191  -11.873 1.00 55.42  ? 135 GLY A C   1 
ATOM   945  O  O   . GLY A 1 147 ? 0.476   -5.980  -11.462 1.00 59.45  ? 135 GLY A O   1 
ATOM   946  N  N   . ILE A 1 148 ? 2.630   -6.533  -11.079 1.00 57.10  ? 136 ILE A N   1 
ATOM   947  C  CA  . ILE A 1 148 ? 2.501   -6.592  -9.608  1.00 55.84  ? 136 ILE A CA  1 
ATOM   948  C  C   . ILE A 1 148 ? 2.546   -5.159  -9.042  1.00 50.87  ? 136 ILE A C   1 
ATOM   949  O  O   . ILE A 1 148 ? 3.566   -4.480  -9.155  1.00 52.84  ? 136 ILE A O   1 
ATOM   950  C  CB  . ILE A 1 148 ? 3.574   -7.593  -9.015  1.00 58.18  ? 136 ILE A CB  1 
ATOM   951  C  CG1 . ILE A 1 148 ? 3.379   -7.819  -7.516  1.00 55.66  ? 136 ILE A CG1 1 
ATOM   952  C  CG2 . ILE A 1 148 ? 4.982   -7.145  -9.314  1.00 53.84  ? 136 ILE A CG2 1 
ATOM   953  C  CD1 . ILE A 1 148 ? 3.985   -9.156  -7.059  1.00 59.54  ? 136 ILE A CD1 1 
ATOM   954  N  N   . PRO A 1 149 ? 1.435   -4.684  -8.435  1.00 48.10  ? 137 PRO A N   1 
ATOM   955  C  CA  . PRO A 1 149 ? 1.287   -3.255  -8.101  1.00 50.00  ? 137 PRO A CA  1 
ATOM   956  C  C   . PRO A 1 149 ? 1.791   -2.780  -6.761  1.00 49.42  ? 137 PRO A C   1 
ATOM   957  O  O   . PRO A 1 149 ? 1.613   -1.620  -6.424  1.00 54.87  ? 137 PRO A O   1 
ATOM   958  C  CB  . PRO A 1 149 ? -0.226  -3.088  -8.045  1.00 49.73  ? 137 PRO A CB  1 
ATOM   959  C  CG  . PRO A 1 149 ? -0.711  -4.390  -7.503  1.00 49.89  ? 137 PRO A CG  1 
ATOM   960  C  CD  . PRO A 1 149 ? 0.237   -5.442  -8.022  1.00 47.18  ? 137 PRO A CD  1 
ATOM   961  N  N   . ASN A 1 150 ? 2.439   -3.662  -6.021  1.00 48.77  ? 138 ASN A N   1 
ATOM   962  C  CA  . ASN A 1 150 ? 2.749   -3.420  -4.646  1.00 45.32  ? 138 ASN A CA  1 
ATOM   963  C  C   . ASN A 1 150 ? 3.754   -2.307  -4.412  1.00 47.28  ? 138 ASN A C   1 
ATOM   964  O  O   . ASN A 1 150 ? 3.536   -1.536  -3.504  1.00 43.58  ? 138 ASN A O   1 
ATOM   965  C  CB  . ASN A 1 150 ? 3.073   -4.733  -3.912  1.00 50.39  ? 138 ASN A CB  1 
ATOM   966  C  CG  . ASN A 1 150 ? 4.309   -5.458  -4.451  1.00 57.39  ? 138 ASN A CG  1 
ATOM   967  O  OD1 . ASN A 1 150 ? 4.756   -5.225  -5.580  1.00 63.89  ? 138 ASN A OD1 1 
ATOM   968  N  ND2 . ASN A 1 150 ? 4.870   -6.347  -3.622  1.00 58.94  ? 138 ASN A ND2 1 
ATOM   969  N  N   . THR A 1 151 ? 4.791   -2.166  -5.249  1.00 42.95  ? 139 THR A N   1 
ATOM   970  C  CA  . THR A 1 151 ? 5.807   -1.131  -5.011  1.00 44.17  ? 139 THR A CA  1 
ATOM   971  C  C   . THR A 1 151 ? 5.295   0.272   -5.304  1.00 44.90  ? 139 THR A C   1 
ATOM   972  O  O   . THR A 1 151 ? 5.502   1.193   -4.498  1.00 49.13  ? 139 THR A O   1 
ATOM   973  C  CB  . THR A 1 151 ? 7.124   -1.410  -5.721  1.00 43.62  ? 139 THR A CB  1 
ATOM   974  O  OG1 . THR A 1 151 ? 7.640   -2.662  -5.262  1.00 50.72  ? 139 THR A OG1 1 
ATOM   975  C  CG2 . THR A 1 151 ? 8.190   -0.314  -5.401  1.00 45.50  ? 139 THR A CG2 1 
ATOM   976  N  N   . PRO A 1 152 ? 4.627   0.470   -6.442  1.00 44.55  ? 140 PRO A N   1 
ATOM   977  C  CA  . PRO A 1 152 ? 4.010   1.787   -6.588  1.00 42.43  ? 140 PRO A CA  1 
ATOM   978  C  C   . PRO A 1 152 ? 2.960   2.087   -5.522  1.00 42.24  ? 140 PRO A C   1 
ATOM   979  O  O   . PRO A 1 152 ? 2.795   3.244   -5.122  1.00 44.00  ? 140 PRO A O   1 
ATOM   980  C  CB  . PRO A 1 152 ? 3.378   1.721   -7.982  1.00 47.47  ? 140 PRO A CB  1 
ATOM   981  C  CG  . PRO A 1 152 ? 4.177   0.678   -8.719  1.00 42.11  ? 140 PRO A CG  1 
ATOM   982  C  CD  . PRO A 1 152 ? 4.432   -0.364  -7.645  1.00 43.47  ? 140 PRO A CD  1 
HETATM 983  N  N   . MSE A 1 153 ? 2.235   1.082   -5.046  1.00 44.97  ? 141 MSE A N   1 
HETATM 984  C  CA  . MSE A 1 153 ? 1.255   1.332   -3.976  1.00 44.95  ? 141 MSE A CA  1 
HETATM 985  C  C   . MSE A 1 153 ? 1.979   1.772   -2.695  1.00 48.69  ? 141 MSE A C   1 
HETATM 986  O  O   . MSE A 1 153 ? 1.524   2.667   -1.961  1.00 47.21  ? 141 MSE A O   1 
HETATM 987  C  CB  . MSE A 1 153 ? 0.370   0.128   -3.736  1.00 47.14  ? 141 MSE A CB  1 
HETATM 988  C  CG  . MSE A 1 153 ? -0.597  -0.142  -4.867  1.00 45.98  ? 141 MSE A CG  1 
HETATM 989  SE SE  . MSE A 1 153 ? -1.881  1.249   -5.179  0.75 45.43  ? 141 MSE A SE  1 
HETATM 990  C  CE  . MSE A 1 153 ? -3.199  0.767   -3.757  1.00 51.34  ? 141 MSE A CE  1 
ATOM   991  N  N   . LEU A 1 154 ? 3.125   1.167   -2.427  1.00 48.00  ? 142 LEU A N   1 
ATOM   992  C  CA  . LEU A 1 154 ? 3.928   1.649   -1.307  1.00 46.18  ? 142 LEU A CA  1 
ATOM   993  C  C   . LEU A 1 154 ? 4.312   3.089   -1.466  1.00 45.10  ? 142 LEU A C   1 
ATOM   994  O  O   . LEU A 1 154 ? 4.256   3.857   -0.520  1.00 42.71  ? 142 LEU A O   1 
ATOM   995  C  CB  . LEU A 1 154 ? 5.215   0.847   -1.193  1.00 49.98  ? 142 LEU A CB  1 
ATOM   996  C  CG  . LEU A 1 154 ? 5.290   -0.129  -0.061  1.00 55.36  ? 142 LEU A CG  1 
ATOM   997  C  CD1 . LEU A 1 154 ? 6.617   -0.795  -0.197  1.00 60.46  ? 142 LEU A CD1 1 
ATOM   998  C  CD2 . LEU A 1 154 ? 5.181   0.678   1.216   1.00 50.53  ? 142 LEU A CD2 1 
ATOM   999  N  N   . GLY A 1 155 ? 4.802   3.455   -2.636  1.00 42.74  ? 143 GLY A N   1 
ATOM   1000 C  CA  . GLY A 1 155 ? 5.190   4.842   -2.876  1.00 40.14  ? 143 GLY A CA  1 
ATOM   1001 C  C   . GLY A 1 155 ? 4.022   5.792   -2.730  1.00 40.70  ? 143 GLY A C   1 
ATOM   1002 O  O   . GLY A 1 155 ? 4.112   6.842   -2.086  1.00 40.34  ? 143 GLY A O   1 
ATOM   1003 N  N   . ALA A 1 156 ? 2.909   5.443   -3.335  1.00 41.92  ? 144 ALA A N   1 
ATOM   1004 C  CA  . ALA A 1 156 ? 1.639   6.167   -3.113  1.00 41.86  ? 144 ALA A CA  1 
ATOM   1005 C  C   . ALA A 1 156 ? 1.329   6.322   -1.642  1.00 42.98  ? 144 ALA A C   1 
ATOM   1006 O  O   . ALA A 1 156 ? 0.969   7.390   -1.194  1.00 43.22  ? 144 ALA A O   1 
ATOM   1007 C  CB  . ALA A 1 156 ? 0.501   5.485   -3.791  1.00 42.60  ? 144 ALA A CB  1 
ATOM   1008 N  N   . LEU A 1 157 ? 1.479   5.244   -0.886  1.00 45.12  ? 145 LEU A N   1 
ATOM   1009 C  CA  . LEU A 1 157 ? 1.207   5.261   0.559   1.00 46.55  ? 145 LEU A CA  1 
ATOM   1010 C  C   . LEU A 1 157 ? 2.051   6.254   1.321   1.00 48.20  ? 145 LEU A C   1 
ATOM   1011 O  O   . LEU A 1 157 ? 1.562   6.970   2.213   1.00 50.52  ? 145 LEU A O   1 
ATOM   1012 C  CB  . LEU A 1 157 ? 1.489   3.879   1.132   1.00 47.13  ? 145 LEU A CB  1 
ATOM   1013 C  CG  . LEU A 1 157 ? 1.067   3.598   2.578   1.00 47.52  ? 145 LEU A CG  1 
ATOM   1014 C  CD1 . LEU A 1 157 ? -0.428  3.888   2.851   1.00 39.89  ? 145 LEU A CD1 1 
ATOM   1015 C  CD2 . LEU A 1 157 ? 1.442   2.179   2.825   1.00 43.81  ? 145 LEU A CD2 1 
ATOM   1016 N  N   . VAL A 1 158 ? 3.344   6.221   1.022   1.00 48.11  ? 146 VAL A N   1 
ATOM   1017 C  CA  . VAL A 1 158 ? 4.293   7.091   1.654   1.00 50.97  ? 146 VAL A CA  1 
ATOM   1018 C  C   . VAL A 1 158 ? 3.936   8.519   1.317   1.00 50.90  ? 146 VAL A C   1 
ATOM   1019 O  O   . VAL A 1 158 ? 3.930   9.381   2.181   1.00 52.12  ? 146 VAL A O   1 
ATOM   1020 C  CB  . VAL A 1 158 ? 5.704   6.749   1.205   1.00 51.44  ? 146 VAL A CB  1 
ATOM   1021 C  CG1 . VAL A 1 158 ? 6.669   7.938   1.472   1.00 55.89  ? 146 VAL A CG1 1 
ATOM   1022 C  CG2 . VAL A 1 158 ? 6.126   5.454   1.886   1.00 47.66  ? 146 VAL A CG2 1 
ATOM   1023 N  N   . ARG A 1 159 ? 3.608   8.758   0.056   1.00 51.45  ? 147 ARG A N   1 
ATOM   1024 C  CA  . ARG A 1 159 ? 3.176   10.069  -0.375  1.00 50.68  ? 147 ARG A CA  1 
ATOM   1025 C  C   . ARG A 1 159 ? 1.931   10.563  0.375   1.00 52.81  ? 147 ARG A C   1 
ATOM   1026 O  O   . ARG A 1 159 ? 1.975   11.650  0.966   1.00 53.45  ? 147 ARG A O   1 
ATOM   1027 C  CB  . ARG A 1 159 ? 2.983   10.084  -1.875  1.00 50.29  ? 147 ARG A CB  1 
ATOM   1028 C  CG  . ARG A 1 159 ? 2.443   11.368  -2.475  1.00 56.57  ? 147 ARG A CG  1 
ATOM   1029 C  CD  . ARG A 1 159 ? 3.490   12.470  -2.546  1.00 60.72  ? 147 ARG A CD  1 
ATOM   1030 N  NE  . ARG A 1 159 ? 2.873   13.691  -3.038  1.00 58.92  ? 147 ARG A NE  1 
ATOM   1031 C  CZ  . ARG A 1 159 ? 2.716   14.026  -4.317  1.00 68.36  ? 147 ARG A CZ  1 
ATOM   1032 N  NH1 . ARG A 1 159 ? 3.152   13.254  -5.306  1.00 71.14  ? 147 ARG A NH1 1 
ATOM   1033 N  NH2 . ARG A 1 159 ? 2.113   15.164  -4.614  1.00 70.53  ? 147 ARG A NH2 1 
ATOM   1034 N  N   . VAL A 1 160 ? 0.849   9.792   0.434   1.00 50.33  ? 148 VAL A N   1 
ATOM   1035 C  CA  . VAL A 1 160 ? -0.396  10.314  1.078   1.00 48.57  ? 148 VAL A CA  1 
ATOM   1036 C  C   . VAL A 1 160 ? -0.461  10.283  2.586   1.00 50.84  ? 148 VAL A C   1 
ATOM   1037 O  O   . VAL A 1 160 ? -1.326  10.928  3.160   1.00 56.57  ? 148 VAL A O   1 
ATOM   1038 C  CB  . VAL A 1 160 ? -1.665  9.614   0.566   1.00 49.63  ? 148 VAL A CB  1 
ATOM   1039 C  CG1 . VAL A 1 160 ? -1.657  9.613   -0.939  1.00 50.38  ? 148 VAL A CG1 1 
ATOM   1040 C  CG2 . VAL A 1 160 ? -1.787  8.155   1.158   1.00 39.24  ? 148 VAL A CG2 1 
ATOM   1041 N  N   . THR A 1 161 ? 0.423   9.540   3.240   1.00 52.20  ? 149 THR A N   1 
ATOM   1042 C  CA  . THR A 1 161 ? 0.447   9.487   4.704   1.00 53.33  ? 149 THR A CA  1 
ATOM   1043 C  C   . THR A 1 161 ? 1.694   10.095  5.330   1.00 51.26  ? 149 THR A C   1 
ATOM   1044 O  O   . THR A 1 161 ? 1.703   10.391  6.505   1.00 52.82  ? 149 THR A O   1 
ATOM   1045 C  CB  . THR A 1 161 ? 0.456   8.021   5.213   1.00 54.01  ? 149 THR A CB  1 
ATOM   1046 O  OG1 . THR A 1 161 ? 1.643   7.363   4.739   1.00 57.70  ? 149 THR A OG1 1 
ATOM   1047 C  CG2 . THR A 1 161 ? -0.776  7.255   4.775   1.00 52.54  ? 149 THR A CG2 1 
ATOM   1048 N  N   . GLY A 1 162 ? 2.780   10.187  4.582   1.00 51.51  ? 150 GLY A N   1 
ATOM   1049 C  CA  . GLY A 1 162 ? 4.061   10.610  5.172   1.00 52.29  ? 150 GLY A CA  1 
ATOM   1050 C  C   . GLY A 1 162 ? 4.566   9.690   6.273   1.00 51.30  ? 150 GLY A C   1 
ATOM   1051 O  O   . GLY A 1 162 ? 5.402   10.095  7.058   1.00 48.73  ? 150 GLY A O   1 
ATOM   1052 N  N   . ILE A 1 163 ? 4.125   8.428   6.308   1.00 50.49  ? 151 ILE A N   1 
ATOM   1053 C  CA  . ILE A 1 163 ? 4.414   7.556   7.483   1.00 48.84  ? 151 ILE A CA  1 
ATOM   1054 C  C   . ILE A 1 163 ? 5.892   7.273   7.676   1.00 51.18  ? 151 ILE A C   1 
ATOM   1055 O  O   . ILE A 1 163 ? 6.347   7.054   8.798   1.00 49.61  ? 151 ILE A O   1 
ATOM   1056 C  CB  . ILE A 1 163 ? 3.580   6.271   7.440   1.00 50.85  ? 151 ILE A CB  1 
ATOM   1057 C  CG1 . ILE A 1 163 ? 3.714   5.447   8.709   1.00 52.63  ? 151 ILE A CG1 1 
ATOM   1058 C  CG2 . ILE A 1 163 ? 3.953   5.426   6.186   1.00 48.70  ? 151 ILE A CG2 1 
ATOM   1059 C  CD1 . ILE A 1 163 ? 3.436   6.158   10.026  1.00 44.49  ? 151 ILE A CD1 1 
ATOM   1060 N  N   . VAL A 1 164 ? 6.652   7.302   6.584   1.00 50.85  ? 152 VAL A N   1 
ATOM   1061 C  CA  . VAL A 1 164 ? 8.116   7.195   6.626   1.00 50.62  ? 152 VAL A CA  1 
ATOM   1062 C  C   . VAL A 1 164 ? 8.655   8.004   5.453   1.00 50.66  ? 152 VAL A C   1 
ATOM   1063 O  O   . VAL A 1 164 ? 7.896   8.342   4.566   1.00 51.28  ? 152 VAL A O   1 
ATOM   1064 C  CB  . VAL A 1 164 ? 8.618   5.736   6.480   1.00 53.41  ? 152 VAL A CB  1 
ATOM   1065 C  CG1 . VAL A 1 164 ? 8.096   4.868   7.627   1.00 49.09  ? 152 VAL A CG1 1 
ATOM   1066 C  CG2 . VAL A 1 164 ? 8.260   5.127   5.076   1.00 45.56  ? 152 VAL A CG2 1 
ATOM   1067 N  N   . PRO A 1 165 ? 9.946   8.362   5.468   1.00 51.39  ? 153 PRO A N   1 
ATOM   1068 C  CA  . PRO A 1 165 ? 10.515  8.974   4.260   1.00 52.70  ? 153 PRO A CA  1 
ATOM   1069 C  C   . PRO A 1 165 ? 10.643  7.971   3.126   1.00 50.17  ? 153 PRO A C   1 
ATOM   1070 O  O   . PRO A 1 165 ? 10.858  6.790   3.373   1.00 50.19  ? 153 PRO A O   1 
ATOM   1071 C  CB  . PRO A 1 165 ? 11.909  9.434   4.707   1.00 52.05  ? 153 PRO A CB  1 
ATOM   1072 C  CG  . PRO A 1 165 ? 12.237  8.615   5.896   1.00 57.49  ? 153 PRO A CG  1 
ATOM   1073 C  CD  . PRO A 1 165 ? 10.923  8.304   6.573   1.00 53.07  ? 153 PRO A CD  1 
ATOM   1074 N  N   . LEU A 1 166 ? 10.577  8.458   1.896   1.00 50.69  ? 154 LEU A N   1 
ATOM   1075 C  CA  . LEU A 1 166 ? 10.682  7.575   0.729   1.00 49.86  ? 154 LEU A CA  1 
ATOM   1076 C  C   . LEU A 1 166 ? 12.084  6.904   0.660   1.00 50.34  ? 154 LEU A C   1 
ATOM   1077 O  O   . LEU A 1 166 ? 12.232  5.718   0.338   1.00 51.04  ? 154 LEU A O   1 
ATOM   1078 C  CB  . LEU A 1 166 ? 10.329  8.357   -0.550  1.00 49.57  ? 154 LEU A CB  1 
ATOM   1079 C  CG  . LEU A 1 166 ? 9.899   7.540   -1.783  1.00 46.69  ? 154 LEU A CG  1 
ATOM   1080 C  CD1 . LEU A 1 166 ? 8.619   6.777   -1.574  1.00 46.20  ? 154 LEU A CD1 1 
ATOM   1081 C  CD2 . LEU A 1 166 ? 9.712   8.467   -2.921  1.00 55.22  ? 154 LEU A CD2 1 
ATOM   1082 N  N   . GLU A 1 167 ? 13.105  7.650   1.043   1.00 51.59  ? 155 GLU A N   1 
ATOM   1083 C  CA  . GLU A 1 167 ? 14.485  7.148   1.070   1.00 51.64  ? 155 GLU A CA  1 
ATOM   1084 C  C   . GLU A 1 167 ? 14.583  5.851   1.916   1.00 49.41  ? 155 GLU A C   1 
ATOM   1085 O  O   . GLU A 1 167 ? 15.346  4.942   1.587   1.00 51.65  ? 155 GLU A O   1 
ATOM   1086 C  CB  . GLU A 1 167 ? 15.433  8.240   1.629   1.00 53.99  ? 155 GLU A CB  1 
ATOM   1087 C  CG  . GLU A 1 167 ? 14.940  9.680   1.391   1.00 55.87  ? 155 GLU A CG  1 
ATOM   1088 N  N   . ALA A 1 168 ? 13.820  5.763   2.999   1.00 45.14  ? 156 ALA A N   1 
ATOM   1089 C  CA  . ALA A 1 168 ? 13.837  4.560   3.852   1.00 47.11  ? 156 ALA A CA  1 
ATOM   1090 C  C   . ALA A 1 168 ? 13.385  3.288   3.102   1.00 45.84  ? 156 ALA A C   1 
ATOM   1091 O  O   . ALA A 1 168 ? 13.883  2.198   3.355   1.00 47.12  ? 156 ALA A O   1 
ATOM   1092 C  CB  . ALA A 1 168 ? 12.972  4.771   5.080   1.00 46.57  ? 156 ALA A CB  1 
ATOM   1093 N  N   . ILE A 1 169 ? 12.431  3.442   2.203   1.00 43.82  ? 157 ILE A N   1 
ATOM   1094 C  CA  . ILE A 1 169 ? 11.931  2.314   1.426   1.00 44.51  ? 157 ILE A CA  1 
ATOM   1095 C  C   . ILE A 1 169 ? 12.884  2.021   0.313   1.00 45.53  ? 157 ILE A C   1 
ATOM   1096 O  O   . ILE A 1 169 ? 13.121  0.878   0.001   1.00 46.63  ? 157 ILE A O   1 
ATOM   1097 C  CB  . ILE A 1 169 ? 10.495  2.533   0.939   1.00 44.59  ? 157 ILE A CB  1 
ATOM   1098 C  CG1 . ILE A 1 169 ? 9.590   2.559   2.168   1.00 42.51  ? 157 ILE A CG1 1 
ATOM   1099 C  CG2 . ILE A 1 169 ? 10.031  1.376   -0.042  1.00 37.18  ? 157 ILE A CG2 1 
ATOM   1100 C  CD1 . ILE A 1 169 ? 8.226   2.929   1.865   1.00 54.30  ? 157 ILE A CD1 1 
ATOM   1101 N  N   . GLU A 1 170 ? 13.496  3.059   -0.235  1.00 48.86  ? 158 GLU A N   1 
ATOM   1102 C  CA  . GLU A 1 170 ? 14.505  2.864   -1.225  1.00 51.24  ? 158 GLU A CA  1 
ATOM   1103 C  C   . GLU A 1 170 ? 15.685  2.109   -0.645  1.00 51.65  ? 158 GLU A C   1 
ATOM   1104 O  O   . GLU A 1 170 ? 16.177  1.175   -1.274  1.00 51.84  ? 158 GLU A O   1 
ATOM   1105 C  CB  . GLU A 1 170 ? 14.927  4.200   -1.801  1.00 51.95  ? 158 GLU A CB  1 
ATOM   1106 C  CG  . GLU A 1 170 ? 13.816  4.855   -2.623  1.00 60.38  ? 158 GLU A CG  1 
ATOM   1107 C  CD  . GLU A 1 170 ? 14.215  6.214   -3.198  1.00 59.62  ? 158 GLU A CD  1 
ATOM   1108 O  OE1 . GLU A 1 170 ? 15.411  6.587   -3.085  1.00 77.65  ? 158 GLU A OE1 1 
ATOM   1109 O  OE2 . GLU A 1 170 ? 13.327  6.899   -3.766  1.00 69.59  ? 158 GLU A OE2 1 
ATOM   1110 N  N   . LYS A 1 171 ? 16.136  2.491   0.549   1.00 53.37  ? 159 LYS A N   1 
ATOM   1111 C  CA  . LYS A 1 171 ? 17.249  1.781   1.227   1.00 54.46  ? 159 LYS A CA  1 
ATOM   1112 C  C   . LYS A 1 171 ? 16.892  0.294   1.351   1.00 54.47  ? 159 LYS A C   1 
ATOM   1113 O  O   . LYS A 1 171 ? 17.704  -0.590  1.068   1.00 52.88  ? 159 LYS A O   1 
ATOM   1114 C  CB  . LYS A 1 171 ? 17.595  2.397   2.610   1.00 55.09  ? 159 LYS A CB  1 
ATOM   1115 C  CG  . LYS A 1 171 ? 18.523  3.655   2.557   1.00 53.47  ? 159 LYS A CG  1 
ATOM   1116 N  N   . ARG A 1 172 ? 15.651  0.037   1.740   1.00 52.85  ? 160 ARG A N   1 
ATOM   1117 C  CA  . ARG A 1 172 ? 15.118  -1.316  1.791   1.00 54.06  ? 160 ARG A CA  1 
ATOM   1118 C  C   . ARG A 1 172 ? 15.058  -2.016  0.436   1.00 55.26  ? 160 ARG A C   1 
ATOM   1119 O  O   . ARG A 1 172 ? 15.362  -3.207  0.341   1.00 58.45  ? 160 ARG A O   1 
ATOM   1120 C  CB  . ARG A 1 172 ? 13.743  -1.316  2.495   1.00 53.44  ? 160 ARG A CB  1 
ATOM   1121 C  CG  . ARG A 1 172 ? 13.892  -1.714  3.944   1.00 61.57  ? 160 ARG A CG  1 
ATOM   1122 C  CD  . ARG A 1 172 ? 13.963  -3.229  3.964   1.00 72.29  ? 160 ARG A CD  1 
ATOM   1123 N  NE  . ARG A 1 172 ? 14.995  -3.787  4.823   1.00 71.82  ? 160 ARG A NE  1 
ATOM   1124 C  CZ  . ARG A 1 172 ? 15.285  -5.090  4.851   1.00 82.26  ? 160 ARG A CZ  1 
ATOM   1125 N  NH1 . ARG A 1 172 ? 14.623  -5.971  4.079   1.00 86.70  ? 160 ARG A NH1 1 
ATOM   1126 N  NH2 . ARG A 1 172 ? 16.241  -5.529  5.650   1.00 88.83  ? 160 ARG A NH2 1 
ATOM   1127 N  N   . ILE A 1 173 ? 14.681  -1.300  -0.618  1.00 56.94  ? 161 ILE A N   1 
ATOM   1128 C  CA  . ILE A 1 173 ? 14.731  -1.885  -1.965  1.00 56.39  ? 161 ILE A CA  1 
ATOM   1129 C  C   . ILE A 1 173 ? 16.172  -2.290  -2.285  1.00 56.51  ? 161 ILE A C   1 
ATOM   1130 O  O   . ILE A 1 173 ? 16.396  -3.387  -2.777  1.00 54.10  ? 161 ILE A O   1 
ATOM   1131 C  CB  . ILE A 1 173 ? 14.134  -0.941  -3.032  1.00 56.97  ? 161 ILE A CB  1 
ATOM   1132 C  CG1 . ILE A 1 173 ? 12.612  -0.841  -2.843  1.00 56.40  ? 161 ILE A CG1 1 
ATOM   1133 C  CG2 . ILE A 1 173 ? 14.434  -1.441  -4.441  1.00 53.17  ? 161 ILE A CG2 1 
ATOM   1134 C  CD1 . ILE A 1 173 ? 11.954  0.200   -3.757  1.00 54.47  ? 161 ILE A CD1 1 
ATOM   1135 N  N   . GLU A 1 174 ? 17.135  -1.431  -1.953  1.00 59.65  ? 162 GLU A N   1 
ATOM   1136 C  CA  . GLU A 1 174 ? 18.568  -1.734  -2.134  1.00 63.37  ? 162 GLU A CA  1 
ATOM   1137 C  C   . GLU A 1 174 ? 18.958  -3.046  -1.440  1.00 64.40  ? 162 GLU A C   1 
ATOM   1138 O  O   . GLU A 1 174 ? 19.561  -3.913  -2.051  1.00 63.54  ? 162 GLU A O   1 
ATOM   1139 C  CB  . GLU A 1 174 ? 19.444  -0.586  -1.608  1.00 63.04  ? 162 GLU A CB  1 
ATOM   1140 C  CG  . GLU A 1 174 ? 19.395  0.728   -2.438  1.00 70.12  ? 162 GLU A CG  1 
ATOM   1141 C  CD  . GLU A 1 174 ? 19.926  1.997   -1.676  1.00 70.40  ? 162 GLU A CD  1 
ATOM   1142 O  OE1 . GLU A 1 174 ? 20.559  1.865   -0.591  1.00 79.80  ? 162 GLU A OE1 1 
ATOM   1143 O  OE2 . GLU A 1 174 ? 19.698  3.140   -2.169  1.00 69.80  ? 162 GLU A OE2 1 
ATOM   1144 N  N   . LYS A 1 175 ? 18.558  -3.213  -0.180  1.00 69.26  ? 163 LYS A N   1 
ATOM   1145 C  CA  . LYS A 1 175 ? 18.909  -4.419  0.594   1.00 71.49  ? 163 LYS A CA  1 
ATOM   1146 C  C   . LYS A 1 175 ? 18.228  -5.729  0.149   1.00 76.25  ? 163 LYS A C   1 
ATOM   1147 O  O   . LYS A 1 175 ? 18.800  -6.790  0.329   1.00 76.87  ? 163 LYS A O   1 
ATOM   1148 C  CB  . LYS A 1 175 ? 18.683  -4.204  2.110   1.00 70.71  ? 163 LYS A CB  1 
ATOM   1149 C  CG  . LYS A 1 175 ? 19.735  -3.324  2.823   1.00 65.59  ? 163 LYS A CG  1 
HETATM 1150 N  N   . MSE A 1 176 ? 17.032  -5.685  -0.426  1.00 81.11  ? 164 MSE A N   1 
HETATM 1151 C  CA  A MSE A 1 176 ? 16.361  -6.920  -0.840  0.50 83.32  ? 164 MSE A CA  1 
HETATM 1152 C  CA  B MSE A 1 176 ? 16.336  -6.911  -0.861  0.50 84.55  ? 164 MSE A CA  1 
HETATM 1153 C  C   . MSE A 1 176 ? 16.939  -7.511  -2.137  1.00 83.27  ? 164 MSE A C   1 
HETATM 1154 O  O   . MSE A 1 176 ? 16.652  -8.662  -2.486  1.00 81.31  ? 164 MSE A O   1 
HETATM 1155 C  CB  A MSE A 1 176 ? 14.859  -6.673  -0.985  0.50 83.34  ? 164 MSE A CB  1 
HETATM 1156 C  CB  B MSE A 1 176 ? 14.825  -6.656  -1.065  0.50 84.54  ? 164 MSE A CB  1 
HETATM 1157 C  CG  A MSE A 1 176 ? 14.193  -6.235  0.312   0.50 83.55  ? 164 MSE A CG  1 
HETATM 1158 C  CG  B MSE A 1 176 ? 14.087  -7.775  -1.841  0.50 86.85  ? 164 MSE A CG  1 
HETATM 1159 SE SE  A MSE A 1 176 ? 12.390  -5.592  0.010   0.38 89.46  ? 164 MSE A SE  1 
HETATM 1160 SE SE  B MSE A 1 176 ? 12.129  -7.767  -1.776  0.37 94.46  ? 164 MSE A SE  1 
HETATM 1161 C  CE  A MSE A 1 176 ? 11.342  -7.335  0.227   0.50 88.06  ? 164 MSE A CE  1 
HETATM 1162 C  CE  B MSE A 1 176 ? 11.807  -8.881  -0.124  0.50 85.68  ? 164 MSE A CE  1 
ATOM   1163 N  N   . PHE A 1 177 ? 17.765  -6.737  -2.845  1.00 83.91  ? 165 PHE A N   1 
ATOM   1164 C  CA  . PHE A 1 177 ? 18.344  -7.195  -4.121  1.00 83.72  ? 165 PHE A CA  1 
ATOM   1165 C  C   . PHE A 1 177 ? 19.862  -7.418  -4.052  1.00 84.21  ? 165 PHE A C   1 
ATOM   1166 O  O   . PHE A 1 177 ? 20.616  -6.567  -3.584  1.00 86.40  ? 165 PHE A O   1 
ATOM   1167 C  CB  . PHE A 1 177 ? 17.962  -6.215  -5.261  1.00 82.03  ? 165 PHE A CB  1 
ATOM   1168 C  CG  . PHE A 1 177 ? 16.469  -6.214  -5.619  1.00 81.10  ? 165 PHE A CG  1 
ATOM   1169 C  CD1 . PHE A 1 177 ? 15.936  -7.153  -6.491  1.00 78.11  ? 165 PHE A CD1 1 
ATOM   1170 C  CD2 . PHE A 1 177 ? 15.602  -5.262  -5.084  1.00 79.45  ? 165 PHE A CD2 1 
ATOM   1171 C  CE1 . PHE A 1 177 ? 14.575  -7.147  -6.799  1.00 72.59  ? 165 PHE A CE1 1 
ATOM   1172 C  CE2 . PHE A 1 177 ? 14.242  -5.253  -5.397  1.00 70.85  ? 165 PHE A CE2 1 
ATOM   1173 C  CZ  . PHE A 1 177 ? 13.735  -6.194  -6.245  1.00 67.03  ? 165 PHE A CZ  1 
ATOM   1174 N  N   . PHE A 1 181 ? 21.526  -9.248  -7.212  1.00 87.61  ? 169 PHE A N   1 
ATOM   1175 C  CA  . PHE A 1 181 ? 20.884  -8.646  -8.377  1.00 87.73  ? 169 PHE A CA  1 
ATOM   1176 C  C   . PHE A 1 181 ? 21.664  -7.467  -8.908  1.00 85.89  ? 169 PHE A C   1 
ATOM   1177 O  O   . PHE A 1 181 ? 22.324  -6.776  -8.139  1.00 85.15  ? 169 PHE A O   1 
ATOM   1178 C  CB  . PHE A 1 181 ? 19.519  -8.104  -8.008  1.00 89.66  ? 169 PHE A CB  1 
ATOM   1179 C  CG  . PHE A 1 181 ? 18.428  -9.116  -8.029  1.00 93.31  ? 169 PHE A CG  1 
ATOM   1180 C  CD1 . PHE A 1 181 ? 17.762  -9.401  -9.211  1.00 94.62  ? 169 PHE A CD1 1 
ATOM   1181 C  CD2 . PHE A 1 181 ? 18.027  -9.752  -6.854  1.00 99.20  ? 169 PHE A CD2 1 
ATOM   1182 C  CE1 . PHE A 1 181 ? 16.727  -10.326 -9.237  1.00 98.63  ? 169 PHE A CE1 1 
ATOM   1183 C  CE2 . PHE A 1 181 ? 16.985  -10.675 -6.864  1.00 99.42  ? 169 PHE A CE2 1 
ATOM   1184 C  CZ  . PHE A 1 181 ? 16.334  -10.966 -8.058  1.00 98.28  ? 169 PHE A CZ  1 
ATOM   1185 N  N   . PRO A 1 182 ? 21.552  -7.206  -10.222 1.00 84.36  ? 170 PRO A N   1 
ATOM   1186 C  CA  . PRO A 1 182 ? 22.212  -6.043  -10.805 1.00 82.93  ? 170 PRO A CA  1 
ATOM   1187 C  C   . PRO A 1 182 ? 21.452  -4.754  -10.485 1.00 80.14  ? 170 PRO A C   1 
ATOM   1188 O  O   . PRO A 1 182 ? 20.250  -4.787  -10.210 1.00 78.42  ? 170 PRO A O   1 
ATOM   1189 C  CB  . PRO A 1 182 ? 22.220  -6.342  -12.313 1.00 83.19  ? 170 PRO A CB  1 
ATOM   1190 C  CG  . PRO A 1 182 ? 21.074  -7.245  -12.534 1.00 83.89  ? 170 PRO A CG  1 
ATOM   1191 C  CD  . PRO A 1 182 ? 20.805  -7.979  -11.231 1.00 84.36  ? 170 PRO A CD  1 
ATOM   1192 N  N   . GLN A 1 183 ? 22.173  -3.638  -10.535 1.00 77.71  ? 171 GLN A N   1 
ATOM   1193 C  CA  . GLN A 1 183 ? 21.650  -2.339  -10.136 1.00 75.72  ? 171 GLN A CA  1 
ATOM   1194 C  C   . GLN A 1 183 ? 20.467  -1.967  -11.002 1.00 72.35  ? 171 GLN A C   1 
ATOM   1195 O  O   . GLN A 1 183 ? 19.511  -1.371  -10.526 1.00 70.86  ? 171 GLN A O   1 
ATOM   1196 C  CB  . GLN A 1 183 ? 22.749  -1.267  -10.219 1.00 76.35  ? 171 GLN A CB  1 
ATOM   1197 C  CG  . GLN A 1 183 ? 22.549  -0.073  -9.285  1.00 77.97  ? 171 GLN A CG  1 
ATOM   1198 C  CD  . GLN A 1 183 ? 22.454  -0.483  -7.831  1.00 85.50  ? 171 GLN A CD  1 
ATOM   1199 O  OE1 . GLN A 1 183 ? 21.708  0.111   -7.051  1.00 92.52  ? 171 GLN A OE1 1 
ATOM   1200 N  NE2 . GLN A 1 183 ? 23.189  -1.524  -7.462  1.00 91.51  ? 171 GLN A NE2 1 
ATOM   1201 N  N   . GLU A 1 184 ? 20.547  -2.337  -12.271 1.00 70.05  ? 172 GLU A N   1 
ATOM   1202 C  CA  . GLU A 1 184 ? 19.476  -2.117  -13.227 1.00 69.16  ? 172 GLU A CA  1 
ATOM   1203 C  C   . GLU A 1 184 ? 18.116  -2.478  -12.634 1.00 64.42  ? 172 GLU A C   1 
ATOM   1204 O  O   . GLU A 1 184 ? 17.194  -1.667  -12.643 1.00 60.39  ? 172 GLU A O   1 
ATOM   1205 C  CB  . GLU A 1 184 ? 19.739  -2.975  -14.460 1.00 69.17  ? 172 GLU A CB  1 
ATOM   1206 C  CG  . GLU A 1 184 ? 18.647  -2.961  -15.500 1.00 73.39  ? 172 GLU A CG  1 
ATOM   1207 C  CD  . GLU A 1 184 ? 18.806  -4.096  -16.519 1.00 76.67  ? 172 GLU A CD  1 
ATOM   1208 O  OE1 . GLU A 1 184 ? 19.893  -4.739  -16.579 1.00 85.28  ? 172 GLU A OE1 1 
ATOM   1209 O  OE2 . GLU A 1 184 ? 17.828  -4.344  -17.263 1.00 90.28  ? 172 GLU A OE2 1 
ATOM   1210 N  N   . VAL A 1 185 ? 18.004  -3.697  -12.117 1.00 60.86  ? 173 VAL A N   1 
ATOM   1211 C  CA  . VAL A 1 185 ? 16.748  -4.159  -11.544 1.00 59.24  ? 173 VAL A CA  1 
ATOM   1212 C  C   . VAL A 1 185 ? 16.390  -3.401  -10.255 1.00 58.82  ? 173 VAL A C   1 
ATOM   1213 O  O   . VAL A 1 185 ? 15.218  -3.103  -10.006 1.00 58.47  ? 173 VAL A O   1 
ATOM   1214 C  CB  . VAL A 1 185 ? 16.762  -5.670  -11.299 1.00 58.71  ? 173 VAL A CB  1 
ATOM   1215 C  CG1 . VAL A 1 185 ? 15.450  -6.126  -10.678 1.00 53.11  ? 173 VAL A CG1 1 
ATOM   1216 C  CG2 . VAL A 1 185 ? 16.985  -6.380  -12.611 1.00 56.94  ? 173 VAL A CG2 1 
ATOM   1217 N  N   . ILE A 1 186 ? 17.399  -3.079  -9.456  1.00 57.77  ? 174 ILE A N   1 
ATOM   1218 C  CA  . ILE A 1 186 ? 17.202  -2.268  -8.268  1.00 57.65  ? 174 ILE A CA  1 
ATOM   1219 C  C   . ILE A 1 186 ? 16.644  -0.910  -8.649  1.00 56.91  ? 174 ILE A C   1 
ATOM   1220 O  O   . ILE A 1 186 ? 15.650  -0.461  -8.084  1.00 57.85  ? 174 ILE A O   1 
ATOM   1221 C  CB  . ILE A 1 186 ? 18.512  -2.061  -7.466  1.00 58.25  ? 174 ILE A CB  1 
ATOM   1222 C  CG1 . ILE A 1 186 ? 18.982  -3.398  -6.893  1.00 61.30  ? 174 ILE A CG1 1 
ATOM   1223 C  CG2 . ILE A 1 186 ? 18.305  -1.062  -6.311  1.00 53.82  ? 174 ILE A CG2 1 
ATOM   1224 C  CD1 . ILE A 1 186 ? 20.185  -3.292  -5.950  1.00 60.45  ? 174 ILE A CD1 1 
ATOM   1225 N  N   . ASP A 1 187 ? 17.266  -0.267  -9.624  1.00 57.23  ? 175 ASP A N   1 
ATOM   1226 C  CA  . ASP A 1 187 ? 16.851  1.079   -10.016 1.00 56.91  ? 175 ASP A CA  1 
ATOM   1227 C  C   . ASP A 1 187 ? 15.436  1.079   -10.568 1.00 53.85  ? 175 ASP A C   1 
ATOM   1228 O  O   . ASP A 1 187 ? 14.666  2.007   -10.313 1.00 56.39  ? 175 ASP A O   1 
ATOM   1229 C  CB  . ASP A 1 187 ? 17.835  1.679   -11.023 1.00 57.42  ? 175 ASP A CB  1 
ATOM   1230 C  CG  . ASP A 1 187 ? 19.254  1.815   -10.452 1.00 59.74  ? 175 ASP A CG  1 
ATOM   1231 O  OD1 . ASP A 1 187 ? 19.417  2.190   -9.264  1.00 53.48  ? 175 ASP A OD1 1 
ATOM   1232 O  OD2 . ASP A 1 187 ? 20.206  1.557   -11.215 1.00 65.93  ? 175 ASP A OD2 1 
ATOM   1233 N  N   . ALA A 1 188 ? 15.098  0.029   -11.300 1.00 50.93  ? 176 ALA A N   1 
ATOM   1234 C  CA  . ALA A 1 188 ? 13.773  -0.092  -11.886 1.00 49.36  ? 176 ALA A CA  1 
ATOM   1235 C  C   . ALA A 1 188 ? 12.742  -0.129  -10.777 1.00 47.34  ? 176 ALA A C   1 
ATOM   1236 O  O   . ALA A 1 188 ? 11.682  0.504   -10.879 1.00 47.14  ? 176 ALA A O   1 
ATOM   1237 C  CB  . ALA A 1 188 ? 13.677  -1.349  -12.752 1.00 47.43  ? 176 ALA A CB  1 
ATOM   1238 N  N   . ASN A 1 189 ? 13.050  -0.868  -9.714  1.00 46.09  ? 177 ASN A N   1 
ATOM   1239 C  CA  . ASN A 1 189 ? 12.114  -0.966  -8.601  1.00 46.00  ? 177 ASN A CA  1 
ATOM   1240 C  C   . ASN A 1 189 ? 11.991  0.366   -7.854  1.00 46.70  ? 177 ASN A C   1 
ATOM   1241 O  O   . ASN A 1 189 ? 10.913  0.715   -7.323  1.00 47.52  ? 177 ASN A O   1 
ATOM   1242 C  CB  . ASN A 1 189 ? 12.502  -2.098  -7.653  1.00 44.32  ? 177 ASN A CB  1 
ATOM   1243 C  CG  . ASN A 1 189 ? 12.134  -3.464  -8.198  1.00 47.86  ? 177 ASN A CG  1 
ATOM   1244 O  OD1 . ASN A 1 189 ? 11.125  -4.047  -7.797  1.00 43.65  ? 177 ASN A OD1 1 
ATOM   1245 N  ND2 . ASN A 1 189 ? 12.938  -3.976  -9.138  1.00 41.46  ? 177 ASN A ND2 1 
ATOM   1246 N  N   . LYS A 1 190 ? 13.079  1.126   -7.810  1.00 47.47  ? 178 LYS A N   1 
ATOM   1247 C  CA  . LYS A 1 190 ? 13.054  2.413   -7.100  1.00 49.67  ? 178 LYS A CA  1 
ATOM   1248 C  C   . LYS A 1 190 ? 12.259  3.397   -7.913  1.00 50.20  ? 178 LYS A C   1 
ATOM   1249 O  O   . LYS A 1 190 ? 11.564  4.231   -7.348  1.00 50.67  ? 178 LYS A O   1 
ATOM   1250 C  CB  . LYS A 1 190 ? 14.468  2.965   -6.799  1.00 52.10  ? 178 LYS A CB  1 
ATOM   1251 C  CG  . LYS A 1 190 ? 15.409  1.916   -6.148  1.00 56.70  ? 178 LYS A CG  1 
ATOM   1252 C  CD  . LYS A 1 190 ? 16.313  2.433   -5.042  1.00 57.74  ? 178 LYS A CD  1 
ATOM   1253 C  CE  . LYS A 1 190 ? 17.618  3.005   -5.522  1.00 61.84  ? 178 LYS A CE  1 
ATOM   1254 N  NZ  . LYS A 1 190 ? 18.480  3.265   -4.324  1.00 62.09  ? 178 LYS A NZ  1 
ATOM   1255 N  N   . ARG A 1 191 ? 12.371  3.310   -9.241  1.00 50.02  ? 179 ARG A N   1 
ATOM   1256 C  CA  . ARG A 1 191 ? 11.558  4.149   -10.115 1.00 49.99  ? 179 ARG A CA  1 
ATOM   1257 C  C   . ARG A 1 191 ? 10.090  3.820   -9.943  1.00 48.19  ? 179 ARG A C   1 
ATOM   1258 O  O   . ARG A 1 191 ? 9.258   4.696   -9.964  1.00 48.74  ? 179 ARG A O   1 
ATOM   1259 C  CB  . ARG A 1 191 ? 11.919  3.954   -11.566 1.00 50.82  ? 179 ARG A CB  1 
ATOM   1260 C  CG  . ARG A 1 191 ? 13.197  4.614   -11.975 1.00 57.95  ? 179 ARG A CG  1 
ATOM   1261 C  CD  . ARG A 1 191 ? 13.303  4.640   -13.500 1.00 62.74  ? 179 ARG A CD  1 
ATOM   1262 N  NE  . ARG A 1 191 ? 13.710  3.354   -14.074 1.00 67.75  ? 179 ARG A NE  1 
ATOM   1263 C  CZ  . ARG A 1 191 ? 14.973  2.944   -14.149 1.00 68.14  ? 179 ARG A CZ  1 
ATOM   1264 N  NH1 . ARG A 1 191 ? 15.956  3.701   -13.674 1.00 70.20  ? 179 ARG A NH1 1 
ATOM   1265 N  NH2 . ARG A 1 191 ? 15.259  1.766   -14.690 1.00 67.74  ? 179 ARG A NH2 1 
ATOM   1266 N  N   . ALA A 1 192 ? 9.771   2.547   -9.805  1.00 50.67  ? 180 ALA A N   1 
ATOM   1267 C  CA  . ALA A 1 192 ? 8.381   2.137   -9.609  1.00 51.28  ? 180 ALA A CA  1 
ATOM   1268 C  C   . ALA A 1 192 ? 7.857   2.759   -8.308  1.00 51.90  ? 180 ALA A C   1 
ATOM   1269 O  O   . ALA A 1 192 ? 6.743   3.276   -8.261  1.00 53.26  ? 180 ALA A O   1 
ATOM   1270 C  CB  . ALA A 1 192 ? 8.266   0.606   -9.616  1.00 48.02  ? 180 ALA A CB  1 
ATOM   1271 N  N   . LEU A 1 193 ? 8.686   2.773   -7.262  1.00 52.79  ? 181 LEU A N   1 
ATOM   1272 C  CA  . LEU A 1 193 ? 8.269   3.363   -5.991  1.00 50.04  ? 181 LEU A CA  1 
ATOM   1273 C  C   . LEU A 1 193 ? 8.056   4.874   -6.164  1.00 50.18  ? 181 LEU A C   1 
ATOM   1274 O  O   . LEU A 1 193 ? 7.003   5.379   -5.839  1.00 46.95  ? 181 LEU A O   1 
ATOM   1275 C  CB  . LEU A 1 193 ? 9.261   3.044   -4.875  1.00 48.15  ? 181 LEU A CB  1 
ATOM   1276 C  CG  . LEU A 1 193 ? 8.964   3.686   -3.510  1.00 48.79  ? 181 LEU A CG  1 
ATOM   1277 C  CD1 . LEU A 1 193 ? 7.911   2.904   -2.660  1.00 47.45  ? 181 LEU A CD1 1 
ATOM   1278 C  CD2 . LEU A 1 193 ? 10.257  3.815   -2.778  1.00 42.59  ? 181 LEU A CD2 1 
ATOM   1279 N  N   . ARG A 1 194 ? 9.047   5.557   -6.739  1.00 52.64  ? 182 ARG A N   1 
ATOM   1280 C  CA  . ARG A 1 194 ? 8.980   6.983   -6.983  1.00 54.54  ? 182 ARG A CA  1 
ATOM   1281 C  C   . ARG A 1 194 ? 7.777   7.393   -7.824  1.00 51.67  ? 182 ARG A C   1 
ATOM   1282 O  O   . ARG A 1 194 ? 7.110   8.359   -7.477  1.00 49.32  ? 182 ARG A O   1 
ATOM   1283 C  CB  . ARG A 1 194 ? 10.248  7.465   -7.673  1.00 55.51  ? 182 ARG A CB  1 
ATOM   1284 C  CG  . ARG A 1 194 ? 11.519  7.382   -6.820  1.00 61.76  ? 182 ARG A CG  1 
ATOM   1285 C  CD  . ARG A 1 194 ? 12.651  8.190   -7.465  1.00 63.41  ? 182 ARG A CD  1 
ATOM   1286 N  NE  . ARG A 1 194 ? 13.984  7.595   -7.280  1.00 76.21  ? 182 ARG A NE  1 
ATOM   1287 C  CZ  . ARG A 1 194 ? 14.727  7.020   -8.239  1.00 83.55  ? 182 ARG A CZ  1 
ATOM   1288 N  NH1 . ARG A 1 194 ? 14.307  6.938   -9.507  1.00 89.08  ? 182 ARG A NH1 1 
ATOM   1289 N  NH2 . ARG A 1 194 ? 15.928  6.528   -7.929  1.00 84.19  ? 182 ARG A NH2 1 
ATOM   1290 N  N   . ARG A 1 195 ? 7.520   6.691   -8.936  1.00 46.28  ? 183 ARG A N   1 
ATOM   1291 C  CA  . ARG A 1 195 ? 6.389   7.022   -9.766  1.00 47.65  ? 183 ARG A CA  1 
ATOM   1292 C  C   . ARG A 1 195 ? 5.033   6.819   -9.073  1.00 47.13  ? 183 ARG A C   1 
ATOM   1293 O  O   . ARG A 1 195 ? 4.079   7.539   -9.389  1.00 46.47  ? 183 ARG A O   1 
ATOM   1294 C  CB  . ARG A 1 195 ? 6.443   6.301   -11.138 1.00 49.30  ? 183 ARG A CB  1 
ATOM   1295 C  CG  . ARG A 1 195 ? 7.331   7.039   -12.197 1.00 56.21  ? 183 ARG A CG  1 
ATOM   1296 C  CD  . ARG A 1 195 ? 7.095   6.479   -13.609 1.00 56.98  ? 183 ARG A CD  1 
ATOM   1297 N  NE  . ARG A 1 195 ? 5.700   6.652   -14.077 1.00 69.80  ? 183 ARG A NE  1 
ATOM   1298 C  CZ  . ARG A 1 195 ? 5.130   5.941   -15.058 1.00 64.24  ? 183 ARG A CZ  1 
ATOM   1299 N  NH1 . ARG A 1 195 ? 5.825   4.986   -15.654 1.00 68.46  ? 183 ARG A NH1 1 
ATOM   1300 N  NH2 . ARG A 1 195 ? 3.850   6.146   -15.415 1.00 58.43  ? 183 ARG A NH2 1 
ATOM   1301 N  N   . GLY A 1 196 ? 4.891   5.846   -8.164  1.00 47.27  ? 184 GLY A N   1 
ATOM   1302 C  CA  . GLY A 1 196 ? 3.636   5.756   -7.384  1.00 43.96  ? 184 GLY A CA  1 
ATOM   1303 C  C   . GLY A 1 196 ? 3.573   6.956   -6.411  1.00 47.41  ? 184 GLY A C   1 
ATOM   1304 O  O   . GLY A 1 196 ? 2.508   7.517   -6.139  1.00 47.21  ? 184 GLY A O   1 
ATOM   1305 N  N   . TYR A 1 197 ? 4.715   7.336   -5.876  1.00 45.25  ? 185 TYR A N   1 
ATOM   1306 C  CA  . TYR A 1 197 ? 4.800   8.494   -4.957  1.00 49.39  ? 185 TYR A CA  1 
ATOM   1307 C  C   . TYR A 1 197 ? 4.335   9.744   -5.677  1.00 51.32  ? 185 TYR A C   1 
ATOM   1308 O  O   . TYR A 1 197 ? 3.409   10.399  -5.221  1.00 52.82  ? 185 TYR A O   1 
ATOM   1309 C  CB  . TYR A 1 197 ? 6.222   8.680   -4.461  1.00 50.77  ? 185 TYR A CB  1 
ATOM   1310 C  CG  . TYR A 1 197 ? 6.445   9.864   -3.542  1.00 46.70  ? 185 TYR A CG  1 
ATOM   1311 C  CD1 . TYR A 1 197 ? 6.722   11.108  -4.062  1.00 52.22  ? 185 TYR A CD1 1 
ATOM   1312 C  CD2 . TYR A 1 197 ? 6.421   9.720   -2.166  1.00 55.74  ? 185 TYR A CD2 1 
ATOM   1313 C  CE1 . TYR A 1 197 ? 6.963   12.205  -3.249  1.00 55.25  ? 185 TYR A CE1 1 
ATOM   1314 C  CE2 . TYR A 1 197 ? 6.653   10.809  -1.327  1.00 49.74  ? 185 TYR A CE2 1 
ATOM   1315 C  CZ  . TYR A 1 197 ? 6.920   12.064  -1.882  1.00 57.74  ? 185 TYR A CZ  1 
ATOM   1316 O  OH  . TYR A 1 197 ? 7.162   13.194  -1.084  1.00 53.65  ? 185 TYR A OH  1 
ATOM   1317 N  N   . GLU A 1 198 ? 4.925   10.010  -6.845  1.00 50.86  ? 186 GLU A N   1 
ATOM   1318 C  CA  . GLU A 1 198 ? 4.594   11.177  -7.679  1.00 48.74  ? 186 GLU A CA  1 
ATOM   1319 C  C   . GLU A 1 198 ? 3.192   11.231  -8.248  1.00 49.03  ? 186 GLU A C   1 
ATOM   1320 O  O   . GLU A 1 198 ? 2.572   12.288  -8.257  1.00 46.54  ? 186 GLU A O   1 
ATOM   1321 C  CB  . GLU A 1 198 ? 5.556   11.230  -8.858  1.00 50.99  ? 186 GLU A CB  1 
ATOM   1322 C  CG  . GLU A 1 198 ? 6.952   11.654  -8.458  1.00 60.32  ? 186 GLU A CG  1 
ATOM   1323 C  CD  . GLU A 1 198 ? 8.029   11.245  -9.436  1.00 71.29  ? 186 GLU A CD  1 
ATOM   1324 O  OE1 . GLU A 1 198 ? 7.733   10.777  -10.584 1.00 76.07  ? 186 GLU A OE1 1 
ATOM   1325 O  OE2 . GLU A 1 198 ? 9.200   11.397  -9.018  1.00 80.13  ? 186 GLU A OE2 1 
ATOM   1326 N  N   . GLU A 1 199 ? 2.693   10.092  -8.729  1.00 46.66  ? 187 GLU A N   1 
ATOM   1327 C  CA  . GLU A 1 199 ? 1.468   10.072  -9.502  1.00 45.44  ? 187 GLU A CA  1 
ATOM   1328 C  C   . GLU A 1 199 ? 0.152   9.844   -8.781  1.00 46.43  ? 187 GLU A C   1 
ATOM   1329 O  O   . GLU A 1 199 ? -0.893  10.016  -9.368  1.00 47.16  ? 187 GLU A O   1 
ATOM   1330 C  CB  . GLU A 1 199 ? 1.652   9.099   -10.660 1.00 44.45  ? 187 GLU A CB  1 
ATOM   1331 C  CG  . GLU A 1 199 ? 2.349   9.807   -11.831 1.00 59.19  ? 187 GLU A CG  1 
ATOM   1332 C  CD  . GLU A 1 199 ? 3.395   8.978   -12.539 1.00 74.48  ? 187 GLU A CD  1 
ATOM   1333 O  OE1 . GLU A 1 199 ? 3.048   7.882   -13.063 1.00 79.63  ? 187 GLU A OE1 1 
ATOM   1334 O  OE2 . GLU A 1 199 ? 4.563   9.457   -12.592 1.00 81.98  ? 187 GLU A OE2 1 
ATOM   1335 N  N   . VAL A 1 200 ? 0.175   9.480   -7.512  1.00 47.96  ? 188 VAL A N   1 
ATOM   1336 C  CA  . VAL A 1 200 ? -1.078  9.247   -6.805  1.00 49.06  ? 188 VAL A CA  1 
ATOM   1337 C  C   . VAL A 1 200 ? -1.901  10.551  -6.798  1.00 54.07  ? 188 VAL A C   1 
ATOM   1338 O  O   . VAL A 1 200 ? -1.324  11.618  -6.630  1.00 54.64  ? 188 VAL A O   1 
ATOM   1339 C  CB  . VAL A 1 200 ? -0.819  8.777   -5.365  1.00 46.23  ? 188 VAL A CB  1 
ATOM   1340 C  CG1 . VAL A 1 200 ? 0.062   9.807   -4.589  1.00 42.37  ? 188 VAL A CG1 1 
ATOM   1341 C  CG2 . VAL A 1 200 ? -2.151  8.483   -4.642  1.00 39.24  ? 188 VAL A CG2 1 
ATOM   1342 N  N   . LYS A 1 201 ? -3.225  10.477  -6.992  1.00 56.07  ? 189 LYS A N   1 
ATOM   1343 C  CA  . LYS A 1 201 ? -4.075  11.676  -6.943  1.00 56.99  ? 189 LYS A CA  1 
ATOM   1344 C  C   . LYS A 1 201 ? -5.142  11.531  -5.881  1.00 57.02  ? 189 LYS A C   1 
ATOM   1345 O  O   . LYS A 1 201 ? -5.702  10.459  -5.703  1.00 54.54  ? 189 LYS A O   1 
ATOM   1346 C  CB  . LYS A 1 201 ? -4.761  11.955  -8.288  1.00 58.74  ? 189 LYS A CB  1 
ATOM   1347 C  CG  . LYS A 1 201 ? -3.838  12.092  -9.495  1.00 64.54  ? 189 LYS A CG  1 
ATOM   1348 C  CD  . LYS A 1 201 ? -2.891  13.287  -9.408  1.00 68.98  ? 189 LYS A CD  1 
ATOM   1349 C  CE  . LYS A 1 201 ? -1.982  13.348  -10.659 1.00 69.95  ? 189 LYS A CE  1 
ATOM   1350 N  NZ  . LYS A 1 201 ? -0.948  14.428  -10.564 1.00 67.14  ? 189 LYS A NZ  1 
ATOM   1351 N  N   . CYS A 1 202 ? -5.449  12.642  -5.210  1.00 60.17  ? 190 CYS A N   1 
ATOM   1352 C  CA  . CYS A 1 202 ? -6.390  12.643  -4.106  1.00 61.92  ? 190 CYS A CA  1 
ATOM   1353 C  C   . CYS A 1 202 ? -7.667  13.491  -4.244  1.00 63.56  ? 190 CYS A C   1 
ATOM   1354 O  O   . CYS A 1 202 ? -7.679  14.572  -4.822  1.00 62.71  ? 190 CYS A O   1 
ATOM   1355 C  CB  . CYS A 1 202 ? -5.652  13.070  -2.839  1.00 63.72  ? 190 CYS A CB  1 
ATOM   1356 S  SG  . CYS A 1 202 ? -4.548  11.809  -2.281  1.00 65.66  ? 190 CYS A SG  1 
ATOM   1357 N  N   . SER A 1 203 ? -8.709  12.944  -3.626  1.00 65.17  ? 191 SER A N   1 
ATOM   1358 C  CA  . SER A 1 203 ? -10.044 13.486  -3.478  1.00 66.76  ? 191 SER A CA  1 
ATOM   1359 C  C   . SER A 1 203 ? -10.068 14.854  -2.793  1.00 70.45  ? 191 SER A C   1 
ATOM   1360 O  O   . SER A 1 203 ? -10.825 15.753  -3.187  1.00 70.87  ? 191 SER A O   1 
ATOM   1361 C  CB  . SER A 1 203 ? -10.789 12.488  -2.595  1.00 65.95  ? 191 SER A CB  1 
ATOM   1362 O  OG  . SER A 1 203 ? -12.167 12.672  -2.561  1.00 68.81  ? 191 SER A OG  1 
ATOM   1363 N  N   . GLU A 1 204 ? -9.247  14.993  -1.753  1.00 73.74  ? 192 GLU A N   1 
ATOM   1364 C  CA  . GLU A 1 204 ? -9.142  16.231  -0.976  1.00 77.97  ? 192 GLU A CA  1 
ATOM   1365 C  C   . GLU A 1 204 ? -7.662  16.528  -0.739  1.00 80.20  ? 192 GLU A C   1 
ATOM   1366 O  O   . GLU A 1 204 ? -6.817  15.616  -0.824  1.00 80.64  ? 192 GLU A O   1 
ATOM   1367 C  CB  . GLU A 1 204 ? -9.858  16.053  0.365   1.00 77.87  ? 192 GLU A CB  1 
ATOM   1368 C  CG  . GLU A 1 204 ? -11.205 15.332  0.219   1.00 78.97  ? 192 GLU A CG  1 
ATOM   1369 C  CD  . GLU A 1 204 ? -11.805 14.882  1.536   1.00 79.76  ? 192 GLU A CD  1 
ATOM   1370 O  OE1 . GLU A 1 204 ? -11.231 15.191  2.613   1.00 75.88  ? 192 GLU A OE1 1 
ATOM   1371 O  OE2 . GLU A 1 204 ? -12.864 14.208  1.478   1.00 80.41  ? 192 GLU A OE2 1 
HETATM 1372 S  S   . SO4 B 2 .   ? 1.002   -11.924 -1.063  1.00 70.61  ? 193 SO4 A S   1 
HETATM 1373 O  O1  . SO4 B 2 .   ? -0.064  -11.028 -0.659  1.00 81.37  ? 193 SO4 A O1  1 
HETATM 1374 O  O2  . SO4 B 2 .   ? 0.937   -12.001 -2.524  1.00 75.66  ? 193 SO4 A O2  1 
HETATM 1375 O  O3  . SO4 B 2 .   ? 2.326   -11.372 -0.761  1.00 73.45  ? 193 SO4 A O3  1 
HETATM 1376 O  O4  . SO4 B 2 .   ? 0.744   -13.177 -0.369  1.00 58.91  ? 193 SO4 A O4  1 
HETATM 1377 S  S   . SO4 C 2 .   ? -7.348  -1.802  16.020  1.00 92.10  ? 194 SO4 A S   1 
HETATM 1378 O  O1  . SO4 C 2 .   ? -8.371  -1.403  16.977  1.00 104.86 ? 194 SO4 A O1  1 
HETATM 1379 O  O2  . SO4 C 2 .   ? -7.643  -1.096  14.760  1.00 86.45  ? 194 SO4 A O2  1 
HETATM 1380 O  O3  . SO4 C 2 .   ? -6.055  -1.391  16.563  1.00 91.92  ? 194 SO4 A O3  1 
HETATM 1381 O  O4  . SO4 C 2 .   ? -7.420  -3.258  15.838  1.00 87.27  ? 194 SO4 A O4  1 
HETATM 1382 O  O   . HOH D 3 .   ? 5.268   -3.423  -7.607  1.00 45.91  ? 195 HOH A O   1 
HETATM 1383 O  O   . HOH D 3 .   ? 12.938  0.184   15.398  1.00 48.00  ? 196 HOH A O   1 
HETATM 1384 O  O   . HOH D 3 .   ? -6.873  -2.886  -9.424  1.00 51.85  ? 197 HOH A O   1 
HETATM 1385 O  O   . HOH D 3 .   ? -1.723  7.012   15.493  1.00 56.37  ? 198 HOH A O   1 
HETATM 1386 O  O   . HOH D 3 .   ? -14.579 11.188  -9.604  1.00 55.23  ? 199 HOH A O   1 
HETATM 1387 O  O   . HOH D 3 .   ? -9.313  -8.649  1.591   1.00 53.42  ? 200 HOH A O   1 
HETATM 1388 O  O   . HOH D 3 .   ? 6.355   7.399   13.599  1.00 58.47  ? 201 HOH A O   1 
HETATM 1389 O  O   . HOH D 3 .   ? 15.263  1.806   5.561   1.00 58.07  ? 202 HOH A O   1 
HETATM 1390 O  O   . HOH D 3 .   ? 10.077  11.394  1.280   1.00 58.16  ? 203 HOH A O   1 
HETATM 1391 O  O   . HOH D 3 .   ? 12.327  0.620   -15.927 1.00 57.90  ? 204 HOH A O   1 
HETATM 1392 O  O   . HOH D 3 .   ? -8.386  -12.477 5.885   1.00 69.47  ? 205 HOH A O   1 
HETATM 1393 O  O   . HOH D 3 .   ? -12.540 12.770  -10.255 1.00 65.93  ? 206 HOH A O   1 
HETATM 1394 O  O   . HOH D 3 .   ? 10.294  4.564   22.938  1.00 68.84  ? 207 HOH A O   1 
HETATM 1395 O  O   . HOH D 3 .   ? -9.730  5.427   10.756  1.00 69.15  ? 208 HOH A O   1 
HETATM 1396 O  O   . HOH D 3 .   ? -17.036 1.683   10.005  1.00 70.33  ? 209 HOH A O   1 
HETATM 1397 O  O   . HOH D 3 .   ? -6.526  17.497  -3.567  1.00 72.60  ? 210 HOH A O   1 
HETATM 1398 O  O   . HOH D 3 .   ? -1.705  6.999   -11.928 1.00 61.01  ? 211 HOH A O   1 
HETATM 1399 O  O   . HOH D 3 .   ? 8.318   10.939  22.817  1.00 77.74  ? 212 HOH A O   1 
HETATM 1400 O  O   . HOH D 3 .   ? -18.817 2.642   3.800   1.00 73.19  ? 213 HOH A O   1 
HETATM 1401 O  O   . HOH D 3 .   ? 2.971   -8.547  6.103   1.00 65.73  ? 214 HOH A O   1 
HETATM 1402 O  O   . HOH D 3 .   ? -10.462 -10.494 3.361   1.00 73.59  ? 215 HOH A O   1 
HETATM 1403 O  O   . HOH D 3 .   ? -18.103 5.077   4.908   1.00 70.81  ? 216 HOH A O   1 
HETATM 1404 O  O   . HOH D 3 .   ? 9.077   -10.221 -10.137 1.00 74.62  ? 217 HOH A O   1 
HETATM 1405 O  O   . HOH D 3 .   ? 1.769   -10.749 -11.685 1.00 62.98  ? 218 HOH A O   1 
HETATM 1406 O  O   . HOH D 3 .   ? -1.734  -9.594  -1.980  1.00 56.52  ? 219 HOH A O   1 
HETATM 1407 O  O   . HOH D 3 .   ? 4.447   -2.109  10.307  1.00 52.13  ? 220 HOH A O   1 
HETATM 1408 O  O   . HOH D 3 .   ? 18.465  -7.253  6.329   1.00 72.53  ? 221 HOH A O   1 
# 
